data_2VME
#
_entry.id   2VME
#
_cell.length_a   287.885
_cell.length_b   56.281
_cell.length_c   123.674
_cell.angle_alpha   90.00
_cell.angle_beta   109.10
_cell.angle_gamma   90.00
#
_symmetry.space_group_name_H-M   'C 1 2 1'
#
loop_
_entity.id
_entity.type
_entity.pdbx_description
1 polymer DISCOIDIN-2
2 non-polymer 'CALCIUM ION'
3 non-polymer 'ZINC ION'
4 non-polymer 'CHLORIDE ION'
5 non-polymer GLYCEROL
6 non-polymer 'TETRAETHYLENE GLYCOL'
7 water water
#
_entity_poly.entity_id   1
_entity_poly.type   'polypeptide(L)'
_entity_poly.pdbx_seq_one_letter_code
;MSVPAGSVSCLANALLNLRSSTDYNADHGVKNSILNFSNSKDASRFDGSESWSSSVLDKNQFIVAGSDSVKHFVAISTQG
RGD(HIP)DQWVTSYKLRYTLDNVNWVEYNNGEIINANKDRNSIVTINFNPPIKARSIAIHPQTYNNHISLRWELYALPV
KSYSNPSVQVGEVSIGDRSLNSGTGSRTIVRHVKFPVEFLSVPIVSIGCKKVDAHTDNGQMRWEGKSENITTKGFDLTFI
TWGNNAVYDLTFDYVAVEFNN
;
_entity_poly.pdbx_strand_id   A,B,C,D,E,F
#
loop_
_chem_comp.id
_chem_comp.type
_chem_comp.name
_chem_comp.formula
CA non-polymer 'CALCIUM ION' 'Ca 2'
CL non-polymer 'CHLORIDE ION' 'Cl -1'
GOL non-polymer GLYCEROL 'C3 H8 O3'
PG4 non-polymer 'TETRAETHYLENE GLYCOL' 'C8 H18 O5'
ZN non-polymer 'ZINC ION' 'Zn 2'
#
# COMPACT_ATOMS: atom_id res chain seq x y z
C MET A 1 24.29 41.24 -14.68
N SER A 2 24.15 39.95 -14.38
CA SER A 2 25.09 38.94 -14.81
C SER A 2 24.32 38.02 -15.73
N VAL A 3 24.91 37.65 -16.86
CA VAL A 3 24.41 36.53 -17.67
C VAL A 3 24.84 35.21 -17.03
N PRO A 4 23.87 34.36 -16.64
CA PRO A 4 24.24 33.10 -15.98
C PRO A 4 25.06 32.17 -16.87
N ALA A 5 26.10 31.58 -16.28
CA ALA A 5 27.07 30.73 -16.97
C ALA A 5 26.39 29.62 -17.71
N GLY A 6 26.87 29.30 -18.90
CA GLY A 6 26.31 28.20 -19.69
C GLY A 6 24.95 28.43 -20.31
N SER A 7 24.49 29.67 -20.42
CA SER A 7 23.17 29.99 -20.99
C SER A 7 23.21 30.00 -22.52
N VAL A 8 22.03 29.90 -23.14
CA VAL A 8 21.89 29.99 -24.59
C VAL A 8 21.61 31.45 -24.97
N SER A 9 22.43 32.00 -25.89
CA SER A 9 22.14 33.25 -26.55
C SER A 9 21.20 33.06 -27.74
N CYS A 10 19.94 33.45 -27.60
CA CYS A 10 18.89 33.08 -28.56
C CYS A 10 19.00 33.74 -29.92
N LEU A 11 19.15 35.06 -29.95
CA LEU A 11 19.29 35.75 -31.25
C LEU A 11 20.62 35.38 -31.91
N ALA A 12 21.69 35.28 -31.11
CA ALA A 12 22.98 34.80 -31.66
C ALA A 12 22.90 33.45 -32.37
N ASN A 13 22.13 32.48 -31.83
CA ASN A 13 21.99 31.17 -32.46
C ASN A 13 20.83 31.10 -33.45
N ALA A 14 20.22 32.26 -33.71
CA ALA A 14 19.12 32.39 -34.65
C ALA A 14 18.01 31.41 -34.27
N LEU A 15 17.61 31.48 -33.02
CA LEU A 15 16.66 30.52 -32.47
C LEU A 15 15.24 31.06 -32.34
N LEU A 16 15.06 32.37 -32.50
CA LEU A 16 13.77 33.04 -32.31
C LEU A 16 13.43 33.86 -33.54
N ASN A 17 12.15 33.90 -33.93
CA ASN A 17 11.65 34.81 -34.96
C ASN A 17 11.29 36.10 -34.23
N LEU A 18 11.55 37.22 -34.89
CA LEU A 18 11.31 38.54 -34.32
C LEU A 18 10.29 39.28 -35.13
N ARG A 19 9.47 40.08 -34.45
CA ARG A 19 8.48 40.89 -35.10
C ARG A 19 8.32 42.15 -34.30
N SER A 20 8.58 43.27 -34.98
CA SER A 20 8.50 44.58 -34.39
C SER A 20 7.11 45.14 -34.65
N SER A 21 6.65 46.01 -33.75
CA SER A 21 5.44 46.78 -34.00
C SER A 21 5.64 47.63 -35.28
N THR A 22 6.69 48.44 -35.34
CA THR A 22 6.99 49.18 -36.57
C THR A 22 8.49 49.30 -36.83
N ASP A 23 8.84 49.55 -38.08
CA ASP A 23 10.24 49.81 -38.43
C ASP A 23 10.35 51.17 -39.03
N TYR A 24 11.38 51.91 -38.62
CA TYR A 24 11.70 53.19 -39.27
C TYR A 24 11.79 52.97 -40.78
N ASN A 25 12.51 51.94 -41.18
CA ASN A 25 12.38 51.29 -42.49
C ASN A 25 13.13 49.96 -42.44
N ALA A 26 13.12 49.23 -43.54
CA ALA A 26 13.81 47.94 -43.54
C ALA A 26 15.26 48.01 -43.04
N ASP A 27 15.93 49.13 -43.30
CA ASP A 27 17.32 49.32 -42.82
C ASP A 27 17.43 49.65 -41.35
N HIS A 28 16.29 49.70 -40.67
CA HIS A 28 16.27 49.78 -39.23
C HIS A 28 15.53 48.55 -38.63
N GLY A 29 15.49 47.45 -39.37
CA GLY A 29 14.69 46.28 -39.00
C GLY A 29 15.22 45.48 -37.80
N VAL A 30 14.35 44.64 -37.24
CA VAL A 30 14.75 43.74 -36.14
C VAL A 30 15.98 42.88 -36.51
N LYS A 31 16.16 42.59 -37.80
CA LYS A 31 17.39 41.91 -38.26
C LYS A 31 18.66 42.62 -37.74
N ASN A 32 18.57 43.93 -37.50
CA ASN A 32 19.70 44.71 -36.95
C ASN A 32 19.74 44.92 -35.43
N SER A 33 18.92 44.19 -34.67
CA SER A 33 18.81 44.37 -33.22
C SER A 33 19.76 43.57 -32.31
N ILE A 34 20.54 42.61 -32.83
CA ILE A 34 21.30 41.76 -31.88
C ILE A 34 22.31 42.57 -31.05
N LEU A 35 22.34 42.29 -29.73
CA LEU A 35 23.36 42.82 -28.85
C LEU A 35 24.69 42.92 -29.57
N ASN A 36 25.29 44.11 -29.51
CA ASN A 36 26.59 44.42 -30.13
C ASN A 36 26.66 44.48 -31.66
N PHE A 37 25.52 44.39 -32.33
CA PHE A 37 25.53 44.47 -33.78
C PHE A 37 26.33 45.68 -34.17
N SER A 38 27.18 45.53 -35.16
CA SER A 38 27.81 46.69 -35.79
C SER A 38 28.23 46.33 -37.19
N ASN A 39 28.08 47.27 -38.11
CA ASN A 39 28.36 47.00 -39.51
C ASN A 39 29.48 47.94 -40.02
N SER A 40 29.44 48.34 -41.28
CA SER A 40 30.52 49.15 -41.83
C SER A 40 30.61 50.51 -41.13
N LYS A 41 31.85 50.92 -40.83
CA LYS A 41 32.11 52.22 -40.22
C LYS A 41 32.22 53.29 -41.27
N ASP A 42 32.25 52.89 -42.53
CA ASP A 42 32.31 53.85 -43.64
C ASP A 42 31.10 54.79 -43.65
N ALA A 43 31.37 56.06 -43.33
CA ALA A 43 30.34 57.12 -43.16
C ALA A 43 29.67 57.57 -44.47
N SER A 44 30.30 57.23 -45.59
CA SER A 44 29.82 57.62 -46.92
C SER A 44 28.68 56.77 -47.53
N ARG A 45 28.22 55.73 -46.82
CA ARG A 45 27.22 54.78 -47.32
C ARG A 45 26.42 54.11 -46.19
N PHE A 46 25.10 54.06 -46.32
CA PHE A 46 24.29 53.60 -45.22
C PHE A 46 23.87 52.15 -45.39
N ASP A 47 24.43 51.29 -44.55
CA ASP A 47 24.14 49.88 -44.60
C ASP A 47 23.15 49.45 -43.51
N GLY A 48 22.43 50.42 -42.95
CA GLY A 48 21.40 50.20 -41.92
C GLY A 48 21.85 50.57 -40.53
N SER A 49 20.89 50.83 -39.64
CA SER A 49 21.16 51.22 -38.25
C SER A 49 21.74 50.08 -37.42
N GLU A 50 22.56 50.41 -36.41
CA GLU A 50 23.11 49.41 -35.51
C GLU A 50 22.15 49.27 -34.35
N SER A 51 20.91 48.93 -34.70
CA SER A 51 19.78 48.91 -33.79
C SER A 51 18.56 48.47 -34.58
N TRP A 52 17.51 48.07 -33.87
CA TRP A 52 16.17 48.18 -34.40
C TRP A 52 15.70 49.54 -34.00
N SER A 53 14.92 50.15 -34.88
CA SER A 53 14.37 51.46 -34.63
C SER A 53 12.95 51.50 -35.12
N SER A 54 12.05 51.90 -34.22
CA SER A 54 10.63 52.02 -34.55
C SER A 54 10.41 53.11 -35.56
N SER A 55 9.21 53.12 -36.14
CA SER A 55 8.79 54.20 -37.00
C SER A 55 7.96 55.16 -36.19
N VAL A 56 6.95 54.64 -35.49
CA VAL A 56 6.10 55.45 -34.63
C VAL A 56 6.76 55.66 -33.27
N LEU A 57 6.73 56.90 -32.79
CA LEU A 57 7.31 57.18 -31.49
C LEU A 57 6.24 57.37 -30.41
N ASP A 58 5.99 56.31 -29.65
CA ASP A 58 5.01 56.34 -28.56
C ASP A 58 5.36 55.25 -27.55
N LYS A 59 4.38 54.94 -26.70
CA LYS A 59 4.53 53.92 -25.67
C LYS A 59 4.10 52.53 -26.09
N ASN A 60 3.61 52.41 -27.33
CA ASN A 60 3.05 51.17 -27.89
C ASN A 60 3.91 50.31 -28.82
N GLN A 61 5.23 50.54 -28.87
CA GLN A 61 6.08 49.82 -29.78
C GLN A 61 6.70 48.62 -29.06
N PHE A 62 7.15 47.62 -29.83
CA PHE A 62 7.70 46.41 -29.24
C PHE A 62 8.42 45.60 -30.29
N ILE A 63 9.27 44.67 -29.82
CA ILE A 63 9.61 43.48 -30.58
C ILE A 63 9.05 42.22 -29.89
N VAL A 64 8.33 41.40 -30.65
CA VAL A 64 7.96 40.05 -30.20
C VAL A 64 9.01 39.06 -30.68
N ALA A 65 9.42 38.18 -29.78
CA ALA A 65 10.36 37.11 -30.09
C ALA A 65 9.71 35.80 -29.66
N GLY A 66 9.69 34.81 -30.57
CA GLY A 66 9.08 33.50 -30.30
C GLY A 66 9.49 32.36 -31.23
N SER A 67 8.90 31.20 -30.95
CA SER A 67 9.25 29.92 -31.57
C SER A 67 8.34 28.80 -31.00
N ASP A 68 8.16 27.70 -31.75
CA ASP A 68 7.19 26.64 -31.42
C ASP A 68 7.39 26.12 -29.98
N SER A 69 8.62 26.19 -29.49
CA SER A 69 9.07 25.49 -28.29
C SER A 69 9.02 26.32 -27.00
N VAL A 70 9.11 25.65 -25.86
CA VAL A 70 9.02 26.36 -24.57
C VAL A 70 10.42 26.71 -24.11
N LYS A 71 10.67 28.00 -24.00
CA LYS A 71 11.96 28.46 -23.55
C LYS A 71 11.89 28.66 -22.05
N HIS A 72 13.04 28.49 -21.41
CA HIS A 72 13.24 28.83 -20.02
C HIS A 72 14.18 30.03 -20.01
N PHE A 73 13.61 31.22 -20.06
CA PHE A 73 14.39 32.44 -20.14
C PHE A 73 14.99 32.72 -18.82
N VAL A 74 16.32 32.76 -18.76
CA VAL A 74 17.01 33.10 -17.53
C VAL A 74 17.51 34.56 -17.43
N ALA A 75 17.38 35.35 -18.51
CA ALA A 75 17.95 36.71 -18.57
C ALA A 75 17.65 37.45 -19.87
N ILE A 76 17.84 38.78 -19.85
CA ILE A 76 17.76 39.63 -21.02
C ILE A 76 18.77 40.81 -20.94
N SER A 77 19.30 41.22 -22.08
CA SER A 77 20.27 42.28 -22.12
C SER A 77 19.81 43.32 -23.14
N THR A 78 20.01 44.60 -22.82
CA THR A 78 19.66 45.65 -23.78
C THR A 78 20.74 46.69 -23.90
N GLN A 79 20.69 47.42 -24.99
CA GLN A 79 21.75 48.29 -25.37
C GLN A 79 21.12 49.30 -26.29
N GLY A 80 21.77 50.46 -26.41
CA GLY A 80 21.31 51.51 -27.28
C GLY A 80 21.81 51.26 -28.69
N ARG A 81 21.49 52.21 -29.57
CA ARG A 81 21.95 52.22 -30.94
C ARG A 81 23.45 52.44 -30.99
N GLY A 82 24.10 51.77 -31.92
CA GLY A 82 25.55 51.78 -32.05
C GLY A 82 26.09 53.02 -32.76
N ASP A 83 25.32 53.58 -33.70
CA ASP A 83 25.82 54.63 -34.60
C ASP A 83 25.14 56.01 -34.45
N HIP A 84 24.17 56.11 -33.55
CA HIP A 84 23.60 57.40 -33.19
CB HIP A 84 22.33 57.73 -33.99
CG HIP A 84 22.75 58.47 -35.25
CD2 HIP A 84 23.21 57.86 -36.42
NE2 HIP A 84 23.48 58.81 -37.32
CE1 HIP A 84 23.19 60.00 -36.75
ND1 HIP A 84 22.74 59.82 -35.48
P HIP A 84 22.25 61.10 -34.42
O1P HIP A 84 20.82 60.87 -33.88
O2P HIP A 84 23.38 61.17 -33.36
O3P HIP A 84 22.21 62.31 -35.34
C HIP A 84 23.30 57.44 -31.70
O HIP A 84 23.35 56.37 -31.02
N ASP A 85 23.01 58.64 -31.18
CA ASP A 85 22.69 58.79 -29.75
C ASP A 85 21.22 58.47 -29.54
N GLN A 86 20.89 57.19 -29.63
CA GLN A 86 19.52 56.74 -29.40
C GLN A 86 19.54 55.49 -28.53
N TRP A 87 18.73 55.48 -27.47
CA TRP A 87 18.57 54.28 -26.67
C TRP A 87 17.20 54.27 -25.99
N VAL A 88 16.83 53.09 -25.47
CA VAL A 88 15.64 52.89 -24.63
C VAL A 88 16.05 53.04 -23.15
N THR A 89 15.35 53.92 -22.43
CA THR A 89 15.71 54.21 -21.01
C THR A 89 14.98 53.32 -20.00
N SER A 90 13.76 52.91 -20.37
CA SER A 90 12.99 51.93 -19.63
C SER A 90 12.02 51.16 -20.52
N TYR A 91 11.70 49.94 -20.12
CA TYR A 91 10.72 49.15 -20.85
C TYR A 91 9.99 48.20 -19.91
N LYS A 92 8.87 47.67 -20.36
CA LYS A 92 8.20 46.52 -19.70
C LYS A 92 8.41 45.26 -20.55
N LEU A 93 8.19 44.10 -19.95
CA LEU A 93 8.20 42.84 -20.66
C LEU A 93 6.81 42.18 -20.67
N ARG A 94 6.45 41.52 -21.76
CA ARG A 94 5.28 40.64 -21.82
C ARG A 94 5.71 39.26 -22.29
N TYR A 95 5.00 38.23 -21.85
CA TYR A 95 5.27 36.87 -22.29
C TYR A 95 4.03 35.94 -22.36
N THR A 96 4.16 34.86 -23.13
CA THR A 96 3.08 33.90 -23.27
C THR A 96 3.60 32.47 -23.38
N LEU A 97 2.92 31.55 -22.67
CA LEU A 97 3.29 30.13 -22.72
C LEU A 97 2.47 29.42 -23.80
N ASP A 98 1.19 29.76 -23.88
CA ASP A 98 0.27 29.06 -24.79
C ASP A 98 0.03 29.81 -26.11
N ASN A 99 0.58 31.02 -26.23
CA ASN A 99 0.37 31.92 -27.35
C ASN A 99 -1.07 32.39 -27.52
N VAL A 100 -1.85 32.36 -26.43
CA VAL A 100 -3.24 32.82 -26.43
C VAL A 100 -3.40 33.87 -25.31
N ASN A 101 -2.90 33.55 -24.12
CA ASN A 101 -2.95 34.47 -22.96
C ASN A 101 -1.58 35.03 -22.63
N TRP A 102 -1.41 36.34 -22.83
CA TRP A 102 -0.17 37.03 -22.46
C TRP A 102 -0.17 37.49 -21.01
N VAL A 103 0.96 37.35 -20.31
CA VAL A 103 1.07 37.98 -19.00
C VAL A 103 2.10 39.10 -18.97
N GLU A 104 1.76 40.12 -18.16
CA GLU A 104 2.68 41.18 -17.79
C GLU A 104 3.80 40.60 -16.95
N TYR A 105 5.04 40.81 -17.38
CA TYR A 105 6.15 40.35 -16.56
C TYR A 105 6.18 41.10 -15.24
N ASN A 106 5.98 40.31 -14.19
CA ASN A 106 6.20 40.80 -12.85
C ASN A 106 5.24 41.95 -12.53
N ASN A 107 3.98 41.75 -12.92
CA ASN A 107 2.91 42.71 -12.72
C ASN A 107 3.13 44.06 -13.42
N GLY A 108 3.85 44.05 -14.53
CA GLY A 108 3.97 45.27 -15.32
C GLY A 108 5.13 46.14 -14.88
N GLU A 109 6.09 45.54 -14.21
CA GLU A 109 7.26 46.25 -13.74
C GLU A 109 7.99 47.00 -14.87
N ILE A 110 8.16 48.30 -14.69
CA ILE A 110 9.01 49.13 -15.53
C ILE A 110 10.49 48.97 -15.16
N ILE A 111 11.28 48.49 -16.12
CA ILE A 111 12.68 48.15 -15.89
C ILE A 111 13.60 49.25 -16.40
N ASN A 112 14.48 49.76 -15.55
CA ASN A 112 15.42 50.78 -15.96
CA ASN A 112 15.45 50.78 -15.95
C ASN A 112 16.43 50.19 -16.97
N ALA A 113 16.49 50.81 -18.14
CA ALA A 113 17.25 50.30 -19.27
C ALA A 113 18.53 51.09 -19.46
N ASN A 114 18.75 51.64 -20.64
CA ASN A 114 20.08 52.16 -20.95
C ASN A 114 20.18 53.66 -20.73
N LYS A 115 21.38 54.11 -20.41
CA LYS A 115 21.65 55.56 -20.55
C LYS A 115 22.80 55.96 -21.49
N ASP A 116 23.25 55.03 -22.36
CA ASP A 116 24.20 55.34 -23.45
C ASP A 116 24.00 54.44 -24.70
N ARG A 117 24.96 54.46 -25.61
CA ARG A 117 24.86 53.71 -26.86
C ARG A 117 25.16 52.23 -26.67
N ASN A 118 26.15 51.94 -25.84
CA ASN A 118 26.83 50.64 -25.86
C ASN A 118 26.90 49.89 -24.55
N SER A 119 26.66 50.55 -23.43
CA SER A 119 26.74 49.81 -22.19
C SER A 119 25.58 48.81 -22.18
N ILE A 120 25.86 47.63 -21.64
CA ILE A 120 24.91 46.54 -21.62
C ILE A 120 24.21 46.54 -20.28
N VAL A 121 22.88 46.57 -20.31
CA VAL A 121 22.09 46.35 -19.09
C VAL A 121 21.34 44.99 -19.08
N THR A 122 21.75 44.15 -18.15
CA THR A 122 21.23 42.81 -17.99
C THR A 122 20.27 42.72 -16.79
N ILE A 123 19.18 41.98 -16.99
CA ILE A 123 18.16 41.73 -15.97
C ILE A 123 18.02 40.23 -15.81
N ASN A 124 18.06 39.72 -14.59
CA ASN A 124 17.97 38.27 -14.35
C ASN A 124 16.58 37.84 -13.99
N PHE A 125 16.14 36.68 -14.48
CA PHE A 125 14.80 36.21 -14.12
C PHE A 125 14.86 35.10 -13.09
N ASN A 126 14.21 35.35 -11.95
CA ASN A 126 14.16 34.39 -10.83
C ASN A 126 12.75 34.38 -10.31
N PRO A 127 11.99 33.31 -10.60
CA PRO A 127 12.40 32.12 -11.34
C PRO A 127 12.50 32.36 -12.88
N PRO A 128 13.01 31.37 -13.62
CA PRO A 128 13.03 31.53 -15.06
C PRO A 128 11.62 31.74 -15.63
N ILE A 129 11.51 32.55 -16.69
CA ILE A 129 10.27 32.74 -17.46
C ILE A 129 10.05 31.61 -18.46
N LYS A 130 8.96 30.87 -18.27
CA LYS A 130 8.63 29.82 -19.20
C LYS A 130 7.71 30.42 -20.25
N ALA A 131 8.20 30.59 -21.47
CA ALA A 131 7.36 31.17 -22.52
C ALA A 131 7.63 30.62 -23.93
N ARG A 132 6.63 30.61 -24.78
CA ARG A 132 6.92 30.44 -26.21
C ARG A 132 7.29 31.77 -26.81
N SER A 133 6.67 32.85 -26.35
CA SER A 133 6.93 34.15 -26.94
C SER A 133 7.06 35.24 -25.88
N ILE A 134 7.96 36.16 -26.14
CA ILE A 134 8.31 37.21 -25.21
C ILE A 134 8.46 38.52 -26.01
N ALA A 135 7.95 39.60 -25.41
CA ALA A 135 7.92 40.89 -26.08
C ALA A 135 8.53 41.97 -25.20
N ILE A 136 9.41 42.78 -25.79
CA ILE A 136 9.99 43.92 -25.10
C ILE A 136 9.19 45.14 -25.49
N HIS A 137 8.74 45.90 -24.48
CA HIS A 137 7.89 47.06 -24.68
C HIS A 137 8.55 48.35 -24.14
N PRO A 138 9.32 49.03 -25.00
CA PRO A 138 9.89 50.33 -24.64
C PRO A 138 8.87 51.34 -24.07
N GLN A 139 9.22 51.91 -22.92
CA GLN A 139 8.35 52.87 -22.27
C GLN A 139 8.89 54.27 -22.43
N THR A 140 10.23 54.39 -22.35
CA THR A 140 10.94 55.67 -22.44
C THR A 140 12.24 55.51 -23.21
N TYR A 141 12.60 56.58 -23.91
CA TYR A 141 13.75 56.60 -24.80
C TYR A 141 14.45 57.97 -24.79
N ASN A 142 15.68 57.99 -25.29
CA ASN A 142 16.48 59.18 -25.55
C ASN A 142 16.52 59.37 -27.07
N ASN A 143 15.89 60.43 -27.57
CA ASN A 143 15.92 60.77 -29.01
C ASN A 143 15.06 59.90 -29.88
N HIS A 144 15.26 58.58 -29.83
CA HIS A 144 14.44 57.66 -30.63
C HIS A 144 14.29 56.27 -29.96
N ILE A 145 13.19 55.57 -30.28
CA ILE A 145 13.07 54.16 -29.84
C ILE A 145 13.98 53.29 -30.72
N SER A 146 15.15 53.00 -30.20
CA SER A 146 16.19 52.25 -30.90
C SER A 146 16.91 51.38 -29.85
N LEU A 147 17.09 50.09 -30.12
CA LEU A 147 17.79 49.22 -29.18
C LEU A 147 18.47 48.04 -29.87
N ARG A 148 19.38 47.41 -29.13
CA ARG A 148 19.94 46.13 -29.45
C ARG A 148 19.69 45.29 -28.21
N TRP A 149 19.51 43.98 -28.39
CA TRP A 149 19.24 43.09 -27.24
C TRP A 149 19.70 41.64 -27.49
N GLU A 150 19.69 40.85 -26.42
CA GLU A 150 19.87 39.41 -26.49
C GLU A 150 19.01 38.77 -25.39
N LEU A 151 18.41 37.63 -25.66
CA LEU A 151 17.65 36.88 -24.67
C LEU A 151 18.42 35.60 -24.40
N TYR A 152 18.46 35.21 -23.12
CA TYR A 152 19.23 34.07 -22.66
C TYR A 152 18.31 33.03 -22.07
N ALA A 153 18.61 31.77 -22.33
CA ALA A 153 17.68 30.73 -21.96
C ALA A 153 18.45 29.51 -21.58
N LEU A 154 17.80 28.64 -20.81
CA LEU A 154 18.38 27.37 -20.42
C LEU A 154 18.68 26.43 -21.62
N PRO A 155 19.79 25.67 -21.56
CA PRO A 155 20.01 24.65 -22.60
C PRO A 155 18.92 23.58 -22.52
N VAL A 156 18.72 22.87 -23.63
CA VAL A 156 17.75 21.79 -23.70
C VAL A 156 18.25 20.61 -22.85
N LYS A 157 17.40 20.01 -22.02
CA LYS A 157 17.85 18.83 -21.23
C LYS A 157 17.72 17.57 -22.07
N SER A 158 18.65 16.63 -21.91
CA SER A 158 18.67 15.49 -22.82
C SER A 158 17.52 14.47 -22.64
N TYR A 159 16.88 14.45 -21.46
CA TYR A 159 15.74 13.55 -21.27
C TYR A 159 14.42 14.11 -21.85
N SER A 160 14.47 15.26 -22.53
CA SER A 160 13.22 15.78 -23.13
C SER A 160 13.04 15.47 -24.60
N ASN A 161 11.76 15.49 -24.98
CA ASN A 161 11.19 14.87 -26.20
C ASN A 161 11.94 13.67 -26.79
N PRO A 162 12.01 12.56 -26.05
CA PRO A 162 12.61 11.39 -26.66
C PRO A 162 11.75 10.88 -27.82
N SER A 163 12.35 10.07 -28.68
CA SER A 163 11.56 9.29 -29.60
C SER A 163 11.12 7.99 -28.90
N VAL A 164 10.02 7.41 -29.40
CA VAL A 164 9.46 6.20 -28.84
C VAL A 164 9.05 5.26 -29.97
N GLN A 165 9.25 3.95 -29.77
CA GLN A 165 8.53 2.96 -30.56
C GLN A 165 7.95 1.85 -29.66
N VAL A 166 6.82 1.32 -30.03
CA VAL A 166 6.20 0.31 -29.16
C VAL A 166 5.79 -0.92 -29.95
N GLY A 167 5.55 -2.01 -29.22
CA GLY A 167 5.07 -3.24 -29.82
C GLY A 167 4.89 -4.35 -28.80
N GLU A 168 4.60 -5.54 -29.29
CA GLU A 168 4.38 -6.67 -28.43
C GLU A 168 5.10 -7.90 -28.89
N VAL A 169 5.45 -8.75 -27.94
CA VAL A 169 6.17 -9.97 -28.25
C VAL A 169 5.73 -11.09 -27.31
N SER A 170 5.58 -12.29 -27.87
CA SER A 170 5.24 -13.50 -27.12
C SER A 170 6.25 -14.63 -27.31
N ILE A 171 6.13 -15.71 -26.55
CA ILE A 171 6.90 -16.91 -26.85
C ILE A 171 6.26 -17.45 -28.15
N GLY A 172 4.93 -17.46 -28.15
CA GLY A 172 4.12 -17.87 -29.31
C GLY A 172 4.07 -19.36 -29.58
N ASP A 173 4.83 -20.13 -28.82
CA ASP A 173 4.81 -21.57 -29.03
C ASP A 173 5.09 -22.23 -27.69
N ARG A 174 5.36 -23.54 -27.68
CA ARG A 174 5.51 -24.33 -26.45
C ARG A 174 6.95 -24.50 -25.97
N SER A 175 7.89 -23.80 -26.61
CA SER A 175 9.31 -23.81 -26.22
C SER A 175 9.64 -23.92 -24.74
N LEU A 176 8.90 -23.25 -23.87
CA LEU A 176 9.27 -23.35 -22.45
C LEU A 176 8.31 -24.21 -21.65
N ASN A 177 7.49 -24.98 -22.37
CA ASN A 177 6.39 -25.71 -21.74
C ASN A 177 6.73 -27.17 -21.44
N SER A 178 8.03 -27.49 -21.46
CA SER A 178 8.48 -28.83 -21.15
C SER A 178 9.87 -28.65 -20.58
N GLY A 179 10.43 -29.70 -19.97
CA GLY A 179 11.84 -29.70 -19.58
C GLY A 179 12.08 -29.16 -18.18
N THR A 180 13.33 -29.08 -17.76
CA THR A 180 13.69 -28.96 -16.38
C THR A 180 14.85 -28.01 -16.16
N GLY A 181 14.91 -27.38 -14.99
CA GLY A 181 15.98 -26.41 -14.68
C GLY A 181 15.85 -25.11 -15.48
N SER A 182 16.88 -24.27 -15.38
CA SER A 182 16.96 -23.01 -16.10
C SER A 182 16.74 -23.16 -17.64
N ARG A 183 15.67 -22.56 -18.15
CA ARG A 183 15.31 -22.69 -19.57
C ARG A 183 15.01 -21.32 -20.22
N THR A 184 15.60 -21.07 -21.38
CA THR A 184 15.34 -19.79 -22.02
C THR A 184 15.06 -19.96 -23.49
N ILE A 185 14.24 -19.08 -24.05
CA ILE A 185 14.05 -18.92 -25.48
C ILE A 185 14.12 -17.42 -25.83
N VAL A 186 14.81 -17.09 -26.92
CA VAL A 186 15.00 -15.70 -27.32
C VAL A 186 14.03 -15.37 -28.45
N ARG A 187 13.40 -14.20 -28.36
CA ARG A 187 12.64 -13.66 -29.50
C ARG A 187 13.33 -12.42 -30.03
N HIS A 188 13.76 -12.52 -31.29
CA HIS A 188 14.45 -11.43 -32.01
C HIS A 188 13.41 -10.46 -32.51
N VAL A 189 13.33 -9.28 -31.90
CA VAL A 189 12.30 -8.29 -32.23
C VAL A 189 12.90 -7.21 -33.14
N LYS A 190 12.19 -6.85 -34.19
CA LYS A 190 12.64 -5.77 -35.07
C LYS A 190 11.68 -4.58 -34.95
N PHE A 191 12.20 -3.40 -34.58
CA PHE A 191 11.41 -2.16 -34.47
C PHE A 191 10.74 -1.85 -35.82
N PRO A 192 9.49 -1.31 -35.81
CA PRO A 192 8.93 -0.98 -37.15
C PRO A 192 9.83 -0.08 -38.02
N VAL A 193 10.47 0.93 -37.41
CA VAL A 193 11.45 1.80 -38.10
C VAL A 193 12.81 1.76 -37.39
N GLU A 194 13.91 1.77 -38.15
CA GLU A 194 15.24 1.83 -37.53
C GLU A 194 15.46 3.18 -36.86
N PHE A 195 15.97 3.14 -35.65
CA PHE A 195 16.35 4.33 -34.92
C PHE A 195 17.71 4.85 -35.41
N LEU A 196 17.97 6.13 -35.18
CA LEU A 196 19.25 6.71 -35.55
C LEU A 196 20.32 6.41 -34.53
N SER A 197 19.94 6.20 -33.27
CA SER A 197 20.88 5.71 -32.25
C SER A 197 20.19 4.68 -31.36
N VAL A 198 20.93 4.05 -30.44
CA VAL A 198 20.44 2.92 -29.68
C VAL A 198 19.50 3.34 -28.54
N PRO A 199 18.25 2.84 -28.56
CA PRO A 199 17.27 3.19 -27.53
C PRO A 199 17.47 2.40 -26.26
N ILE A 200 16.66 2.69 -25.24
CA ILE A 200 16.45 1.73 -24.15
C ILE A 200 15.11 1.06 -24.43
N VAL A 201 14.86 -0.07 -23.76
CA VAL A 201 13.66 -0.89 -24.03
C VAL A 201 13.13 -1.39 -22.73
N SER A 202 11.99 -0.79 -22.35
CA SER A 202 11.22 -1.18 -21.19
C SER A 202 10.20 -2.17 -21.64
N ILE A 203 9.90 -3.12 -20.76
CA ILE A 203 8.87 -4.13 -21.03
C ILE A 203 7.92 -4.27 -19.82
N GLY A 204 6.74 -4.80 -20.10
CA GLY A 204 5.81 -5.19 -19.07
C GLY A 204 5.01 -6.37 -19.57
N CYS A 205 4.68 -7.24 -18.63
CA CYS A 205 3.99 -8.48 -18.98
C CYS A 205 2.51 -8.19 -19.01
N LYS A 206 1.83 -8.76 -19.99
CA LYS A 206 0.41 -8.56 -20.10
C LYS A 206 -0.31 -9.88 -20.33
N LYS A 207 0.45 -10.98 -20.32
CA LYS A 207 -0.13 -12.33 -20.39
C LYS A 207 0.73 -13.40 -19.70
N VAL A 208 0.13 -14.07 -18.73
CA VAL A 208 0.74 -15.24 -18.10
C VAL A 208 -0.11 -16.48 -18.34
N ASP A 209 0.54 -17.50 -18.86
CA ASP A 209 -0.10 -18.79 -19.04
C ASP A 209 0.98 -19.78 -18.69
N ALA A 210 0.98 -20.24 -17.45
CA ALA A 210 2.10 -21.06 -16.92
C ALA A 210 1.67 -22.00 -15.82
N HIS A 211 2.44 -23.05 -15.60
CA HIS A 211 2.10 -24.02 -14.57
C HIS A 211 3.02 -23.81 -13.35
N THR A 212 2.46 -23.96 -12.17
CA THR A 212 3.33 -23.94 -10.97
C THR A 212 4.13 -25.22 -10.84
N ASP A 213 5.15 -25.16 -10.02
CA ASP A 213 6.03 -26.28 -9.74
C ASP A 213 6.00 -26.45 -8.21
N ASN A 214 5.26 -27.47 -7.72
CA ASN A 214 4.95 -27.61 -6.29
C ASN A 214 4.56 -26.25 -5.66
N GLY A 215 3.69 -25.51 -6.35
CA GLY A 215 3.18 -24.23 -5.86
C GLY A 215 4.02 -22.99 -6.14
N GLN A 216 5.21 -23.14 -6.74
CA GLN A 216 6.08 -21.99 -7.09
C GLN A 216 5.92 -21.58 -8.55
N MET A 217 5.62 -20.30 -8.75
CA MET A 217 5.57 -19.65 -10.06
C MET A 217 6.94 -18.98 -10.36
N ARG A 218 7.49 -19.25 -11.55
CA ARG A 218 8.76 -18.62 -11.93
C ARG A 218 8.73 -18.23 -13.40
N TRP A 219 8.74 -16.93 -13.67
CA TRP A 219 9.05 -16.45 -15.01
C TRP A 219 9.71 -15.11 -15.04
N GLU A 220 10.35 -14.81 -16.15
CA GLU A 220 11.02 -13.55 -16.31
C GLU A 220 11.15 -13.22 -17.80
N GLY A 221 11.22 -11.93 -18.10
CA GLY A 221 11.54 -11.45 -19.43
C GLY A 221 12.58 -10.37 -19.26
N LYS A 222 13.47 -10.25 -20.24
CA LYS A 222 14.54 -9.25 -20.29
C LYS A 222 14.69 -8.76 -21.72
N SER A 223 14.87 -7.46 -21.94
CA SER A 223 15.33 -7.01 -23.24
C SER A 223 16.86 -6.95 -23.22
N GLU A 224 17.49 -7.60 -24.18
CA GLU A 224 18.97 -7.61 -24.32
C GLU A 224 19.37 -7.29 -25.78
N ASN A 225 20.68 -7.10 -25.98
CA ASN A 225 21.27 -6.93 -27.29
CA ASN A 225 21.25 -6.95 -27.33
C ASN A 225 20.48 -5.88 -28.11
N ILE A 226 20.28 -4.74 -27.50
CA ILE A 226 19.48 -3.71 -28.13
C ILE A 226 20.32 -2.99 -29.16
N THR A 227 19.78 -2.77 -30.36
CA THR A 227 20.49 -1.97 -31.39
C THR A 227 19.53 -0.93 -31.99
N THR A 228 19.99 -0.23 -33.02
CA THR A 228 19.17 0.78 -33.67
C THR A 228 18.00 0.12 -34.36
N LYS A 229 18.16 -1.18 -34.65
CA LYS A 229 17.14 -1.95 -35.42
C LYS A 229 16.22 -2.85 -34.62
N GLY A 230 16.66 -3.36 -33.49
CA GLY A 230 15.74 -4.13 -32.68
C GLY A 230 16.37 -4.60 -31.40
N PHE A 231 15.82 -5.67 -30.83
CA PHE A 231 16.39 -6.20 -29.59
C PHE A 231 15.93 -7.63 -29.46
N ASP A 232 16.50 -8.31 -28.48
CA ASP A 232 16.12 -9.68 -28.15
C ASP A 232 15.40 -9.66 -26.83
N LEU A 233 14.23 -10.24 -26.81
CA LEU A 233 13.47 -10.40 -25.59
C LEU A 233 13.67 -11.85 -25.18
N THR A 234 14.33 -12.02 -24.05
CA THR A 234 14.65 -13.34 -23.56
C THR A 234 13.60 -13.73 -22.52
N PHE A 235 12.87 -14.79 -22.84
CA PHE A 235 11.88 -15.38 -21.97
C PHE A 235 12.59 -16.45 -21.16
N ILE A 236 12.37 -16.41 -19.86
CA ILE A 236 13.09 -17.26 -18.94
C ILE A 236 12.11 -17.95 -17.98
N THR A 237 12.35 -19.25 -17.73
CA THR A 237 11.80 -19.92 -16.58
C THR A 237 12.87 -20.82 -15.96
N TRP A 238 12.60 -21.39 -14.80
CA TRP A 238 13.56 -22.27 -14.14
C TRP A 238 12.81 -23.23 -13.20
N GLY A 239 13.52 -23.91 -12.30
CA GLY A 239 12.93 -25.05 -11.64
C GLY A 239 12.30 -25.95 -12.70
N ASN A 240 11.11 -26.44 -12.40
CA ASN A 240 10.39 -27.31 -13.30
C ASN A 240 9.08 -26.66 -13.73
N ASN A 241 9.01 -25.32 -13.63
CA ASN A 241 7.90 -24.59 -14.22
C ASN A 241 7.81 -24.86 -15.70
N ALA A 242 6.60 -25.16 -16.17
CA ALA A 242 6.29 -25.28 -17.57
C ALA A 242 5.49 -24.03 -17.98
N VAL A 243 6.05 -23.23 -18.87
CA VAL A 243 5.44 -21.97 -19.27
C VAL A 243 4.80 -22.13 -20.63
N TYR A 244 3.48 -22.12 -20.69
CA TYR A 244 2.80 -22.30 -21.94
C TYR A 244 3.00 -21.09 -22.92
N ASP A 245 2.81 -19.86 -22.42
CA ASP A 245 3.09 -18.68 -23.24
C ASP A 245 3.21 -17.45 -22.36
N LEU A 246 3.91 -16.45 -22.85
CA LEU A 246 4.01 -15.17 -22.15
C LEU A 246 3.97 -14.03 -23.14
N THR A 247 3.41 -12.90 -22.72
CA THR A 247 3.42 -11.72 -23.55
C THR A 247 3.90 -10.46 -22.88
N PHE A 248 4.76 -9.73 -23.60
CA PHE A 248 5.21 -8.41 -23.16
C PHE A 248 4.82 -7.31 -24.12
N ASP A 249 4.43 -6.17 -23.56
CA ASP A 249 4.43 -4.93 -24.31
C ASP A 249 5.79 -4.34 -24.09
N TYR A 250 6.38 -3.76 -25.16
CA TYR A 250 7.66 -3.07 -25.03
C TYR A 250 7.53 -1.60 -25.42
N VAL A 251 8.45 -0.78 -24.91
CA VAL A 251 8.45 0.64 -25.18
C VAL A 251 9.90 1.02 -25.38
N ALA A 252 10.29 1.29 -26.62
CA ALA A 252 11.66 1.67 -26.89
C ALA A 252 11.75 3.19 -26.91
N VAL A 253 12.66 3.75 -26.12
CA VAL A 253 12.77 5.20 -25.96
C VAL A 253 14.18 5.68 -26.39
N GLU A 254 14.24 6.59 -27.38
CA GLU A 254 15.54 7.06 -27.92
C GLU A 254 15.73 8.52 -27.57
N PHE A 255 16.83 8.82 -26.88
CA PHE A 255 17.07 10.17 -26.36
C PHE A 255 17.97 11.02 -27.22
N ASN A 256 17.68 12.32 -27.24
CA ASN A 256 18.64 13.35 -27.66
C ASN A 256 19.10 13.23 -29.15
N ASN A 257 18.11 13.13 -30.05
CA ASN A 257 18.37 12.87 -31.49
C ASN A 257 17.26 13.47 -32.38
C MET B 1 26.98 16.37 -55.35
N SER B 2 26.30 15.67 -54.47
CA SER B 2 24.98 15.24 -54.81
C SER B 2 24.04 15.42 -53.62
N VAL B 3 22.81 15.88 -53.87
CA VAL B 3 21.84 15.97 -52.78
C VAL B 3 21.12 14.63 -52.69
N PRO B 4 21.20 13.96 -51.54
CA PRO B 4 20.56 12.66 -51.39
C PRO B 4 19.05 12.74 -51.62
N ALA B 5 18.56 11.89 -52.52
CA ALA B 5 17.12 11.79 -52.82
C ALA B 5 16.30 11.93 -51.55
N GLY B 6 15.20 12.67 -51.60
CA GLY B 6 14.34 12.76 -50.42
C GLY B 6 14.82 13.57 -49.21
N SER B 7 15.88 14.35 -49.37
CA SER B 7 16.24 15.33 -48.33
C SER B 7 15.22 16.46 -48.25
N VAL B 8 15.22 17.17 -47.12
CA VAL B 8 14.43 18.38 -46.90
C VAL B 8 15.29 19.59 -47.29
N SER B 9 14.73 20.50 -48.06
CA SER B 9 15.37 21.77 -48.40
C SER B 9 14.97 22.78 -47.37
N CYS B 10 15.88 23.14 -46.48
CA CYS B 10 15.47 23.85 -45.26
C CYS B 10 14.98 25.28 -45.50
N LEU B 11 15.72 26.04 -46.33
CA LEU B 11 15.33 27.41 -46.66
C LEU B 11 14.07 27.42 -47.48
N ALA B 12 13.94 26.48 -48.42
CA ALA B 12 12.73 26.37 -49.23
C ALA B 12 11.46 26.19 -48.40
N ASN B 13 11.54 25.36 -47.35
CA ASN B 13 10.39 25.09 -46.51
C ASN B 13 10.28 26.03 -45.34
N ALA B 14 11.14 27.06 -45.33
CA ALA B 14 11.19 28.06 -44.26
C ALA B 14 11.36 27.40 -42.88
N LEU B 15 12.30 26.46 -42.78
CA LEU B 15 12.57 25.77 -41.52
C LEU B 15 13.67 26.40 -40.62
N LEU B 16 14.40 27.40 -41.12
CA LEU B 16 15.49 28.05 -40.34
C LEU B 16 15.40 29.58 -40.25
N ASN B 17 15.63 30.16 -39.07
CA ASN B 17 15.91 31.61 -38.97
C ASN B 17 17.31 31.85 -39.48
N LEU B 18 17.53 33.00 -40.09
CA LEU B 18 18.85 33.30 -40.63
C LEU B 18 19.29 34.62 -40.13
N ARG B 19 20.56 34.72 -39.80
CA ARG B 19 21.17 35.96 -39.32
C ARG B 19 22.57 36.14 -39.93
N SER B 20 22.72 37.22 -40.68
CA SER B 20 24.02 37.56 -41.23
C SER B 20 24.83 38.35 -40.21
N SER B 21 26.15 38.33 -40.37
CA SER B 21 27.05 39.25 -39.66
C SER B 21 26.77 40.68 -40.13
N THR B 22 26.73 40.91 -41.44
CA THR B 22 26.38 42.23 -41.98
C THR B 22 25.63 42.08 -43.27
N ASP B 23 24.80 43.08 -43.60
CA ASP B 23 24.22 43.25 -44.95
C ASP B 23 24.73 44.57 -45.60
N TYR B 24 24.97 44.54 -46.92
CA TYR B 24 25.28 45.74 -47.68
C TYR B 24 24.16 46.73 -47.43
N ASN B 25 22.92 46.23 -47.49
CA ASN B 25 21.76 46.89 -46.92
C ASN B 25 20.61 45.92 -46.92
N ALA B 26 19.43 46.40 -46.51
CA ALA B 26 18.25 45.55 -46.41
C ALA B 26 17.93 44.80 -47.73
N ASP B 27 18.27 45.42 -48.86
CA ASP B 27 17.99 44.82 -50.19
C ASP B 27 19.03 43.80 -50.55
N HIS B 28 20.01 43.61 -49.66
CA HIS B 28 21.02 42.57 -49.83
C HIS B 28 21.02 41.56 -48.71
N GLY B 29 19.91 41.46 -48.00
CA GLY B 29 19.83 40.65 -46.76
C GLY B 29 19.64 39.16 -46.99
N VAL B 30 19.65 38.41 -45.87
CA VAL B 30 19.52 36.93 -45.92
C VAL B 30 18.24 36.45 -46.56
N LYS B 31 17.23 37.30 -46.51
CA LYS B 31 15.93 36.98 -47.10
C LYS B 31 16.06 36.75 -48.62
N ASN B 32 17.15 37.24 -49.21
CA ASN B 32 17.40 37.06 -50.65
C ASN B 32 18.44 35.95 -50.95
N SER B 33 18.70 35.08 -49.98
CA SER B 33 19.81 34.18 -50.15
C SER B 33 19.49 32.75 -50.60
N ILE B 34 18.23 32.40 -50.85
CA ILE B 34 17.95 31.01 -51.17
C ILE B 34 18.55 30.60 -52.54
N LEU B 35 19.05 29.38 -52.60
CA LEU B 35 19.44 28.78 -53.86
C LEU B 35 18.45 29.15 -55.00
N ASN B 36 19.02 29.62 -56.11
CA ASN B 36 18.24 30.03 -57.31
C ASN B 36 17.36 31.22 -57.13
N PHE B 37 17.53 31.99 -56.07
CA PHE B 37 16.72 33.18 -55.89
C PHE B 37 16.83 34.11 -57.11
N SER B 38 15.71 34.72 -57.47
CA SER B 38 15.60 35.36 -58.74
C SER B 38 14.51 36.37 -58.69
N ASN B 39 14.80 37.63 -59.00
CA ASN B 39 13.69 38.59 -59.00
C ASN B 39 13.43 39.20 -60.38
N SER B 40 12.93 40.43 -60.41
CA SER B 40 12.57 41.11 -61.64
C SER B 40 13.82 41.34 -62.46
N LYS B 41 13.69 41.18 -63.77
CA LYS B 41 14.87 41.37 -64.63
C LYS B 41 14.92 42.79 -65.17
N ASP B 42 14.07 43.66 -64.64
CA ASP B 42 13.92 45.03 -65.08
C ASP B 42 15.06 45.85 -64.55
N ALA B 43 15.89 46.40 -65.44
CA ALA B 43 17.04 47.21 -65.02
C ALA B 43 16.71 48.63 -64.50
N SER B 44 15.47 49.10 -64.72
CA SER B 44 15.13 50.48 -64.37
C SER B 44 14.70 50.69 -62.93
N ARG B 45 14.59 49.60 -62.16
CA ARG B 45 14.46 49.72 -60.69
C ARG B 45 14.98 48.54 -59.89
N PHE B 46 15.82 48.81 -58.90
CA PHE B 46 16.43 47.79 -58.07
C PHE B 46 15.41 47.15 -57.12
N ASP B 47 15.26 45.83 -57.21
CA ASP B 47 14.33 45.13 -56.31
C ASP B 47 15.08 44.24 -55.29
N GLY B 48 16.39 44.38 -55.28
CA GLY B 48 17.25 43.68 -54.33
C GLY B 48 18.21 42.79 -55.09
N SER B 49 19.33 42.48 -54.45
CA SER B 49 20.30 41.56 -54.97
C SER B 49 19.72 40.13 -55.03
N GLU B 50 20.16 39.35 -56.02
CA GLU B 50 19.80 37.94 -56.07
C GLU B 50 20.93 37.21 -55.36
N SER B 51 21.00 37.49 -54.06
CA SER B 51 22.04 36.97 -53.19
C SER B 51 21.89 37.60 -51.82
N TRP B 52 22.55 37.04 -50.82
CA TRP B 52 22.92 37.86 -49.67
C TRP B 52 24.28 38.49 -50.01
N SER B 53 24.51 39.73 -49.57
CA SER B 53 25.84 40.35 -49.70
C SER B 53 26.17 41.06 -48.41
N SER B 54 27.37 40.80 -47.91
CA SER B 54 27.90 41.42 -46.72
C SER B 54 28.10 42.92 -46.93
N SER B 55 28.29 43.66 -45.84
CA SER B 55 28.62 45.07 -45.95
C SER B 55 30.10 45.21 -45.83
N VAL B 56 30.67 44.58 -44.80
CA VAL B 56 32.11 44.54 -44.57
C VAL B 56 32.78 43.40 -45.37
N LEU B 57 33.92 43.73 -45.98
CA LEU B 57 34.64 42.77 -46.79
C LEU B 57 35.87 42.27 -46.08
N ASP B 58 35.71 41.17 -45.37
CA ASP B 58 36.81 40.59 -44.65
C ASP B 58 36.49 39.10 -44.46
N LYS B 59 37.34 38.39 -43.73
CA LYS B 59 37.12 36.97 -43.51
C LYS B 59 36.24 36.66 -42.29
N ASN B 60 35.55 37.65 -41.72
CA ASN B 60 34.69 37.40 -40.54
C ASN B 60 33.19 37.54 -40.75
N GLN B 61 32.74 37.42 -42.00
CA GLN B 61 31.33 37.50 -42.34
C GLN B 61 30.71 36.13 -42.28
N PHE B 62 29.40 36.07 -42.05
CA PHE B 62 28.70 34.79 -41.98
C PHE B 62 27.21 34.96 -42.08
N ILE B 63 26.54 33.88 -42.47
CA ILE B 63 25.15 33.71 -42.14
C ILE B 63 25.01 32.57 -41.13
N VAL B 64 24.17 32.79 -40.12
CA VAL B 64 23.83 31.76 -39.12
C VAL B 64 22.42 31.28 -39.43
N ALA B 65 22.26 29.97 -39.58
CA ALA B 65 20.97 29.35 -39.80
C ALA B 65 20.61 28.55 -38.55
N GLY B 66 19.45 28.78 -37.97
CA GLY B 66 19.11 28.00 -36.79
C GLY B 66 17.63 27.74 -36.54
N SER B 67 17.37 26.77 -35.67
CA SER B 67 16.06 26.61 -35.00
C SER B 67 16.17 25.68 -33.79
N ASP B 68 15.09 25.64 -32.98
CA ASP B 68 14.98 24.88 -31.72
C ASP B 68 15.33 23.37 -31.83
N SER B 69 14.93 22.75 -32.93
CA SER B 69 14.95 21.30 -33.04
C SER B 69 16.29 20.78 -33.54
N VAL B 70 16.55 19.50 -33.28
CA VAL B 70 17.82 18.92 -33.66
C VAL B 70 17.66 18.56 -35.13
N LYS B 71 18.58 19.02 -35.97
CA LYS B 71 18.57 18.61 -37.36
C LYS B 71 19.75 17.69 -37.67
N HIS B 72 19.60 16.90 -38.73
CA HIS B 72 20.69 16.14 -39.25
C HIS B 72 20.91 16.63 -40.68
N PHE B 73 21.89 17.51 -40.86
CA PHE B 73 22.17 18.12 -42.17
C PHE B 73 23.02 17.16 -43.00
N VAL B 74 22.54 16.84 -44.21
CA VAL B 74 23.22 15.85 -45.06
C VAL B 74 24.00 16.50 -46.19
N ALA B 75 23.68 17.76 -46.49
CA ALA B 75 24.38 18.48 -47.55
C ALA B 75 24.20 20.02 -47.50
N ILE B 76 25.15 20.75 -48.10
CA ILE B 76 25.00 22.19 -48.30
C ILE B 76 25.16 22.47 -49.80
N SER B 77 24.43 23.45 -50.30
CA SER B 77 24.67 23.91 -51.66
C SER B 77 24.87 25.39 -51.67
N THR B 78 25.93 25.86 -52.33
CA THR B 78 26.13 27.30 -52.55
C THR B 78 26.18 27.71 -54.02
N GLN B 79 25.85 28.98 -54.22
CA GLN B 79 25.76 29.59 -55.55
C GLN B 79 26.30 31.02 -55.41
N GLY B 80 26.63 31.67 -56.53
CA GLY B 80 27.03 33.06 -56.50
C GLY B 80 25.82 33.98 -56.65
N ARG B 81 26.08 35.25 -56.84
CA ARG B 81 25.01 36.21 -57.00
C ARG B 81 24.39 36.07 -58.40
N GLY B 82 23.07 36.18 -58.50
CA GLY B 82 22.42 36.03 -59.80
C GLY B 82 22.65 37.17 -60.78
N ASP B 83 22.75 38.39 -60.24
CA ASP B 83 22.63 39.63 -61.02
C ASP B 83 23.89 40.46 -61.24
N HIP B 84 24.98 40.14 -60.56
CA HIP B 84 26.29 40.80 -60.73
CB HIP B 84 26.52 41.86 -59.65
CG HIP B 84 26.16 43.21 -60.19
CD2 HIP B 84 24.87 43.73 -60.08
NE2 HIP B 84 24.87 44.94 -60.67
CE1 HIP B 84 26.13 45.17 -61.12
ND1 HIP B 84 26.95 44.14 -60.83
P HIP B 84 28.64 44.09 -61.30
O1P HIP B 84 29.65 43.77 -60.16
O2P HIP B 84 28.65 42.99 -62.39
O3P HIP B 84 28.86 45.49 -61.88
C HIP B 84 27.38 39.76 -60.53
O HIP B 84 27.16 38.79 -59.80
N ASP B 85 28.55 39.95 -61.12
CA ASP B 85 29.67 38.99 -60.97
C ASP B 85 30.29 38.87 -59.57
N GLN B 86 29.44 38.56 -58.61
CA GLN B 86 29.88 38.36 -57.23
C GLN B 86 29.60 36.93 -56.77
N TRP B 87 30.57 36.37 -56.03
CA TRP B 87 30.51 34.99 -55.54
C TRP B 87 31.59 34.64 -54.51
N VAL B 88 31.28 33.64 -53.70
CA VAL B 88 32.19 33.19 -52.66
C VAL B 88 32.99 32.06 -53.24
N THR B 89 34.30 32.07 -53.04
CA THR B 89 35.13 31.11 -53.72
C THR B 89 35.60 30.08 -52.72
N SER B 90 35.61 30.41 -51.44
CA SER B 90 35.90 29.40 -50.38
C SER B 90 35.20 29.77 -49.10
N TYR B 91 34.83 28.77 -48.30
CA TYR B 91 34.20 29.07 -47.02
C TYR B 91 34.50 28.01 -45.97
N LYS B 92 34.22 28.35 -44.72
CA LYS B 92 34.25 27.35 -43.65
C LYS B 92 32.86 27.20 -43.06
N LEU B 93 32.66 26.14 -42.31
CA LEU B 93 31.42 25.91 -41.60
C LEU B 93 31.67 25.78 -40.10
N ARG B 94 30.71 26.21 -39.29
CA ARG B 94 30.71 25.95 -37.83
C ARG B 94 29.27 25.54 -37.47
N TYR B 95 29.07 24.89 -36.33
CA TYR B 95 27.75 24.47 -35.91
C TYR B 95 27.73 24.26 -34.41
N THR B 96 26.54 24.09 -33.86
CA THR B 96 26.39 23.81 -32.43
C THR B 96 25.20 22.91 -32.25
N LEU B 97 25.31 21.90 -31.39
CA LEU B 97 24.17 21.10 -31.05
C LEU B 97 23.47 21.74 -29.86
N ASP B 98 24.27 22.22 -28.89
CA ASP B 98 23.65 22.74 -27.66
C ASP B 98 23.40 24.26 -27.61
N ASN B 99 23.92 25.03 -28.59
CA ASN B 99 23.74 26.49 -28.68
C ASN B 99 24.51 27.24 -27.57
N VAL B 100 25.52 26.54 -27.03
CA VAL B 100 26.48 27.02 -26.04
C VAL B 100 27.86 26.83 -26.68
N ASN B 101 28.16 25.59 -27.04
CA ASN B 101 29.46 25.18 -27.63
C ASN B 101 29.39 24.98 -29.13
N TRP B 102 30.18 25.77 -29.85
CA TRP B 102 30.31 25.64 -31.28
C TRP B 102 31.47 24.74 -31.63
N VAL B 103 31.34 23.98 -32.71
CA VAL B 103 32.46 23.21 -33.20
C VAL B 103 32.77 23.62 -34.66
N GLU B 104 34.01 23.40 -35.09
CA GLU B 104 34.45 23.78 -36.44
C GLU B 104 34.25 22.58 -37.33
N TYR B 105 33.51 22.74 -38.43
CA TYR B 105 33.35 21.63 -39.37
C TYR B 105 34.72 21.13 -39.87
N ASN B 106 34.93 19.83 -39.73
CA ASN B 106 36.14 19.15 -40.23
C ASN B 106 37.41 19.93 -39.92
N ASN B 107 37.49 20.34 -38.65
CA ASN B 107 38.62 21.04 -38.10
C ASN B 107 39.00 22.28 -38.91
N GLY B 108 37.97 22.96 -39.38
CA GLY B 108 38.14 24.26 -40.03
C GLY B 108 38.52 24.12 -41.48
N GLU B 109 38.24 22.95 -42.06
CA GLU B 109 38.49 22.75 -43.48
C GLU B 109 37.92 23.92 -44.27
N ILE B 110 38.75 24.43 -45.19
CA ILE B 110 38.35 25.47 -46.11
C ILE B 110 37.76 24.77 -47.37
N ILE B 111 36.46 24.93 -47.55
CA ILE B 111 35.77 24.29 -48.62
C ILE B 111 35.81 25.16 -49.90
N ASN B 112 36.22 24.57 -51.04
CA ASN B 112 36.17 25.29 -52.31
C ASN B 112 34.75 25.43 -52.81
N ALA B 113 34.39 26.66 -53.19
CA ALA B 113 33.02 26.98 -53.41
C ALA B 113 32.82 27.32 -54.88
N ASN B 114 32.29 28.52 -55.12
CA ASN B 114 31.83 28.94 -56.44
C ASN B 114 32.87 29.65 -57.33
N LYS B 115 32.54 29.73 -58.63
CA LYS B 115 33.45 30.11 -59.72
C LYS B 115 32.78 31.05 -60.71
N ASP B 116 31.47 31.23 -60.56
CA ASP B 116 30.67 31.99 -61.51
C ASP B 116 29.40 32.32 -60.75
N ARG B 117 28.40 32.90 -61.42
CA ARG B 117 27.18 33.33 -60.75
C ARG B 117 26.20 32.20 -60.39
N ASN B 118 26.08 31.18 -61.25
CA ASN B 118 24.90 30.30 -61.20
C ASN B 118 25.09 28.80 -60.99
N SER B 119 26.30 28.32 -61.19
CA SER B 119 26.55 26.92 -60.97
C SER B 119 26.50 26.66 -59.48
N ILE B 120 25.88 25.52 -59.15
CA ILE B 120 25.61 25.08 -57.81
C ILE B 120 26.73 24.16 -57.41
N VAL B 121 27.33 24.42 -56.24
CA VAL B 121 28.40 23.59 -55.73
C VAL B 121 27.85 22.93 -54.48
N THR B 122 27.84 21.60 -54.47
CA THR B 122 27.30 20.83 -53.37
C THR B 122 28.40 20.06 -52.62
N ILE B 123 28.29 20.10 -51.29
CA ILE B 123 29.16 19.37 -50.36
C ILE B 123 28.29 18.38 -49.58
N ASN B 124 28.76 17.15 -49.43
CA ASN B 124 28.03 16.12 -48.69
C ASN B 124 28.59 15.97 -47.29
N PHE B 125 27.72 15.86 -46.29
CA PHE B 125 28.16 15.61 -44.92
C PHE B 125 28.02 14.14 -44.57
N ASN B 126 29.16 13.45 -44.44
CA ASN B 126 29.21 12.06 -43.97
C ASN B 126 30.14 11.94 -42.78
N PRO B 127 29.58 11.81 -41.57
CA PRO B 127 28.14 11.64 -41.29
C PRO B 127 27.41 12.99 -41.29
N PRO B 128 26.07 12.96 -41.20
CA PRO B 128 25.33 14.18 -40.96
C PRO B 128 25.87 14.99 -39.80
N ILE B 129 25.81 16.32 -39.96
CA ILE B 129 26.06 17.28 -38.91
C ILE B 129 24.80 17.31 -38.08
N LYS B 130 24.96 17.00 -36.79
CA LYS B 130 23.84 16.99 -35.88
C LYS B 130 23.89 18.32 -35.17
N ALA B 131 22.95 19.19 -35.49
CA ALA B 131 23.04 20.58 -35.03
C ALA B 131 21.70 21.23 -34.88
N ARG B 132 21.65 22.19 -33.98
CA ARG B 132 20.50 23.09 -33.90
C ARG B 132 20.77 24.32 -34.73
N SER B 133 22.01 24.82 -34.71
CA SER B 133 22.42 25.94 -35.55
C SER B 133 23.68 25.61 -36.34
N ILE B 134 23.80 26.25 -37.51
CA ILE B 134 24.95 26.07 -38.39
C ILE B 134 25.30 27.40 -39.07
N ALA B 135 26.60 27.64 -39.33
CA ALA B 135 27.04 28.92 -39.85
C ALA B 135 28.02 28.74 -40.99
N ILE B 136 27.75 29.43 -42.10
CA ILE B 136 28.66 29.50 -43.23
C ILE B 136 29.52 30.79 -43.13
N HIS B 137 30.83 30.57 -43.21
CA HIS B 137 31.83 31.61 -43.01
C HIS B 137 32.68 31.76 -44.27
N PRO B 138 32.30 32.68 -45.14
CA PRO B 138 33.12 32.93 -46.31
C PRO B 138 34.56 33.34 -45.93
N GLN B 139 35.54 32.74 -46.61
CA GLN B 139 36.95 33.08 -46.44
C GLN B 139 37.50 33.90 -47.63
N THR B 140 37.16 33.53 -48.87
CA THR B 140 37.61 34.28 -50.05
C THR B 140 36.43 34.54 -50.98
N TYR B 141 36.60 35.53 -51.85
CA TYR B 141 35.47 35.92 -52.68
C TYR B 141 35.92 36.54 -53.99
N ASN B 142 34.96 36.78 -54.89
CA ASN B 142 35.19 37.38 -56.19
C ASN B 142 34.35 38.64 -56.32
N ASN B 143 35.04 39.78 -56.19
CA ASN B 143 34.46 41.13 -56.13
C ASN B 143 33.77 41.46 -54.80
N HIS B 144 32.84 40.62 -54.36
CA HIS B 144 32.12 40.91 -53.11
C HIS B 144 31.66 39.60 -52.49
N ILE B 145 31.49 39.61 -51.16
CA ILE B 145 30.92 38.45 -50.47
C ILE B 145 29.42 38.43 -50.70
N SER B 146 29.02 37.55 -51.61
CA SER B 146 27.66 37.45 -52.09
C SER B 146 27.31 35.98 -52.44
N LEU B 147 26.21 35.48 -51.93
CA LEU B 147 25.91 34.08 -52.20
C LEU B 147 24.43 33.79 -52.12
N ARG B 148 24.11 32.61 -52.65
CA ARG B 148 22.84 31.98 -52.43
C ARG B 148 23.14 30.56 -51.95
N TRP B 149 22.21 30.00 -51.20
CA TRP B 149 22.43 28.67 -50.63
C TRP B 149 21.17 27.90 -50.22
N GLU B 150 21.36 26.61 -49.96
CA GLU B 150 20.32 25.75 -49.40
C GLU B 150 21.01 24.79 -48.47
N LEU B 151 20.32 24.42 -47.39
CA LEU B 151 20.79 23.40 -46.47
C LEU B 151 19.80 22.25 -46.55
N TYR B 152 20.36 21.05 -46.69
CA TYR B 152 19.56 19.85 -46.77
C TYR B 152 19.65 19.02 -45.49
N ALA B 153 18.51 18.49 -45.04
CA ALA B 153 18.43 17.73 -43.78
C ALA B 153 17.65 16.42 -43.98
N LEU B 154 17.85 15.46 -43.08
CA LEU B 154 17.04 14.25 -43.09
C LEU B 154 15.58 14.61 -42.79
N PRO B 155 14.65 13.90 -43.42
CA PRO B 155 13.24 14.09 -43.04
C PRO B 155 13.05 13.62 -41.56
N VAL B 156 12.07 14.19 -40.87
CA VAL B 156 11.76 13.76 -39.55
C VAL B 156 11.25 12.29 -39.57
N LYS B 157 11.70 11.47 -38.62
CA LYS B 157 11.20 10.09 -38.48
C LYS B 157 9.76 10.08 -38.03
N SER B 158 8.95 9.17 -38.56
CA SER B 158 7.57 8.96 -38.09
C SER B 158 7.43 8.86 -36.57
N TYR B 159 8.50 8.47 -35.89
CA TYR B 159 8.47 8.20 -34.46
C TYR B 159 8.83 9.38 -33.58
N SER B 160 9.00 10.57 -34.15
CA SER B 160 9.53 11.65 -33.28
C SER B 160 8.48 12.57 -32.71
N ASN B 161 8.87 13.27 -31.65
CA ASN B 161 7.98 14.13 -30.84
C ASN B 161 6.67 13.46 -30.48
N PRO B 162 6.75 12.24 -29.96
CA PRO B 162 5.51 11.63 -29.46
C PRO B 162 5.11 12.33 -28.17
N SER B 163 3.81 12.41 -27.90
CA SER B 163 3.32 12.71 -26.58
C SER B 163 2.80 11.48 -25.85
N VAL B 164 2.87 11.51 -24.52
CA VAL B 164 2.57 10.33 -23.71
C VAL B 164 1.58 10.69 -22.63
N GLN B 165 0.57 9.84 -22.45
CA GLN B 165 -0.26 9.92 -21.24
C GLN B 165 -0.24 8.56 -20.47
N VAL B 166 -0.49 8.59 -19.16
CA VAL B 166 -0.21 7.46 -18.30
C VAL B 166 -1.34 7.30 -17.27
N GLY B 167 -1.70 6.06 -16.96
CA GLY B 167 -2.62 5.77 -15.85
C GLY B 167 -2.71 4.30 -15.47
N GLU B 168 -3.71 4.02 -14.67
CA GLU B 168 -3.95 2.70 -14.15
C GLU B 168 -5.40 2.30 -14.23
N VAL B 169 -5.60 1.01 -14.41
CA VAL B 169 -6.92 0.43 -14.46
C VAL B 169 -6.88 -0.95 -13.77
N SER B 170 -8.02 -1.32 -13.17
CA SER B 170 -8.20 -2.55 -12.42
C SER B 170 -9.53 -3.17 -12.74
N ILE B 171 -9.67 -4.46 -12.43
CA ILE B 171 -10.95 -5.09 -12.51
C ILE B 171 -11.79 -4.47 -11.42
N GLY B 172 -11.20 -4.32 -10.23
CA GLY B 172 -11.85 -3.71 -9.09
C GLY B 172 -13.08 -4.42 -8.56
N ASP B 173 -13.36 -5.64 -9.03
CA ASP B 173 -14.47 -6.44 -8.46
C ASP B 173 -14.33 -7.93 -8.83
N ARG B 174 -15.32 -8.72 -8.45
CA ARG B 174 -15.20 -10.18 -8.60
C ARG B 174 -15.66 -10.74 -9.94
N SER B 175 -15.83 -9.89 -10.96
CA SER B 175 -16.34 -10.31 -12.27
C SER B 175 -15.68 -11.54 -12.84
N LEU B 176 -14.36 -11.64 -12.65
CA LEU B 176 -13.62 -12.77 -13.20
C LEU B 176 -13.40 -13.90 -12.17
N ASN B 177 -13.95 -13.72 -10.97
CA ASN B 177 -13.68 -14.61 -9.85
C ASN B 177 -14.51 -15.92 -9.71
N SER B 178 -15.36 -16.22 -10.68
CA SER B 178 -16.13 -17.47 -10.70
C SER B 178 -16.33 -17.85 -12.16
N GLY B 179 -17.13 -18.88 -12.43
CA GLY B 179 -17.39 -19.32 -13.81
C GLY B 179 -16.29 -20.16 -14.43
N THR B 180 -16.53 -20.55 -15.68
CA THR B 180 -15.72 -21.53 -16.35
C THR B 180 -15.51 -21.15 -17.85
N GLY B 181 -14.44 -21.64 -18.47
CA GLY B 181 -14.12 -21.23 -19.84
C GLY B 181 -13.65 -19.78 -19.95
N SER B 182 -13.57 -19.31 -21.20
CA SER B 182 -13.12 -17.97 -21.50
C SER B 182 -14.04 -16.83 -21.02
N ARG B 183 -13.55 -16.06 -20.06
CA ARG B 183 -14.38 -15.01 -19.45
C ARG B 183 -13.64 -13.69 -19.56
N THR B 184 -14.36 -12.62 -19.90
CA THR B 184 -13.72 -11.31 -20.03
C THR B 184 -14.54 -10.25 -19.34
N ILE B 185 -13.87 -9.19 -18.89
CA ILE B 185 -14.58 -8.03 -18.37
C ILE B 185 -13.84 -6.82 -18.89
N VAL B 186 -14.60 -5.81 -19.32
CA VAL B 186 -14.07 -4.59 -19.93
C VAL B 186 -14.12 -3.41 -18.94
N ARG B 187 -13.05 -2.65 -18.90
CA ARG B 187 -13.04 -1.41 -18.14
C ARG B 187 -12.79 -0.30 -19.13
N HIS B 188 -13.67 0.70 -19.16
CA HIS B 188 -13.49 1.78 -20.13
C HIS B 188 -12.58 2.80 -19.47
N VAL B 189 -11.48 3.16 -20.14
CA VAL B 189 -10.57 4.13 -19.60
C VAL B 189 -10.67 5.45 -20.37
N LYS B 190 -10.78 6.55 -19.63
CA LYS B 190 -10.78 7.88 -20.20
C LYS B 190 -9.38 8.52 -19.98
N PHE B 191 -8.78 9.07 -21.03
CA PHE B 191 -7.47 9.76 -20.92
C PHE B 191 -7.66 11.09 -20.15
N PRO B 192 -6.69 11.47 -19.28
CA PRO B 192 -6.88 12.74 -18.55
C PRO B 192 -7.17 13.93 -19.49
N VAL B 193 -6.47 14.01 -20.62
CA VAL B 193 -6.79 14.97 -21.68
C VAL B 193 -7.08 14.20 -22.96
N GLU B 194 -7.99 14.68 -23.81
CA GLU B 194 -8.23 14.04 -25.11
C GLU B 194 -7.06 14.26 -26.06
N PHE B 195 -6.68 13.21 -26.79
CA PHE B 195 -5.54 13.30 -27.72
C PHE B 195 -6.04 13.90 -29.03
N LEU B 196 -5.12 14.44 -29.82
CA LEU B 196 -5.46 14.98 -31.13
C LEU B 196 -5.65 13.89 -32.16
N SER B 197 -4.94 12.77 -32.04
CA SER B 197 -5.16 11.64 -32.94
C SER B 197 -5.18 10.29 -32.13
N VAL B 198 -5.46 9.17 -32.79
CA VAL B 198 -5.63 7.92 -32.05
C VAL B 198 -4.28 7.43 -31.51
N PRO B 199 -4.13 7.26 -30.18
CA PRO B 199 -2.82 6.80 -29.71
C PRO B 199 -2.64 5.30 -29.88
N ILE B 200 -1.42 4.86 -29.60
CA ILE B 200 -1.15 3.45 -29.32
C ILE B 200 -1.13 3.30 -27.78
N VAL B 201 -1.46 2.12 -27.27
CA VAL B 201 -1.59 1.95 -25.83
C VAL B 201 -0.85 0.72 -25.34
N SER B 202 0.27 0.92 -24.65
CA SER B 202 0.94 -0.20 -24.01
C SER B 202 0.49 -0.36 -22.57
N ILE B 203 0.50 -1.60 -22.13
CA ILE B 203 0.11 -1.95 -20.77
C ILE B 203 1.13 -2.90 -20.14
N GLY B 204 1.21 -2.89 -18.82
CA GLY B 204 2.04 -3.87 -18.07
C GLY B 204 1.34 -4.14 -16.74
N CYS B 205 1.34 -5.39 -16.29
CA CYS B 205 0.60 -5.76 -15.09
C CYS B 205 1.35 -5.34 -13.83
N LYS B 206 0.61 -4.81 -12.83
CA LYS B 206 1.26 -4.49 -11.55
C LYS B 206 0.54 -5.09 -10.35
N LYS B 207 -0.47 -5.92 -10.62
CA LYS B 207 -1.13 -6.65 -9.58
C LYS B 207 -1.76 -7.91 -10.10
N VAL B 208 -1.47 -9.03 -9.44
CA VAL B 208 -2.17 -10.26 -9.74
C VAL B 208 -2.75 -10.76 -8.44
N ASP B 209 -4.04 -11.10 -8.45
CA ASP B 209 -4.73 -11.75 -7.33
C ASP B 209 -5.61 -12.85 -7.94
N ALA B 210 -5.05 -14.04 -8.13
CA ALA B 210 -5.76 -15.11 -8.89
C ALA B 210 -5.50 -16.50 -8.33
N HIS B 211 -6.42 -17.41 -8.59
CA HIS B 211 -6.24 -18.81 -8.16
C HIS B 211 -5.73 -19.59 -9.33
N THR B 212 -4.84 -20.54 -9.11
CA THR B 212 -4.50 -21.48 -10.18
C THR B 212 -5.70 -22.42 -10.50
N ASP B 213 -5.64 -23.06 -11.67
CA ASP B 213 -6.60 -24.12 -12.09
C ASP B 213 -5.77 -25.39 -12.29
N ASN B 214 -5.95 -26.38 -11.41
CA ASN B 214 -4.99 -27.48 -11.32
C ASN B 214 -3.55 -27.08 -11.61
N GLY B 215 -3.09 -26.02 -10.95
CA GLY B 215 -1.69 -25.59 -11.00
C GLY B 215 -1.37 -24.65 -12.16
N GLN B 216 -2.35 -24.41 -13.02
CA GLN B 216 -2.21 -23.51 -14.14
C GLN B 216 -2.65 -22.06 -13.79
N MET B 217 -1.76 -21.09 -14.02
CA MET B 217 -2.11 -19.68 -13.92
C MET B 217 -2.45 -19.19 -15.30
N ARG B 218 -3.53 -18.41 -15.38
CA ARG B 218 -4.01 -17.88 -16.63
C ARG B 218 -4.59 -16.48 -16.43
N TRP B 219 -3.99 -15.49 -17.06
CA TRP B 219 -4.56 -14.17 -17.13
C TRP B 219 -3.95 -13.39 -18.29
N GLU B 220 -4.76 -12.48 -18.82
CA GLU B 220 -4.32 -11.65 -19.93
C GLU B 220 -5.00 -10.27 -19.89
N GLY B 221 -4.27 -9.28 -20.40
CA GLY B 221 -4.82 -7.94 -20.58
C GLY B 221 -4.58 -7.46 -21.98
N LYS B 222 -5.57 -6.79 -22.52
CA LYS B 222 -5.52 -6.39 -23.91
C LYS B 222 -6.10 -4.98 -23.92
N SER B 223 -5.39 -4.04 -24.54
CA SER B 223 -5.97 -2.69 -24.83
C SER B 223 -6.66 -2.68 -26.19
N GLU B 224 -7.95 -2.32 -26.18
CA GLU B 224 -8.84 -2.41 -27.33
C GLU B 224 -9.66 -1.14 -27.48
N ASN B 225 -10.32 -1.04 -28.64
CA ASN B 225 -11.24 0.06 -28.89
C ASN B 225 -10.65 1.43 -28.57
N ILE B 226 -9.46 1.71 -29.10
CA ILE B 226 -8.77 2.95 -28.79
C ILE B 226 -9.36 4.11 -29.59
N THR B 227 -9.60 5.25 -28.92
CA THR B 227 -10.01 6.51 -29.56
C THR B 227 -9.13 7.68 -29.06
N THR B 228 -9.46 8.90 -29.49
CA THR B 228 -8.83 10.09 -28.98
C THR B 228 -9.10 10.28 -27.51
N LYS B 229 -10.26 9.82 -27.07
CA LYS B 229 -10.73 10.03 -25.71
C LYS B 229 -10.31 8.94 -24.73
N GLY B 230 -10.25 7.68 -25.17
CA GLY B 230 -9.94 6.61 -24.24
C GLY B 230 -9.66 5.28 -24.90
N PHE B 231 -9.68 4.23 -24.07
CA PHE B 231 -9.66 2.85 -24.57
C PHE B 231 -10.42 1.93 -23.65
N ASP B 232 -10.49 0.67 -24.05
CA ASP B 232 -11.00 -0.40 -23.18
C ASP B 232 -9.84 -1.29 -22.75
N LEU B 233 -9.71 -1.48 -21.46
CA LEU B 233 -8.81 -2.52 -20.99
C LEU B 233 -9.69 -3.75 -20.81
N THR B 234 -9.44 -4.76 -21.64
CA THR B 234 -10.15 -6.02 -21.56
C THR B 234 -9.30 -7.02 -20.78
N PHE B 235 -9.67 -7.28 -19.54
CA PHE B 235 -9.00 -8.29 -18.69
C PHE B 235 -9.57 -9.62 -19.06
N ILE B 236 -8.72 -10.64 -19.11
CA ILE B 236 -9.09 -11.94 -19.64
C ILE B 236 -8.61 -13.09 -18.75
N THR B 237 -9.48 -14.10 -18.56
CA THR B 237 -9.05 -15.38 -18.02
C THR B 237 -9.72 -16.54 -18.75
N TRP B 238 -9.17 -17.74 -18.63
CA TRP B 238 -9.75 -18.89 -19.34
C TRP B 238 -9.48 -20.18 -18.58
N GLY B 239 -9.75 -21.32 -19.19
CA GLY B 239 -9.88 -22.54 -18.37
C GLY B 239 -10.86 -22.25 -17.23
N ASN B 240 -10.56 -22.74 -16.04
CA ASN B 240 -11.44 -22.55 -14.90
C ASN B 240 -10.88 -21.59 -13.86
N ASN B 241 -9.82 -20.86 -14.23
CA ASN B 241 -9.26 -19.87 -13.31
C ASN B 241 -10.24 -18.86 -12.70
N ALA B 242 -10.07 -18.69 -11.38
CA ALA B 242 -10.74 -17.60 -10.66
C ALA B 242 -9.75 -16.44 -10.48
N VAL B 243 -9.93 -15.35 -11.23
CA VAL B 243 -9.14 -14.13 -11.06
C VAL B 243 -9.88 -13.18 -10.13
N TYR B 244 -9.28 -12.89 -8.99
CA TYR B 244 -9.92 -12.02 -8.04
C TYR B 244 -9.74 -10.54 -8.39
N ASP B 245 -8.60 -10.18 -8.98
CA ASP B 245 -8.32 -8.81 -9.43
C ASP B 245 -7.00 -8.76 -10.22
N LEU B 246 -6.95 -7.81 -11.13
CA LEU B 246 -5.74 -7.52 -11.90
C LEU B 246 -5.68 -6.03 -12.04
N THR B 247 -4.47 -5.49 -12.12
CA THR B 247 -4.30 -4.06 -12.31
C THR B 247 -3.25 -3.88 -13.36
N PHE B 248 -3.49 -2.92 -14.26
CA PHE B 248 -2.49 -2.51 -15.23
C PHE B 248 -2.13 -1.07 -15.13
N ASP B 249 -0.88 -0.78 -15.39
CA ASP B 249 -0.50 0.56 -15.78
C ASP B 249 -0.58 0.62 -17.29
N TYR B 250 -0.89 1.79 -17.84
CA TYR B 250 -0.89 1.95 -19.29
C TYR B 250 -0.11 3.20 -19.67
N VAL B 251 0.47 3.13 -20.88
CA VAL B 251 1.24 4.20 -21.48
C VAL B 251 0.60 4.46 -22.84
N ALA B 252 -0.12 5.59 -22.94
CA ALA B 252 -0.71 5.95 -24.23
C ALA B 252 0.22 6.91 -24.98
N VAL B 253 0.56 6.52 -26.20
CA VAL B 253 1.53 7.29 -26.95
C VAL B 253 0.91 7.85 -28.23
N GLU B 254 1.01 9.18 -28.42
CA GLU B 254 0.50 9.86 -29.61
C GLU B 254 1.65 10.20 -30.54
N PHE B 255 1.48 9.78 -31.79
CA PHE B 255 2.47 9.95 -32.85
C PHE B 255 2.08 11.03 -33.85
N ASN B 256 3.12 11.61 -34.46
CA ASN B 256 3.07 12.68 -35.49
C ASN B 256 2.08 13.81 -35.24
N ASN B 257 2.32 14.47 -34.13
CA ASN B 257 1.59 15.65 -33.76
C ASN B 257 2.51 16.58 -32.96
C MET C 1 -15.46 33.79 -40.48
N SER C 2 -15.12 32.81 -39.64
CA SER C 2 -14.88 33.04 -38.21
C SER C 2 -13.61 32.35 -37.72
N VAL C 3 -12.78 33.11 -37.00
CA VAL C 3 -11.62 32.49 -36.35
C VAL C 3 -12.13 31.78 -35.10
N PRO C 4 -11.91 30.45 -34.98
CA PRO C 4 -12.40 29.75 -33.79
C PRO C 4 -11.80 30.34 -32.53
N ALA C 5 -12.62 30.38 -31.49
CA ALA C 5 -12.18 30.85 -30.17
C ALA C 5 -11.07 29.97 -29.70
N GLY C 6 -10.11 30.58 -29.00
CA GLY C 6 -9.00 29.87 -28.38
C GLY C 6 -7.87 29.57 -29.34
N SER C 7 -8.00 29.87 -30.63
CA SER C 7 -6.91 29.56 -31.54
C SER C 7 -5.75 30.54 -31.39
N VAL C 8 -4.55 30.10 -31.82
CA VAL C 8 -3.29 30.86 -31.77
C VAL C 8 -3.12 31.66 -33.05
N SER C 9 -2.79 32.94 -32.91
CA SER C 9 -2.38 33.79 -34.03
C SER C 9 -0.90 33.61 -34.26
N CYS C 10 -0.57 32.90 -35.32
CA CYS C 10 0.83 32.51 -35.56
C CYS C 10 1.81 33.65 -35.84
N LEU C 11 1.44 34.60 -36.71
CA LEU C 11 2.38 35.71 -37.03
C LEU C 11 2.46 36.68 -35.90
N ALA C 12 1.31 36.91 -35.23
CA ALA C 12 1.25 37.74 -34.06
C ALA C 12 2.22 37.24 -33.00
N ASN C 13 2.29 35.91 -32.84
CA ASN C 13 3.19 35.37 -31.83
C ASN C 13 4.57 35.02 -32.38
N ALA C 14 4.84 35.38 -33.65
CA ALA C 14 6.16 35.19 -34.22
C ALA C 14 6.57 33.71 -34.14
N LEU C 15 5.62 32.84 -34.53
CA LEU C 15 5.81 31.41 -34.47
C LEU C 15 6.29 30.80 -35.78
N LEU C 16 6.06 31.48 -36.90
CA LEU C 16 6.45 30.98 -38.23
C LEU C 16 7.53 31.82 -38.97
N ASN C 17 8.47 31.18 -39.66
CA ASN C 17 9.43 31.87 -40.56
C ASN C 17 8.74 32.17 -41.87
N LEU C 18 8.97 33.35 -42.45
CA LEU C 18 8.31 33.66 -43.72
C LEU C 18 9.29 33.87 -44.83
N ARG C 19 8.94 33.41 -46.03
CA ARG C 19 9.78 33.58 -47.21
C ARG C 19 8.87 33.84 -48.39
N SER C 20 8.97 35.04 -48.96
CA SER C 20 8.24 35.36 -50.18
C SER C 20 9.00 34.83 -51.38
N SER C 21 8.29 34.67 -52.50
CA SER C 21 8.88 34.41 -53.83
C SER C 21 9.80 35.55 -54.27
N THR C 22 9.21 36.74 -54.38
CA THR C 22 9.94 37.98 -54.56
C THR C 22 9.29 39.09 -53.74
N ASP C 23 10.08 40.13 -53.49
CA ASP C 23 9.69 41.40 -52.88
C ASP C 23 9.92 42.61 -53.86
N TYR C 24 8.93 43.52 -53.93
CA TYR C 24 9.11 44.80 -54.64
C TYR C 24 10.38 45.49 -54.14
N ASN C 25 10.58 45.42 -52.83
CA ASN C 25 11.89 45.66 -52.22
C ASN C 25 11.78 45.37 -50.72
N ALA C 26 12.91 45.45 -50.00
CA ALA C 26 12.92 45.12 -48.58
C ALA C 26 11.87 45.90 -47.79
N ASP C 27 11.45 47.06 -48.31
CA ASP C 27 10.48 47.84 -47.59
C ASP C 27 9.08 47.37 -47.90
N HIS C 28 8.96 46.36 -48.76
CA HIS C 28 7.65 45.76 -49.04
C HIS C 28 7.65 44.26 -48.71
N GLY C 29 8.51 43.85 -47.77
CA GLY C 29 8.78 42.44 -47.54
C GLY C 29 7.82 41.72 -46.62
N VAL C 30 8.06 40.44 -46.40
CA VAL C 30 7.07 39.66 -45.65
C VAL C 30 6.92 40.12 -44.22
N LYS C 31 7.98 40.74 -43.67
CA LYS C 31 7.95 41.29 -42.31
C LYS C 31 6.80 42.30 -42.11
N ASN C 32 6.28 42.83 -43.20
CA ASN C 32 5.18 43.80 -43.16
C ASN C 32 3.83 43.15 -43.45
N SER C 33 3.75 41.83 -43.43
CA SER C 33 2.54 41.15 -43.94
C SER C 33 1.51 40.76 -42.87
N ILE C 34 1.73 41.13 -41.61
CA ILE C 34 0.82 40.70 -40.58
C ILE C 34 -0.52 41.36 -40.79
N LEU C 35 -1.58 40.59 -40.62
CA LEU C 35 -2.90 41.14 -40.68
C LEU C 35 -2.99 42.40 -39.82
N ASN C 36 -3.72 43.39 -40.34
CA ASN C 36 -3.86 44.73 -39.73
C ASN C 36 -2.59 45.54 -39.56
N PHE C 37 -1.50 45.14 -40.22
CA PHE C 37 -0.28 45.87 -40.06
C PHE C 37 -0.51 47.35 -40.43
N SER C 38 0.01 48.24 -39.61
CA SER C 38 -0.18 49.65 -39.84
C SER C 38 1.01 50.41 -39.22
N ASN C 39 1.56 51.40 -39.94
CA ASN C 39 2.68 52.18 -39.40
C ASN C 39 2.45 53.70 -39.43
N SER C 40 3.53 54.46 -39.50
CA SER C 40 3.45 55.91 -39.54
C SER C 40 2.56 56.41 -40.69
N LYS C 41 1.74 57.42 -40.39
CA LYS C 41 0.89 58.05 -41.38
C LYS C 41 1.58 59.30 -41.96
N ASP C 42 2.77 59.62 -41.44
CA ASP C 42 3.59 60.69 -42.00
C ASP C 42 3.93 60.46 -43.47
N ALA C 43 3.28 61.21 -44.34
CA ALA C 43 3.47 61.04 -45.80
C ALA C 43 4.73 61.67 -46.40
N SER C 44 5.63 62.22 -45.58
CA SER C 44 6.90 62.78 -46.09
C SER C 44 8.03 61.75 -46.21
N ARG C 45 7.99 60.73 -45.34
CA ARG C 45 8.95 59.63 -45.39
C ARG C 45 8.18 58.34 -45.61
N PHE C 46 8.86 57.33 -46.13
CA PHE C 46 8.25 56.04 -46.37
C PHE C 46 8.90 55.03 -45.43
N ASP C 47 8.09 54.46 -44.53
CA ASP C 47 8.59 53.50 -43.55
C ASP C 47 8.27 52.04 -43.86
N GLY C 48 7.59 51.80 -44.98
CA GLY C 48 7.34 50.49 -45.54
C GLY C 48 5.89 50.40 -45.94
N SER C 49 5.62 49.55 -46.93
CA SER C 49 4.24 49.27 -47.32
C SER C 49 3.54 48.55 -46.19
N GLU C 50 2.23 48.75 -46.13
CA GLU C 50 1.45 48.13 -45.08
C GLU C 50 0.89 46.87 -45.72
N SER C 51 1.84 46.01 -46.07
CA SER C 51 1.63 44.77 -46.78
C SER C 51 2.99 44.15 -47.14
N TRP C 52 2.93 42.90 -47.55
CA TRP C 52 3.94 42.38 -48.43
C TRP C 52 3.53 42.71 -49.86
N SER C 53 4.53 42.99 -50.68
CA SER C 53 4.32 43.23 -52.10
C SER C 53 5.38 42.51 -52.90
N SER C 54 4.95 41.73 -53.88
CA SER C 54 5.88 41.03 -54.75
C SER C 54 6.56 42.03 -55.70
N SER C 55 7.62 41.57 -56.39
CA SER C 55 8.27 42.36 -57.42
C SER C 55 7.70 41.94 -58.76
N VAL C 56 7.85 40.65 -59.07
CA VAL C 56 7.28 40.04 -60.26
C VAL C 56 5.75 40.00 -60.11
N LEU C 57 5.03 40.31 -61.20
CA LEU C 57 3.56 40.23 -61.25
C LEU C 57 3.16 39.13 -62.21
N ASP C 58 2.79 37.97 -61.67
CA ASP C 58 2.39 36.84 -62.49
C ASP C 58 1.64 35.88 -61.59
N LYS C 59 1.47 34.64 -61.99
CA LYS C 59 0.73 33.66 -61.19
C LYS C 59 1.61 32.75 -60.30
N ASN C 60 2.89 33.14 -60.15
CA ASN C 60 3.89 32.30 -59.50
C ASN C 60 4.43 32.89 -58.21
N GLN C 61 3.71 33.84 -57.62
CA GLN C 61 4.21 34.44 -56.39
C GLN C 61 3.66 33.71 -55.16
N PHE C 62 4.28 33.83 -54.00
CA PHE C 62 3.80 33.12 -52.79
C PHE C 62 4.55 33.65 -51.58
N ILE C 63 3.96 33.50 -50.37
CA ILE C 63 4.70 33.53 -49.12
C ILE C 63 4.66 32.10 -48.57
N VAL C 64 5.80 31.59 -48.11
CA VAL C 64 5.87 30.33 -47.37
C VAL C 64 5.99 30.66 -45.89
N ALA C 65 5.16 30.01 -45.09
CA ALA C 65 5.21 30.08 -43.63
C ALA C 65 5.58 28.72 -43.07
N GLY C 66 6.65 28.64 -42.31
CA GLY C 66 7.06 27.32 -41.78
C GLY C 66 7.74 27.29 -40.42
N SER C 67 7.83 26.09 -39.86
CA SER C 67 8.65 25.78 -38.67
C SER C 67 8.66 24.26 -38.45
N ASP C 68 9.56 23.79 -37.59
CA ASP C 68 9.82 22.35 -37.33
C ASP C 68 8.54 21.63 -36.91
N SER C 69 7.62 22.31 -36.24
CA SER C 69 6.59 21.60 -35.52
C SER C 69 5.32 21.43 -36.32
N VAL C 70 4.52 20.46 -35.89
CA VAL C 70 3.37 20.08 -36.62
C VAL C 70 2.32 21.05 -36.15
N LYS C 71 1.80 21.88 -37.04
CA LYS C 71 0.71 22.78 -36.64
C LYS C 71 -0.61 22.23 -37.16
N HIS C 72 -1.69 22.54 -36.47
CA HIS C 72 -3.01 22.21 -36.97
C HIS C 72 -3.68 23.53 -37.32
N PHE C 73 -3.61 23.94 -38.57
CA PHE C 73 -4.17 25.22 -38.96
C PHE C 73 -5.65 25.13 -39.09
N VAL C 74 -6.38 25.96 -38.37
CA VAL C 74 -7.85 25.95 -38.38
C VAL C 74 -8.45 26.99 -39.34
N ALA C 75 -7.69 28.01 -39.70
CA ALA C 75 -8.19 29.08 -40.54
C ALA C 75 -7.08 29.98 -41.03
N ILE C 76 -7.37 30.70 -42.09
CA ILE C 76 -6.48 31.73 -42.61
C ILE C 76 -7.31 33.00 -42.90
N SER C 77 -6.72 34.14 -42.56
CA SER C 77 -7.30 35.45 -42.82
C SER C 77 -6.41 36.22 -43.78
N THR C 78 -7.01 36.83 -44.81
CA THR C 78 -6.27 37.74 -45.69
C THR C 78 -6.87 39.12 -45.78
N GLN C 79 -6.09 40.06 -46.30
CA GLN C 79 -6.42 41.46 -46.26
C GLN C 79 -5.59 42.10 -47.35
N GLY C 80 -5.99 43.28 -47.82
CA GLY C 80 -5.24 44.00 -48.82
C GLY C 80 -4.19 44.86 -48.17
N ARG C 81 -3.53 45.63 -49.02
CA ARG C 81 -2.54 46.61 -48.58
C ARG C 81 -3.19 47.79 -47.91
N GLY C 82 -2.68 48.19 -46.76
CA GLY C 82 -3.32 49.27 -46.01
C GLY C 82 -3.18 50.65 -46.67
N ASP C 83 -2.08 50.92 -47.38
CA ASP C 83 -1.72 52.29 -47.83
C ASP C 83 -1.81 52.57 -49.35
N HIP C 84 -2.33 51.64 -50.13
CA HIP C 84 -2.50 51.79 -51.57
CB HIP C 84 -1.27 51.44 -52.38
CG HIP C 84 -0.53 52.72 -52.70
CD2 HIP C 84 0.45 53.24 -51.86
NE2 HIP C 84 0.88 54.38 -52.41
CE1 HIP C 84 0.19 54.57 -53.58
ND1 HIP C 84 -0.68 53.56 -53.76
P HIP C 84 -1.75 53.47 -55.14
O1P HIP C 84 -1.72 52.08 -55.75
O2P HIP C 84 -3.17 53.82 -54.68
O3P HIP C 84 -1.11 54.48 -56.09
C HIP C 84 -3.57 50.81 -51.99
O HIP C 84 -3.72 49.75 -51.38
N ASP C 85 -4.27 51.17 -53.06
CA ASP C 85 -5.36 50.34 -53.59
C ASP C 85 -4.86 49.06 -54.27
N GLN C 86 -4.09 48.30 -53.50
CA GLN C 86 -3.60 46.98 -53.92
C GLN C 86 -4.17 45.84 -53.04
N TRP C 87 -4.63 44.76 -53.67
CA TRP C 87 -5.00 43.56 -52.93
C TRP C 87 -5.00 42.33 -53.82
N VAL C 88 -4.86 41.16 -53.17
CA VAL C 88 -5.00 39.88 -53.82
C VAL C 88 -6.48 39.53 -53.87
N THR C 89 -6.97 39.10 -55.02
CA THR C 89 -8.40 38.83 -55.19
C THR C 89 -8.72 37.33 -55.24
N SER C 90 -7.67 36.54 -55.51
CA SER C 90 -7.77 35.09 -55.39
C SER C 90 -6.39 34.44 -55.21
N TYR C 91 -6.41 33.29 -54.54
CA TYR C 91 -5.20 32.53 -54.28
C TYR C 91 -5.46 31.04 -54.06
N LYS C 92 -4.42 30.22 -54.28
CA LYS C 92 -4.44 28.78 -53.98
C LYS C 92 -3.61 28.57 -52.71
N LEU C 93 -3.83 27.43 -52.04
CA LEU C 93 -2.96 27.01 -50.91
C LEU C 93 -2.19 25.72 -51.17
N ARG C 94 -0.97 25.69 -50.65
CA ARG C 94 -0.13 24.53 -50.74
C ARG C 94 0.40 24.27 -49.34
N TYR C 95 0.70 23.00 -49.05
CA TYR C 95 1.23 22.67 -47.76
C TYR C 95 2.01 21.37 -47.74
N THR C 96 2.71 21.13 -46.65
CA THR C 96 3.55 19.96 -46.53
C THR C 96 3.67 19.62 -45.06
N LEU C 97 3.54 18.33 -44.74
CA LEU C 97 3.75 17.84 -43.40
C LEU C 97 5.16 17.30 -43.21
N ASP C 98 5.73 16.66 -44.23
CA ASP C 98 7.12 16.17 -44.11
C ASP C 98 8.20 17.09 -44.73
N ASN C 99 7.78 18.15 -45.40
CA ASN C 99 8.74 19.11 -46.02
C ASN C 99 9.52 18.52 -47.19
N VAL C 100 9.05 17.39 -47.71
CA VAL C 100 9.61 16.77 -48.90
C VAL C 100 8.55 16.78 -49.97
N ASN C 101 7.32 16.38 -49.60
CA ASN C 101 6.19 16.36 -50.54
C ASN C 101 5.21 17.51 -50.27
N TRP C 102 4.94 18.33 -51.27
CA TRP C 102 3.93 19.37 -51.14
C TRP C 102 2.63 18.90 -51.74
N VAL C 103 1.50 19.20 -51.08
CA VAL C 103 0.19 18.95 -51.66
C VAL C 103 -0.56 20.25 -51.92
N GLU C 104 -1.49 20.21 -52.87
CA GLU C 104 -2.43 21.31 -53.14
C GLU C 104 -3.53 21.24 -52.11
N TYR C 105 -3.84 22.32 -51.42
CA TYR C 105 -5.02 22.29 -50.58
C TYR C 105 -6.27 22.06 -51.45
N ASN C 106 -7.08 21.08 -51.04
CA ASN C 106 -8.38 20.79 -51.62
C ASN C 106 -8.40 20.71 -53.15
N ASN C 107 -7.43 20.00 -53.71
CA ASN C 107 -7.21 19.88 -55.15
C ASN C 107 -7.00 21.15 -55.95
N GLY C 108 -6.35 22.12 -55.33
CA GLY C 108 -6.00 23.31 -56.06
C GLY C 108 -7.19 24.23 -56.10
N GLU C 109 -8.02 24.16 -55.07
CA GLU C 109 -9.13 25.08 -54.89
C GLU C 109 -8.64 26.50 -54.98
N ILE C 110 -9.28 27.29 -55.85
CA ILE C 110 -8.97 28.71 -55.93
C ILE C 110 -9.95 29.45 -55.05
N ILE C 111 -9.41 30.20 -54.11
CA ILE C 111 -10.18 30.83 -53.05
C ILE C 111 -10.39 32.33 -53.30
N ASN C 112 -11.64 32.78 -53.20
CA ASN C 112 -11.95 34.19 -53.35
C ASN C 112 -11.40 34.96 -52.18
N ALA C 113 -10.63 36.00 -52.48
CA ALA C 113 -9.93 36.75 -51.45
C ALA C 113 -10.51 38.16 -51.24
N ASN C 114 -9.71 39.19 -51.47
CA ASN C 114 -10.07 40.53 -51.07
C ASN C 114 -10.66 41.42 -52.18
N LYS C 115 -11.38 42.45 -51.74
CA LYS C 115 -12.22 43.33 -52.56
C LYS C 115 -11.91 44.81 -52.29
N ASP C 116 -10.89 45.07 -51.47
CA ASP C 116 -10.61 46.40 -50.95
C ASP C 116 -9.35 46.34 -50.10
N ARG C 117 -9.04 47.43 -49.41
CA ARG C 117 -7.79 47.53 -48.68
C ARG C 117 -7.82 46.77 -47.39
N ASN C 118 -8.90 46.94 -46.62
CA ASN C 118 -8.90 46.60 -45.22
C ASN C 118 -9.83 45.48 -44.76
N SER C 119 -10.85 45.15 -45.54
CA SER C 119 -11.81 44.10 -45.13
C SER C 119 -11.15 42.72 -45.01
N ILE C 120 -11.34 42.09 -43.84
CA ILE C 120 -10.76 40.76 -43.55
C ILE C 120 -11.62 39.61 -44.09
N VAL C 121 -11.03 38.79 -44.93
CA VAL C 121 -11.71 37.63 -45.42
C VAL C 121 -11.06 36.38 -44.79
N THR C 122 -11.88 35.58 -44.10
CA THR C 122 -11.41 34.40 -43.38
C THR C 122 -11.89 33.09 -43.99
N ILE C 123 -10.98 32.14 -44.13
CA ILE C 123 -11.31 30.80 -44.58
C ILE C 123 -11.09 29.81 -43.40
N ASN C 124 -11.96 28.80 -43.27
CA ASN C 124 -11.92 27.82 -42.18
C ASN C 124 -11.61 26.44 -42.72
N PHE C 125 -10.68 25.73 -42.09
CA PHE C 125 -10.31 24.36 -42.50
C PHE C 125 -10.91 23.29 -41.61
N ASN C 126 -11.89 22.56 -42.14
CA ASN C 126 -12.46 21.35 -41.49
C ASN C 126 -12.17 20.14 -42.39
N PRO C 127 -11.35 19.19 -41.92
CA PRO C 127 -10.63 19.24 -40.62
C PRO C 127 -9.40 20.16 -40.73
N PRO C 128 -8.73 20.49 -39.61
CA PRO C 128 -7.56 21.39 -39.69
C PRO C 128 -6.52 20.90 -40.71
N ILE C 129 -5.83 21.81 -41.38
CA ILE C 129 -4.68 21.40 -42.19
C ILE C 129 -3.56 21.08 -41.22
N LYS C 130 -2.89 19.97 -41.47
CA LYS C 130 -1.87 19.49 -40.58
C LYS C 130 -0.54 19.57 -41.32
N ALA C 131 0.29 20.52 -40.91
CA ALA C 131 1.41 20.89 -41.75
C ALA C 131 2.56 21.44 -40.94
N ARG C 132 3.75 21.37 -41.53
CA ARG C 132 4.93 22.05 -41.01
C ARG C 132 5.13 23.36 -41.76
N SER C 133 4.92 23.33 -43.07
CA SER C 133 4.91 24.56 -43.87
C SER C 133 3.67 24.70 -44.75
N ILE C 134 3.24 25.95 -44.89
CA ILE C 134 2.10 26.29 -45.71
C ILE C 134 2.49 27.49 -46.60
N ALA C 135 1.85 27.62 -47.76
CA ALA C 135 2.20 28.69 -48.67
C ALA C 135 0.95 29.20 -49.30
N ILE C 136 0.83 30.52 -49.33
CA ILE C 136 -0.24 31.19 -50.07
C ILE C 136 0.26 31.58 -51.47
N HIS C 137 -0.54 31.27 -52.48
CA HIS C 137 -0.18 31.42 -53.88
C HIS C 137 -1.27 32.28 -54.58
N PRO C 138 -1.09 33.63 -54.61
CA PRO C 138 -2.00 34.53 -55.32
C PRO C 138 -2.14 34.16 -56.79
N GLN C 139 -3.38 34.15 -57.27
CA GLN C 139 -3.68 33.90 -58.66
C GLN C 139 -4.09 35.21 -59.39
N THR C 140 -4.97 36.00 -58.79
CA THR C 140 -5.42 37.26 -59.37
C THR C 140 -5.31 38.33 -58.31
N TYR C 141 -5.17 39.58 -58.74
CA TYR C 141 -4.96 40.70 -57.83
C TYR C 141 -5.51 41.96 -58.46
N ASN C 142 -5.60 43.02 -57.66
CA ASN C 142 -6.07 44.32 -58.08
C ASN C 142 -4.92 45.26 -57.94
N ASN C 143 -4.47 45.79 -59.09
CA ASN C 143 -3.34 46.72 -59.18
C ASN C 143 -1.97 46.08 -59.00
N HIS C 144 -1.80 45.30 -57.93
CA HIS C 144 -0.51 44.69 -57.59
C HIS C 144 -0.72 43.50 -56.61
N ILE C 145 0.20 42.54 -56.61
CA ILE C 145 0.11 41.43 -55.66
C ILE C 145 0.56 41.89 -54.27
N SER C 146 -0.39 42.22 -53.40
CA SER C 146 -0.08 42.81 -52.10
C SER C 146 -1.06 42.30 -51.06
N LEU C 147 -0.55 41.85 -49.92
CA LEU C 147 -1.47 41.31 -48.91
C LEU C 147 -1.00 41.45 -47.47
N ARG C 148 -1.96 41.48 -46.56
CA ARG C 148 -1.66 41.15 -45.20
C ARG C 148 -2.39 39.83 -44.88
N TRP C 149 -1.99 39.16 -43.79
CA TRP C 149 -2.64 37.87 -43.50
C TRP C 149 -2.35 37.41 -42.11
N GLU C 150 -3.03 36.34 -41.71
CA GLU C 150 -2.70 35.69 -40.45
C GLU C 150 -3.09 34.24 -40.56
N LEU C 151 -2.34 33.39 -39.89
CA LEU C 151 -2.63 31.97 -39.89
C LEU C 151 -3.02 31.59 -38.50
N TYR C 152 -4.06 30.75 -38.39
CA TYR C 152 -4.56 30.31 -37.06
C TYR C 152 -4.43 28.82 -36.82
N ALA C 153 -3.98 28.48 -35.61
CA ALA C 153 -3.66 27.11 -35.29
C ALA C 153 -4.25 26.71 -33.95
N LEU C 154 -4.49 25.42 -33.76
CA LEU C 154 -4.83 24.88 -32.42
C LEU C 154 -3.72 25.22 -31.41
N PRO C 155 -4.11 25.55 -30.17
CA PRO C 155 -3.08 25.65 -29.14
C PRO C 155 -2.48 24.27 -28.86
N VAL C 156 -1.28 24.27 -28.31
CA VAL C 156 -0.56 23.05 -27.99
C VAL C 156 -1.22 22.33 -26.79
N LYS C 157 -1.35 21.00 -26.88
CA LYS C 157 -1.92 20.18 -25.80
C LYS C 157 -1.07 20.23 -24.52
N SER C 158 -1.73 20.23 -23.37
CA SER C 158 -1.04 20.26 -22.07
C SER C 158 -0.07 19.11 -21.84
N TYR C 159 -0.25 18.03 -22.58
CA TYR C 159 0.58 16.84 -22.39
C TYR C 159 1.81 16.86 -23.26
N SER C 160 2.00 17.91 -24.04
CA SER C 160 3.00 17.83 -25.08
C SER C 160 4.41 18.03 -24.55
N ASN C 161 5.41 17.53 -25.27
CA ASN C 161 6.83 17.65 -24.90
C ASN C 161 7.22 16.99 -23.56
N PRO C 162 7.04 15.66 -23.46
CA PRO C 162 7.39 15.01 -22.20
C PRO C 162 8.87 14.88 -22.00
N SER C 163 9.27 14.72 -20.76
CA SER C 163 10.60 14.27 -20.42
C SER C 163 10.43 12.87 -19.85
N VAL C 164 11.39 11.98 -20.12
CA VAL C 164 11.27 10.60 -19.72
C VAL C 164 12.57 10.07 -19.07
N GLN C 165 12.39 9.32 -17.98
CA GLN C 165 13.47 8.55 -17.39
C GLN C 165 12.91 7.16 -17.07
N VAL C 166 13.78 6.17 -17.23
CA VAL C 166 13.41 4.78 -17.14
C VAL C 166 14.40 4.03 -16.25
N GLY C 167 14.05 2.81 -15.85
CA GLY C 167 14.93 1.95 -15.07
C GLY C 167 14.21 0.71 -14.58
N GLU C 168 14.91 -0.14 -13.84
CA GLU C 168 14.30 -1.34 -13.32
C GLU C 168 14.46 -1.38 -11.85
N VAL C 169 13.56 -2.06 -11.17
CA VAL C 169 13.67 -2.18 -9.72
C VAL C 169 13.09 -3.50 -9.22
N SER C 170 13.81 -4.14 -8.28
CA SER C 170 13.49 -5.47 -7.73
C SER C 170 13.45 -5.50 -6.22
N ILE C 171 12.82 -6.50 -5.64
CA ILE C 171 12.98 -6.71 -4.20
C ILE C 171 14.46 -6.96 -3.89
N GLY C 172 15.10 -7.87 -4.63
CA GLY C 172 16.53 -8.16 -4.49
C GLY C 172 16.97 -9.10 -3.38
N ASP C 173 16.01 -9.56 -2.57
CA ASP C 173 16.28 -10.38 -1.38
C ASP C 173 15.01 -11.07 -0.88
N ARG C 174 15.07 -11.73 0.28
CA ARG C 174 13.92 -12.53 0.71
C ARG C 174 12.97 -11.79 1.64
N SER C 175 12.92 -10.46 1.53
CA SER C 175 12.04 -9.66 2.41
C SER C 175 10.62 -10.16 2.48
N LEU C 176 10.02 -10.56 1.34
CA LEU C 176 8.61 -10.98 1.36
C LEU C 176 8.46 -12.48 1.25
N ASN C 177 9.55 -13.21 1.48
CA ASN C 177 9.50 -14.67 1.27
C ASN C 177 9.03 -15.43 2.55
N SER C 178 8.56 -14.68 3.54
CA SER C 178 8.04 -15.30 4.73
C SER C 178 7.19 -14.33 5.48
N GLY C 179 6.66 -14.80 6.59
CA GLY C 179 5.72 -14.04 7.37
C GLY C 179 4.31 -14.25 6.85
N THR C 180 3.37 -13.59 7.51
CA THR C 180 2.01 -13.80 7.17
C THR C 180 1.28 -12.44 7.09
N GLY C 181 0.12 -12.44 6.47
CA GLY C 181 -0.66 -11.22 6.36
C GLY C 181 -0.17 -10.22 5.30
N SER C 182 -0.77 -9.05 5.36
CA SER C 182 -0.41 -7.97 4.49
C SER C 182 1.05 -7.58 4.79
N ARG C 183 1.91 -7.84 3.81
CA ARG C 183 3.34 -7.55 3.92
C ARG C 183 3.82 -6.61 2.81
N THR C 184 4.67 -5.65 3.17
CA THR C 184 5.24 -4.67 2.24
C THR C 184 6.76 -4.51 2.39
N ILE C 185 7.46 -4.31 1.27
CA ILE C 185 8.85 -3.91 1.28
C ILE C 185 9.07 -2.78 0.24
N VAL C 186 9.78 -1.74 0.69
CA VAL C 186 9.88 -0.51 -0.08
C VAL C 186 11.25 -0.41 -0.70
N ARG C 187 11.30 -0.14 -2.00
CA ARG C 187 12.56 0.18 -2.64
C ARG C 187 12.54 1.65 -3.07
N HIS C 188 13.51 2.41 -2.63
CA HIS C 188 13.51 3.80 -3.04
CA HIS C 188 13.57 3.81 -2.97
C HIS C 188 14.30 3.98 -4.32
N VAL C 189 13.69 4.67 -5.26
CA VAL C 189 14.35 4.90 -6.53
C VAL C 189 14.76 6.36 -6.61
N LYS C 190 16.02 6.57 -6.93
CA LYS C 190 16.46 7.92 -7.23
C LYS C 190 16.57 7.99 -8.73
N PHE C 191 15.87 8.95 -9.32
CA PHE C 191 16.05 9.25 -10.76
C PHE C 191 17.49 9.71 -11.03
N PRO C 192 18.13 9.16 -12.10
CA PRO C 192 19.45 9.65 -12.56
C PRO C 192 19.58 11.19 -12.59
N VAL C 193 18.53 11.91 -12.93
CA VAL C 193 18.56 13.37 -13.02
C VAL C 193 17.28 13.87 -12.39
N GLU C 194 17.31 15.02 -11.76
CA GLU C 194 16.08 15.59 -11.17
C GLU C 194 15.09 16.15 -12.21
N PHE C 195 13.82 15.85 -12.06
CA PHE C 195 12.81 16.38 -12.96
C PHE C 195 12.53 17.84 -12.58
N LEU C 196 11.89 18.56 -13.47
CA LEU C 196 11.53 19.94 -13.19
C LEU C 196 10.18 19.95 -12.47
N SER C 197 9.21 19.26 -13.06
CA SER C 197 7.92 18.99 -12.45
C SER C 197 7.84 17.52 -11.88
N VAL C 198 6.79 17.24 -11.09
CA VAL C 198 6.64 15.91 -10.49
C VAL C 198 6.12 14.96 -11.54
N PRO C 199 6.88 13.88 -11.83
CA PRO C 199 6.45 12.96 -12.88
C PRO C 199 5.22 12.16 -12.52
N ILE C 200 4.61 11.55 -13.53
CA ILE C 200 3.71 10.43 -13.31
C ILE C 200 4.51 9.18 -13.72
N VAL C 201 4.33 8.08 -12.98
CA VAL C 201 5.20 6.90 -13.12
C VAL C 201 4.36 5.67 -13.46
N SER C 202 4.73 4.99 -14.54
CA SER C 202 4.14 3.72 -14.91
C SER C 202 5.11 2.57 -14.56
N ILE C 203 4.57 1.44 -14.08
CA ILE C 203 5.39 0.24 -13.78
C ILE C 203 4.82 -1.01 -14.40
N GLY C 204 5.69 -1.97 -14.71
CA GLY C 204 5.29 -3.22 -15.36
C GLY C 204 6.14 -4.36 -14.84
N CYS C 205 5.49 -5.48 -14.51
CA CYS C 205 6.20 -6.62 -13.98
C CYS C 205 6.94 -7.32 -15.10
N LYS C 206 8.19 -7.67 -14.83
CA LYS C 206 8.94 -8.46 -15.77
C LYS C 206 9.56 -9.69 -15.12
N LYS C 207 9.31 -9.85 -13.81
CA LYS C 207 9.73 -11.09 -13.13
C LYS C 207 8.82 -11.47 -11.99
N VAL C 208 8.36 -12.71 -11.99
CA VAL C 208 7.65 -13.21 -10.85
C VAL C 208 8.32 -14.47 -10.35
N ASP C 209 8.82 -14.42 -9.10
CA ASP C 209 9.28 -15.66 -8.44
C ASP C 209 8.54 -15.78 -7.10
N ALA C 210 7.46 -16.56 -7.08
CA ALA C 210 6.56 -16.58 -5.92
C ALA C 210 5.78 -17.89 -5.72
N HIS C 211 5.42 -18.16 -4.46
CA HIS C 211 4.64 -19.34 -4.09
C HIS C 211 3.15 -19.03 -3.90
N THR C 212 2.29 -19.89 -4.42
CA THR C 212 0.87 -19.76 -4.13
C THR C 212 0.58 -20.06 -2.65
N ASP C 213 -0.58 -19.58 -2.18
CA ASP C 213 -1.09 -19.84 -0.82
C ASP C 213 -2.42 -20.58 -0.95
N ASN C 214 -2.39 -21.90 -0.77
CA ASN C 214 -3.50 -22.81 -1.13
C ASN C 214 -4.08 -22.51 -2.50
N GLY C 215 -3.20 -22.34 -3.49
CA GLY C 215 -3.62 -22.02 -4.86
C GLY C 215 -3.82 -20.55 -5.20
N GLN C 216 -3.72 -19.66 -4.22
CA GLN C 216 -3.90 -18.26 -4.53
C GLN C 216 -2.55 -17.55 -4.77
N MET C 217 -2.46 -16.80 -5.86
CA MET C 217 -1.29 -15.94 -6.07
C MET C 217 -1.64 -14.49 -5.72
N ARG C 218 -0.84 -13.83 -4.88
CA ARG C 218 -1.04 -12.43 -4.52
C ARG C 218 0.26 -11.65 -4.54
N TRP C 219 0.36 -10.67 -5.45
CA TRP C 219 1.45 -9.71 -5.48
C TRP C 219 0.99 -8.41 -6.12
N GLU C 220 1.59 -7.30 -5.65
CA GLU C 220 1.28 -6.00 -6.19
C GLU C 220 2.49 -5.11 -6.09
N GLY C 221 2.62 -4.22 -7.07
CA GLY C 221 3.60 -3.17 -6.99
C GLY C 221 2.85 -1.86 -7.08
N LYS C 222 3.30 -0.87 -6.31
CA LYS C 222 2.70 0.46 -6.27
C LYS C 222 3.85 1.47 -6.23
N SER C 223 3.68 2.58 -6.96
CA SER C 223 4.58 3.72 -6.83
C SER C 223 3.90 4.80 -6.01
N GLU C 224 4.67 5.43 -5.16
CA GLU C 224 4.14 6.26 -4.09
C GLU C 224 5.23 7.23 -3.70
N ASN C 225 4.83 8.38 -3.13
CA ASN C 225 5.81 9.34 -2.64
C ASN C 225 6.69 9.82 -3.82
N ILE C 226 6.05 9.99 -4.98
CA ILE C 226 6.73 10.44 -6.16
C ILE C 226 7.11 11.91 -5.94
N THR C 227 8.37 12.22 -6.17
CA THR C 227 8.79 13.63 -6.18
C THR C 227 9.54 13.90 -7.46
N THR C 228 10.12 15.09 -7.56
CA THR C 228 10.96 15.36 -8.71
C THR C 228 12.24 14.50 -8.69
N LYS C 229 12.65 14.00 -7.51
CA LYS C 229 13.98 13.36 -7.37
C LYS C 229 13.93 11.83 -7.46
N GLY C 230 12.75 11.28 -7.22
CA GLY C 230 12.53 9.84 -7.24
C GLY C 230 11.19 9.46 -6.67
N PHE C 231 11.08 8.19 -6.29
CA PHE C 231 9.84 7.65 -5.74
C PHE C 231 10.10 6.33 -5.02
N ASP C 232 9.05 5.82 -4.37
CA ASP C 232 9.05 4.50 -3.74
C ASP C 232 8.27 3.45 -4.52
N LEU C 233 8.94 2.38 -4.89
CA LEU C 233 8.25 1.20 -5.38
C LEU C 233 7.94 0.30 -4.17
N THR C 234 6.68 0.23 -3.77
CA THR C 234 6.27 -0.63 -2.67
C THR C 234 5.82 -1.97 -3.22
N PHE C 235 6.58 -3.02 -2.88
CA PHE C 235 6.26 -4.39 -3.28
C PHE C 235 5.37 -4.95 -2.21
N ILE C 236 4.23 -5.52 -2.61
CA ILE C 236 3.19 -5.91 -1.68
C ILE C 236 2.78 -7.38 -1.87
N THR C 237 2.59 -8.08 -0.75
CA THR C 237 1.93 -9.38 -0.77
C THR C 237 1.02 -9.48 0.43
N TRP C 238 0.19 -10.51 0.46
CA TRP C 238 -0.77 -10.72 1.54
C TRP C 238 -1.20 -12.18 1.59
N GLY C 239 -2.25 -12.48 2.37
CA GLY C 239 -2.54 -13.86 2.83
C GLY C 239 -1.24 -14.43 3.34
N ASN C 240 -0.95 -15.68 3.00
CA ASN C 240 0.32 -16.29 3.40
C ASN C 240 1.37 -16.43 2.30
N ASN C 241 1.13 -15.85 1.13
CA ASN C 241 2.06 -15.93 0.01
C ASN C 241 3.46 -15.57 0.39
N ALA C 242 4.38 -16.35 -0.15
CA ALA C 242 5.81 -16.13 0.00
C ALA C 242 6.33 -15.66 -1.35
N VAL C 243 6.66 -14.39 -1.44
CA VAL C 243 7.28 -13.84 -2.66
C VAL C 243 8.81 -13.86 -2.56
N TYR C 244 9.44 -14.66 -3.42
CA TYR C 244 10.87 -14.79 -3.48
C TYR C 244 11.49 -13.58 -4.20
N ASP C 245 10.86 -13.10 -5.26
CA ASP C 245 11.40 -11.91 -5.97
C ASP C 245 10.39 -11.40 -6.94
N LEU C 246 10.41 -10.09 -7.18
CA LEU C 246 9.62 -9.44 -8.22
C LEU C 246 10.42 -8.31 -8.80
N THR C 247 10.24 -8.06 -10.08
CA THR C 247 10.97 -7.01 -10.76
C THR C 247 10.03 -6.21 -11.64
N PHE C 248 10.16 -4.90 -11.57
CA PHE C 248 9.40 -4.02 -12.44
C PHE C 248 10.35 -3.16 -13.23
N ASP C 249 9.96 -2.87 -14.47
CA ASP C 249 10.52 -1.74 -15.20
C ASP C 249 9.68 -0.53 -14.91
N TYR C 250 10.26 0.65 -14.85
CA TYR C 250 9.44 1.83 -14.74
C TYR C 250 9.71 2.80 -15.87
N VAL C 251 8.70 3.64 -16.13
CA VAL C 251 8.80 4.72 -17.10
C VAL C 251 8.27 5.95 -16.39
N ALA C 252 9.11 6.95 -16.15
CA ALA C 252 8.65 8.17 -15.52
C ALA C 252 8.60 9.29 -16.55
N VAL C 253 7.47 9.99 -16.55
CA VAL C 253 7.15 11.01 -17.51
C VAL C 253 6.74 12.32 -16.79
N GLU C 254 7.49 13.39 -17.03
CA GLU C 254 7.15 14.76 -16.62
C GLU C 254 6.63 15.58 -17.82
N PHE C 255 5.53 16.29 -17.63
CA PHE C 255 5.21 17.32 -18.61
C PHE C 255 4.81 18.65 -18.01
N ASN C 256 4.98 19.69 -18.81
CA ASN C 256 4.55 21.06 -18.51
C ASN C 256 5.32 21.74 -17.40
C MET D 1 -25.69 -44.24 21.61
N SER D 2 -25.30 -43.15 20.94
CA SER D 2 -24.16 -43.03 20.06
C SER D 2 -23.38 -41.84 20.66
N VAL D 3 -22.05 -41.94 20.75
CA VAL D 3 -21.22 -40.78 21.10
C VAL D 3 -21.02 -40.01 19.81
N PRO D 4 -21.28 -38.69 19.79
CA PRO D 4 -21.05 -37.95 18.52
C PRO D 4 -19.58 -37.91 18.13
N ALA D 5 -19.29 -37.97 16.84
CA ALA D 5 -17.90 -38.03 16.36
C ALA D 5 -17.13 -36.72 16.59
N GLY D 6 -15.80 -36.81 16.74
CA GLY D 6 -14.95 -35.64 16.98
C GLY D 6 -15.13 -34.99 18.35
N SER D 7 -15.74 -35.70 19.30
CA SER D 7 -15.96 -35.13 20.62
C SER D 7 -14.90 -35.60 21.62
N VAL D 8 -14.79 -34.89 22.77
CA VAL D 8 -13.72 -35.07 23.77
C VAL D 8 -14.12 -36.02 24.88
N SER D 9 -13.27 -37.03 25.15
CA SER D 9 -13.45 -37.89 26.34
C SER D 9 -12.83 -37.22 27.56
N CYS D 10 -13.66 -36.67 28.43
CA CYS D 10 -13.19 -35.80 29.55
C CYS D 10 -12.40 -36.49 30.65
N LEU D 11 -12.86 -37.63 31.17
CA LEU D 11 -12.05 -38.41 32.12
C LEU D 11 -10.77 -38.94 31.52
N ALA D 12 -10.86 -39.47 30.29
CA ALA D 12 -9.67 -39.96 29.58
C ALA D 12 -8.60 -38.90 29.48
N ASN D 13 -8.98 -37.65 29.20
CA ASN D 13 -8.01 -36.58 29.04
C ASN D 13 -7.72 -35.88 30.34
N ALA D 14 -8.33 -36.37 31.43
CA ALA D 14 -8.10 -35.85 32.78
C ALA D 14 -8.51 -34.37 32.87
N LEU D 15 -9.66 -34.05 32.31
CA LEU D 15 -10.09 -32.66 32.21
C LEU D 15 -10.98 -32.19 33.37
N LEU D 16 -11.46 -33.09 34.23
CA LEU D 16 -12.42 -32.74 35.28
C LEU D 16 -11.98 -33.29 36.61
N ASN D 17 -12.16 -32.56 37.70
CA ASN D 17 -12.01 -33.15 39.02
C ASN D 17 -13.30 -33.88 39.37
N LEU D 18 -13.15 -35.01 40.04
CA LEU D 18 -14.29 -35.82 40.47
C LEU D 18 -14.33 -35.84 41.97
N ARG D 19 -15.53 -35.69 42.51
CA ARG D 19 -15.72 -35.79 43.94
C ARG D 19 -16.99 -36.60 44.18
N SER D 20 -16.85 -37.72 44.87
CA SER D 20 -18.01 -38.53 45.23
C SER D 20 -18.57 -38.13 46.58
N SER D 21 -19.80 -38.57 46.83
CA SER D 21 -20.44 -38.35 48.13
C SER D 21 -19.74 -39.19 49.19
N THR D 22 -19.59 -40.47 48.91
CA THR D 22 -18.86 -41.41 49.76
C THR D 22 -18.22 -42.51 48.93
N ASP D 23 -17.15 -43.09 49.48
CA ASP D 23 -16.35 -44.14 48.85
C ASP D 23 -16.36 -45.33 49.81
N TYR D 24 -16.68 -46.53 49.33
CA TYR D 24 -16.51 -47.73 50.14
C TYR D 24 -15.20 -47.70 50.88
N ASN D 25 -14.13 -47.43 50.12
CA ASN D 25 -12.84 -46.97 50.64
C ASN D 25 -12.06 -46.36 49.51
N ALA D 26 -10.89 -45.82 49.81
CA ALA D 26 -9.99 -45.33 48.79
C ALA D 26 -9.81 -46.30 47.60
N ASP D 27 -9.81 -47.61 47.86
CA ASP D 27 -9.59 -48.59 46.79
C ASP D 27 -10.86 -48.79 45.97
N HIS D 28 -11.94 -48.10 46.32
CA HIS D 28 -13.14 -48.01 45.46
C HIS D 28 -13.45 -46.56 45.03
N GLY D 29 -12.41 -45.73 44.90
CA GLY D 29 -12.64 -44.29 44.68
C GLY D 29 -12.93 -43.88 43.26
N VAL D 30 -13.26 -42.60 43.08
CA VAL D 30 -13.59 -42.04 41.77
C VAL D 30 -12.43 -42.17 40.79
N LYS D 31 -11.21 -42.24 41.32
CA LYS D 31 -10.04 -42.52 40.49
C LYS D 31 -10.19 -43.82 39.66
N ASN D 32 -11.07 -44.72 40.10
CA ASN D 32 -11.30 -45.97 39.37
C ASN D 32 -12.58 -45.97 38.52
N SER D 33 -13.17 -44.81 38.28
CA SER D 33 -14.49 -44.75 37.63
C SER D 33 -14.53 -44.61 36.10
N ILE D 34 -13.40 -44.41 35.42
CA ILE D 34 -13.46 -44.24 33.97
C ILE D 34 -14.06 -45.45 33.22
N LEU D 35 -14.97 -45.17 32.30
CA LEU D 35 -15.40 -46.12 31.30
C LEU D 35 -14.29 -47.13 30.97
N ASN D 36 -14.61 -48.43 31.05
CA ASN D 36 -13.68 -49.57 30.79
C ASN D 36 -12.47 -49.70 31.67
N PHE D 37 -12.47 -49.04 32.83
CA PHE D 37 -11.37 -49.23 33.76
C PHE D 37 -11.19 -50.74 34.06
N SER D 38 -9.93 -51.20 34.06
CA SER D 38 -9.57 -52.61 34.21
C SER D 38 -8.19 -52.73 34.92
N ASN D 39 -8.07 -53.51 35.99
CA ASN D 39 -6.70 -53.66 36.51
C ASN D 39 -6.24 -55.12 36.51
N SER D 40 -5.26 -55.46 37.32
CA SER D 40 -4.77 -56.84 37.37
C SER D 40 -5.89 -57.85 37.68
N LYS D 41 -5.83 -58.99 36.99
CA LYS D 41 -6.77 -60.10 37.14
C LYS D 41 -6.27 -61.06 38.22
N ASP D 42 -5.12 -60.76 38.77
CA ASP D 42 -4.56 -61.54 39.84
C ASP D 42 -5.46 -61.60 41.08
N ALA D 43 -6.16 -62.72 41.29
CA ALA D 43 -7.07 -62.87 42.45
C ALA D 43 -6.32 -62.93 43.79
N SER D 44 -5.01 -63.01 43.74
CA SER D 44 -4.21 -63.09 44.97
C SER D 44 -4.20 -61.79 45.77
N ARG D 45 -4.20 -60.63 45.09
CA ARG D 45 -4.16 -59.34 45.79
C ARG D 45 -5.19 -58.38 45.23
N PHE D 46 -5.50 -57.34 46.00
CA PHE D 46 -6.54 -56.41 45.61
C PHE D 46 -5.94 -55.05 45.24
N ASP D 47 -5.96 -54.72 43.95
CA ASP D 47 -5.48 -53.44 43.46
C ASP D 47 -6.57 -52.36 43.38
N GLY D 48 -7.79 -52.73 43.72
CA GLY D 48 -8.91 -51.81 43.80
C GLY D 48 -10.05 -52.30 42.94
N SER D 49 -11.23 -51.75 43.14
CA SER D 49 -12.40 -52.15 42.36
C SER D 49 -12.34 -51.55 40.97
N GLU D 50 -12.86 -52.27 39.98
CA GLU D 50 -12.97 -51.72 38.64
C GLU D 50 -14.31 -50.99 38.51
N SER D 51 -14.39 -49.88 39.26
CA SER D 51 -15.57 -49.08 39.43
C SER D 51 -15.31 -48.04 40.51
N TRP D 52 -16.17 -47.02 40.54
CA TRP D 52 -16.43 -46.33 41.79
C TRP D 52 -17.54 -47.05 42.53
N SER D 53 -17.41 -47.14 43.85
CA SER D 53 -18.44 -47.68 44.71
C SER D 53 -18.71 -46.78 45.92
N SER D 54 -19.98 -46.51 46.20
CA SER D 54 -20.31 -45.72 47.39
C SER D 54 -20.01 -46.52 48.65
N SER D 55 -20.00 -45.81 49.78
CA SER D 55 -19.94 -46.47 51.06
C SER D 55 -21.34 -46.62 51.62
N VAL D 56 -22.14 -45.56 51.59
CA VAL D 56 -23.53 -45.58 52.02
C VAL D 56 -24.33 -46.07 50.85
N LEU D 57 -25.42 -46.80 51.14
CA LEU D 57 -26.37 -47.27 50.13
C LEU D 57 -27.74 -46.66 50.37
N ASP D 58 -27.97 -45.48 49.81
CA ASP D 58 -29.27 -44.87 49.84
C ASP D 58 -29.53 -44.20 48.48
N LYS D 59 -30.52 -43.33 48.40
CA LYS D 59 -30.70 -42.64 47.14
C LYS D 59 -29.91 -41.33 46.98
N ASN D 60 -29.03 -40.99 47.94
CA ASN D 60 -28.32 -39.67 47.98
C ASN D 60 -26.84 -39.69 47.56
N GLN D 61 -26.43 -40.71 46.85
CA GLN D 61 -25.02 -40.81 46.51
C GLN D 61 -24.79 -40.23 45.12
N PHE D 62 -23.57 -39.76 44.88
CA PHE D 62 -23.29 -39.06 43.62
C PHE D 62 -21.81 -39.00 43.34
N ILE D 63 -21.49 -38.61 42.10
CA ILE D 63 -20.19 -38.08 41.77
C ILE D 63 -20.37 -36.73 41.08
N VAL D 64 -19.66 -35.72 41.58
CA VAL D 64 -19.62 -34.42 40.96
C VAL D 64 -18.37 -34.39 40.08
N ALA D 65 -18.54 -34.03 38.80
CA ALA D 65 -17.42 -33.78 37.88
C ALA D 65 -17.38 -32.28 37.53
N GLY D 66 -16.25 -31.62 37.75
CA GLY D 66 -16.17 -30.20 37.44
C GLY D 66 -14.83 -29.60 37.14
N SER D 67 -14.86 -28.42 36.52
CA SER D 67 -13.68 -27.58 36.38
C SER D 67 -14.06 -26.12 36.05
N ASP D 68 -13.08 -25.24 36.08
CA ASP D 68 -13.25 -23.81 35.88
C ASP D 68 -14.02 -23.48 34.61
N SER D 69 -13.84 -24.24 33.53
CA SER D 69 -14.36 -23.78 32.21
C SER D 69 -15.79 -24.24 31.89
N VAL D 70 -16.35 -23.65 30.84
CA VAL D 70 -17.66 -24.02 30.37
C VAL D 70 -17.57 -25.24 29.45
N LYS D 71 -18.09 -26.38 29.88
CA LYS D 71 -18.13 -27.47 28.97
C LYS D 71 -19.50 -27.47 28.29
N HIS D 72 -19.51 -27.83 27.00
CA HIS D 72 -20.72 -28.18 26.30
C HIS D 72 -20.79 -29.72 26.26
N PHE D 73 -21.42 -30.32 27.26
CA PHE D 73 -21.53 -31.79 27.35
C PHE D 73 -22.56 -32.29 26.37
N VAL D 74 -22.14 -33.27 25.56
CA VAL D 74 -22.97 -33.88 24.49
C VAL D 74 -23.49 -35.29 24.81
N ALA D 75 -22.79 -36.04 25.66
CA ALA D 75 -23.23 -37.40 25.97
C ALA D 75 -22.65 -37.87 27.28
N ILE D 76 -23.26 -38.89 27.86
CA ILE D 76 -22.68 -39.57 29.01
C ILE D 76 -22.78 -41.07 28.75
N SER D 77 -21.75 -41.79 29.18
CA SER D 77 -21.74 -43.23 29.07
C SER D 77 -21.61 -43.78 30.46
N THR D 78 -22.37 -44.84 30.76
CA THR D 78 -22.26 -45.50 32.05
C THR D 78 -22.18 -47.02 31.91
N GLN D 79 -21.43 -47.62 32.84
CA GLN D 79 -21.10 -49.05 32.85
C GLN D 79 -21.23 -49.54 34.29
N GLY D 80 -21.37 -50.85 34.46
CA GLY D 80 -21.32 -51.46 35.79
C GLY D 80 -19.88 -51.67 36.24
N ARG D 81 -19.72 -52.22 37.45
CA ARG D 81 -18.42 -52.63 38.02
C ARG D 81 -17.80 -53.81 37.25
N GLY D 82 -16.52 -53.69 36.92
CA GLY D 82 -15.84 -54.66 36.08
C GLY D 82 -15.57 -56.03 36.73
N ASP D 83 -15.39 -56.04 38.04
CA ASP D 83 -14.87 -57.20 38.78
C ASP D 83 -15.83 -57.84 39.85
N HIP D 84 -17.02 -57.26 40.05
CA HIP D 84 -18.10 -57.92 40.80
CB HIP D 84 -18.17 -57.52 42.28
CG HIP D 84 -17.35 -58.44 43.17
CD2 HIP D 84 -15.95 -58.39 43.31
NE2 HIP D 84 -15.58 -59.33 44.22
CE1 HIP D 84 -16.71 -59.95 44.66
ND1 HIP D 84 -17.80 -59.40 44.04
P HIP D 84 -19.42 -59.92 44.34
O1P HIP D 84 -20.18 -58.91 45.21
O2P HIP D 84 -20.04 -60.17 42.94
O3P HIP D 84 -19.21 -61.19 45.18
C HIP D 84 -19.44 -57.61 40.14
O HIP D 84 -19.54 -56.69 39.34
N ASP D 85 -20.48 -58.37 40.48
CA ASP D 85 -21.79 -58.14 39.91
C ASP D 85 -22.54 -56.93 40.53
N GLN D 86 -21.99 -55.73 40.35
CA GLN D 86 -22.63 -54.51 40.84
C GLN D 86 -22.76 -53.48 39.71
N TRP D 87 -23.93 -52.85 39.63
CA TRP D 87 -24.20 -51.83 38.62
C TRP D 87 -25.33 -50.92 39.04
N VAL D 88 -25.43 -49.79 38.37
CA VAL D 88 -26.45 -48.78 38.64
C VAL D 88 -27.49 -49.00 37.56
N THR D 89 -28.76 -48.97 37.95
CA THR D 89 -29.81 -49.40 37.02
C THR D 89 -30.60 -48.21 36.56
N SER D 90 -30.61 -47.17 37.37
CA SER D 90 -31.08 -45.86 36.94
C SER D 90 -30.30 -44.72 37.63
N TYR D 91 -30.37 -43.51 37.07
CA TYR D 91 -29.77 -42.33 37.74
C TYR D 91 -30.41 -41.02 37.32
N LYS D 92 -30.19 -39.99 38.14
CA LYS D 92 -30.55 -38.61 37.82
C LYS D 92 -29.28 -37.79 37.53
N LEU D 93 -29.44 -36.70 36.77
CA LEU D 93 -28.37 -35.75 36.48
C LEU D 93 -28.75 -34.41 37.03
N ARG D 94 -27.80 -33.75 37.69
CA ARG D 94 -27.90 -32.33 38.04
C ARG D 94 -26.69 -31.60 37.48
N TYR D 95 -26.79 -30.28 37.31
CA TYR D 95 -25.67 -29.48 36.77
C TYR D 95 -25.79 -28.02 37.10
N THR D 96 -24.67 -27.32 37.02
CA THR D 96 -24.66 -25.88 37.27
C THR D 96 -23.77 -25.15 36.28
N LEU D 97 -24.21 -23.96 35.85
CA LEU D 97 -23.35 -23.10 35.02
C LEU D 97 -22.52 -22.16 35.89
N ASP D 98 -23.13 -21.53 36.88
CA ASP D 98 -22.44 -20.55 37.73
C ASP D 98 -21.84 -21.12 39.03
N ASN D 99 -22.11 -22.40 39.34
CA ASN D 99 -21.54 -23.05 40.54
C ASN D 99 -22.16 -22.44 41.80
N VAL D 100 -23.40 -21.97 41.65
CA VAL D 100 -24.23 -21.44 42.75
C VAL D 100 -25.63 -22.09 42.59
N ASN D 101 -26.20 -22.04 41.39
CA ASN D 101 -27.52 -22.60 41.16
C ASN D 101 -27.49 -23.90 40.36
N TRP D 102 -27.91 -24.98 41.04
CA TRP D 102 -27.98 -26.30 40.39
C TRP D 102 -29.35 -26.49 39.77
N VAL D 103 -29.35 -27.08 38.59
CA VAL D 103 -30.62 -27.41 37.96
C VAL D 103 -30.67 -28.93 37.73
N GLU D 104 -31.89 -29.49 37.71
CA GLU D 104 -32.09 -30.92 37.51
C GLU D 104 -32.21 -31.17 36.02
N TYR D 105 -31.37 -32.06 35.48
CA TYR D 105 -31.40 -32.32 34.06
C TYR D 105 -32.81 -32.69 33.63
N ASN D 106 -33.29 -32.01 32.57
CA ASN D 106 -34.52 -32.38 31.90
C ASN D 106 -35.69 -32.65 32.87
N ASN D 107 -36.02 -31.67 33.71
CA ASN D 107 -37.10 -31.78 34.74
C ASN D 107 -36.91 -32.91 35.74
N GLY D 108 -35.67 -33.30 36.01
CA GLY D 108 -35.43 -34.37 36.97
C GLY D 108 -35.81 -35.76 36.46
N GLU D 109 -35.67 -35.94 35.15
CA GLU D 109 -35.82 -37.23 34.51
C GLU D 109 -35.00 -38.34 35.18
N ILE D 110 -35.66 -39.44 35.50
CA ILE D 110 -34.94 -40.66 35.94
C ILE D 110 -34.44 -41.41 34.70
N ILE D 111 -33.13 -41.56 34.57
CA ILE D 111 -32.55 -42.14 33.37
C ILE D 111 -32.31 -43.61 33.59
N ASN D 112 -32.65 -44.42 32.58
CA ASN D 112 -32.44 -45.86 32.62
C ASN D 112 -31.01 -46.26 32.25
N ALA D 113 -30.38 -46.98 33.17
CA ALA D 113 -28.96 -47.19 33.14
C ALA D 113 -28.57 -48.63 32.80
N ASN D 114 -27.80 -49.27 33.68
CA ASN D 114 -27.10 -50.51 33.34
C ASN D 114 -27.81 -51.77 33.79
N LYS D 115 -27.43 -52.90 33.19
CA LYS D 115 -28.15 -54.19 33.34
C LYS D 115 -27.19 -55.34 33.62
N ASP D 116 -25.91 -54.99 33.78
CA ASP D 116 -24.82 -55.95 33.82
C ASP D 116 -23.53 -55.20 34.11
N ARG D 117 -22.41 -55.91 33.96
CA ARG D 117 -21.08 -55.43 34.32
C ARG D 117 -20.48 -54.52 33.28
N ASN D 118 -20.53 -54.94 32.02
CA ASN D 118 -19.67 -54.36 31.02
C ASN D 118 -20.33 -53.61 29.88
N SER D 119 -21.64 -53.79 29.71
CA SER D 119 -22.34 -53.11 28.62
C SER D 119 -22.39 -51.58 28.84
N ILE D 120 -22.12 -50.85 27.75
CA ILE D 120 -22.14 -49.37 27.76
C ILE D 120 -23.54 -48.84 27.44
N VAL D 121 -24.12 -48.04 28.33
CA VAL D 121 -25.37 -47.31 28.06
C VAL D 121 -25.07 -45.81 27.89
N THR D 122 -25.30 -45.31 26.68
CA THR D 122 -25.06 -43.92 26.33
C THR D 122 -26.35 -43.10 26.23
N ILE D 123 -26.33 -41.91 26.83
CA ILE D 123 -27.44 -40.98 26.74
C ILE D 123 -26.89 -39.72 26.08
N ASN D 124 -27.62 -39.22 25.09
CA ASN D 124 -27.26 -37.99 24.36
C ASN D 124 -27.88 -36.72 24.92
N PHE D 125 -27.16 -35.62 24.76
CA PHE D 125 -27.62 -34.32 25.19
C PHE D 125 -27.66 -33.45 23.95
N ASN D 126 -28.87 -33.17 23.51
CA ASN D 126 -29.06 -32.25 22.40
C ASN D 126 -30.32 -31.48 22.71
N PRO D 127 -30.18 -30.16 22.94
CA PRO D 127 -28.90 -29.47 22.84
C PRO D 127 -27.95 -29.81 24.01
N PRO D 128 -26.64 -29.50 23.86
CA PRO D 128 -25.66 -29.71 24.90
C PRO D 128 -26.02 -29.16 26.29
N ILE D 129 -25.55 -29.84 27.33
CA ILE D 129 -25.62 -29.29 28.67
C ILE D 129 -24.42 -28.38 28.75
N LYS D 130 -24.69 -27.14 29.12
CA LYS D 130 -23.68 -26.11 29.16
C LYS D 130 -23.45 -25.87 30.62
N ALA D 131 -22.35 -26.41 31.14
CA ALA D 131 -22.11 -26.37 32.59
C ALA D 131 -20.64 -26.28 33.01
N ARG D 132 -20.40 -25.90 34.25
CA ARG D 132 -19.06 -26.03 34.82
C ARG D 132 -18.89 -27.37 35.56
N SER D 133 -19.97 -27.84 36.18
CA SER D 133 -19.97 -29.03 37.05
C SER D 133 -21.21 -29.84 36.78
N ILE D 134 -21.09 -31.14 36.84
CA ILE D 134 -22.21 -32.00 36.59
C ILE D 134 -22.10 -33.17 37.56
N ALA D 135 -23.23 -33.80 37.88
CA ALA D 135 -23.30 -34.78 38.96
C ALA D 135 -24.22 -35.88 38.55
N ILE D 136 -23.69 -37.10 38.59
CA ILE D 136 -24.50 -38.31 38.41
C ILE D 136 -25.06 -38.72 39.78
N HIS D 137 -26.37 -38.93 39.84
CA HIS D 137 -27.05 -39.24 41.11
C HIS D 137 -27.79 -40.58 40.98
N PRO D 138 -27.11 -41.71 41.31
CA PRO D 138 -27.72 -43.05 41.25
C PRO D 138 -29.03 -43.15 42.05
N GLN D 139 -30.07 -43.68 41.42
CA GLN D 139 -31.35 -43.80 42.09
C GLN D 139 -31.61 -45.22 42.61
N THR D 140 -31.44 -46.20 41.73
CA THR D 140 -31.59 -47.60 42.05
C THR D 140 -30.34 -48.31 41.56
N TYR D 141 -30.05 -49.48 42.12
CA TYR D 141 -28.81 -50.19 41.82
C TYR D 141 -28.96 -51.70 41.97
N ASN D 142 -28.12 -52.45 41.27
CA ASN D 142 -27.99 -53.90 41.51
C ASN D 142 -26.84 -54.29 42.48
N ASN D 143 -27.24 -54.82 43.65
CA ASN D 143 -26.35 -55.20 44.79
C ASN D 143 -25.58 -54.07 45.45
N HIS D 144 -25.12 -53.10 44.65
CA HIS D 144 -24.29 -52.04 45.20
C HIS D 144 -24.08 -50.91 44.19
N ILE D 145 -24.12 -49.68 44.69
CA ILE D 145 -23.92 -48.52 43.85
C ILE D 145 -22.48 -48.59 43.35
N SER D 146 -22.34 -49.07 42.12
CA SER D 146 -21.03 -49.20 41.50
C SER D 146 -21.12 -48.91 40.02
N LEU D 147 -20.21 -48.05 39.53
CA LEU D 147 -20.26 -47.65 38.14
C LEU D 147 -18.91 -47.22 37.56
N ARG D 148 -18.79 -47.28 36.24
CA ARG D 148 -17.76 -46.56 35.51
C ARG D 148 -18.51 -45.68 34.54
N TRP D 149 -17.87 -44.61 34.06
CA TRP D 149 -18.55 -43.65 33.18
C TRP D 149 -17.60 -42.79 32.35
N GLU D 150 -18.17 -42.07 31.41
CA GLU D 150 -17.40 -41.11 30.67
C GLU D 150 -18.32 -39.99 30.30
N LEU D 151 -17.77 -38.78 30.32
CA LEU D 151 -18.49 -37.58 29.92
C LEU D 151 -17.90 -37.09 28.61
N TYR D 152 -18.76 -36.68 27.68
CA TYR D 152 -18.30 -36.24 26.35
C TYR D 152 -18.64 -34.79 26.08
N ALA D 153 -17.65 -34.02 25.64
CA ALA D 153 -17.87 -32.58 25.43
C ALA D 153 -17.44 -32.12 24.02
N LEU D 154 -17.97 -30.99 23.58
CA LEU D 154 -17.51 -30.37 22.33
C LEU D 154 -16.05 -29.98 22.45
N PRO D 155 -15.31 -30.02 21.33
CA PRO D 155 -13.96 -29.51 21.45
C PRO D 155 -13.97 -27.98 21.61
N VAL D 156 -12.90 -27.44 22.19
CA VAL D 156 -12.71 -25.98 22.24
C VAL D 156 -12.64 -25.32 20.85
N LYS D 157 -13.51 -24.34 20.61
CA LYS D 157 -13.42 -23.44 19.44
C LYS D 157 -12.12 -22.63 19.51
N SER D 158 -11.40 -22.56 18.40
CA SER D 158 -10.18 -21.75 18.35
C SER D 158 -10.40 -20.21 18.43
N TYR D 159 -11.61 -19.74 18.19
CA TYR D 159 -11.91 -18.31 18.34
C TYR D 159 -12.16 -17.85 19.77
N SER D 160 -11.85 -18.68 20.77
CA SER D 160 -12.17 -18.28 22.16
C SER D 160 -11.01 -18.10 23.15
N ASN D 161 -11.26 -17.28 24.17
CA ASN D 161 -10.22 -16.85 25.12
C ASN D 161 -8.92 -16.36 24.47
N PRO D 162 -9.06 -15.45 23.49
CA PRO D 162 -7.86 -14.97 22.77
C PRO D 162 -7.08 -13.98 23.63
N SER D 163 -5.76 -13.94 23.48
CA SER D 163 -4.95 -12.93 24.15
C SER D 163 -5.16 -11.56 23.47
N VAL D 164 -4.91 -10.47 24.20
CA VAL D 164 -5.08 -9.10 23.65
C VAL D 164 -3.99 -8.18 24.14
N GLN D 165 -3.61 -7.24 23.28
CA GLN D 165 -2.80 -6.09 23.64
C GLN D 165 -3.33 -4.88 22.85
N VAL D 166 -3.27 -3.70 23.46
CA VAL D 166 -3.96 -2.54 22.90
C VAL D 166 -3.04 -1.35 22.98
N GLY D 167 -3.30 -0.31 22.21
CA GLY D 167 -2.40 0.84 22.24
C GLY D 167 -2.73 1.81 21.17
N GLU D 168 -1.87 2.81 20.98
CA GLU D 168 -2.21 3.90 20.05
C GLU D 168 -1.02 4.31 19.22
N VAL D 169 -1.27 4.95 18.10
CA VAL D 169 -0.20 5.32 17.20
C VAL D 169 -0.63 6.46 16.29
N SER D 170 0.25 7.43 16.19
CA SER D 170 0.09 8.64 15.40
C SER D 170 1.21 8.85 14.41
N ILE D 171 0.94 9.75 13.44
CA ILE D 171 1.96 10.21 12.52
C ILE D 171 2.93 11.02 13.35
N GLY D 172 2.38 11.92 14.16
CA GLY D 172 3.17 12.67 15.13
C GLY D 172 4.02 13.77 14.52
N ASP D 173 3.94 13.98 13.21
CA ASP D 173 4.74 15.01 12.54
C ASP D 173 4.11 15.36 11.18
N ARG D 174 4.72 16.27 10.43
CA ARG D 174 4.10 16.79 9.21
C ARG D 174 4.38 15.93 7.97
N SER D 175 4.83 14.68 8.22
CA SER D 175 5.19 13.72 7.16
C SER D 175 4.26 13.68 5.97
N LEU D 176 2.95 13.75 6.20
CA LEU D 176 1.98 13.67 5.12
C LEU D 176 1.32 15.01 4.80
N ASN D 177 1.92 16.10 5.25
CA ASN D 177 1.22 17.37 5.17
C ASN D 177 1.56 18.15 3.89
N SER D 178 2.19 17.44 2.94
CA SER D 178 2.65 18.00 1.68
C SER D 178 3.02 16.89 0.68
N GLY D 179 3.45 17.31 -0.52
CA GLY D 179 3.71 16.41 -1.65
C GLY D 179 2.39 16.14 -2.34
N THR D 180 2.45 15.40 -3.44
CA THR D 180 1.25 15.12 -4.23
C THR D 180 1.12 13.64 -4.42
N GLY D 181 -0.07 13.19 -4.80
CA GLY D 181 -0.28 11.81 -5.19
C GLY D 181 -0.35 10.89 -3.98
N SER D 182 -0.28 9.60 -4.25
CA SER D 182 -0.26 8.55 -3.23
C SER D 182 0.95 8.68 -2.36
N ARG D 183 0.72 8.95 -1.07
CA ARG D 183 1.82 9.15 -0.16
C ARG D 183 1.69 8.18 1.03
N THR D 184 2.82 7.81 1.62
CA THR D 184 2.80 6.88 2.75
C THR D 184 3.85 7.27 3.77
N ILE D 185 3.50 7.15 5.04
CA ILE D 185 4.47 7.15 6.12
C ILE D 185 4.16 5.92 7.02
N VAL D 186 5.22 5.31 7.54
CA VAL D 186 5.13 4.07 8.27
C VAL D 186 5.56 4.33 9.70
N ARG D 187 4.71 3.96 10.65
CA ARG D 187 5.14 4.03 12.04
C ARG D 187 5.24 2.62 12.58
N HIS D 188 6.45 2.23 12.98
CA HIS D 188 6.65 0.88 13.54
CA HIS D 188 6.71 0.90 13.54
C HIS D 188 6.20 0.82 14.97
N VAL D 189 5.28 -0.09 15.26
CA VAL D 189 4.80 -0.27 16.61
C VAL D 189 5.33 -1.58 17.21
N LYS D 190 5.82 -1.47 18.44
CA LYS D 190 6.37 -2.59 19.19
C LYS D 190 5.31 -2.94 20.25
N PHE D 191 4.88 -4.20 20.32
CA PHE D 191 3.95 -4.61 21.40
C PHE D 191 4.63 -4.52 22.80
N PRO D 192 3.93 -4.04 23.81
CA PRO D 192 4.59 -4.02 25.13
C PRO D 192 5.22 -5.40 25.46
N VAL D 193 4.47 -6.47 25.22
CA VAL D 193 4.99 -7.81 25.44
C VAL D 193 4.92 -8.55 24.14
N GLU D 194 5.93 -9.36 23.88
CA GLU D 194 5.95 -10.18 22.71
C GLU D 194 4.96 -11.34 22.82
N PHE D 195 4.20 -11.58 21.75
CA PHE D 195 3.22 -12.67 21.66
C PHE D 195 3.89 -14.00 21.40
N LEU D 196 3.17 -15.11 21.47
CA LEU D 196 3.81 -16.39 21.15
C LEU D 196 3.60 -16.82 19.71
N SER D 197 2.46 -16.43 19.15
CA SER D 197 2.28 -16.54 17.74
C SER D 197 1.81 -15.16 17.21
N VAL D 198 1.71 -15.01 15.89
CA VAL D 198 1.41 -13.73 15.25
C VAL D 198 -0.06 -13.32 15.42
N PRO D 199 -0.29 -12.11 15.98
CA PRO D 199 -1.68 -11.73 16.20
C PRO D 199 -2.25 -11.09 14.93
N ILE D 200 -3.57 -10.92 14.88
CA ILE D 200 -4.14 -9.99 13.93
C ILE D 200 -4.18 -8.66 14.66
N VAL D 201 -4.13 -7.56 13.89
CA VAL D 201 -4.14 -6.22 14.46
C VAL D 201 -5.30 -5.43 13.85
N SER D 202 -6.25 -5.05 14.69
CA SER D 202 -7.43 -4.32 14.27
C SER D 202 -7.30 -2.81 14.66
N ILE D 203 -7.78 -1.91 13.81
CA ILE D 203 -7.59 -0.47 14.08
C ILE D 203 -8.86 0.35 13.91
N GLY D 204 -8.90 1.50 14.59
CA GLY D 204 -9.93 2.52 14.36
C GLY D 204 -9.33 3.89 14.63
N CYS D 205 -9.66 4.87 13.79
CA CYS D 205 -9.16 6.25 13.91
C CYS D 205 -9.74 7.00 15.09
N LYS D 206 -8.93 7.70 15.87
CA LYS D 206 -9.50 8.56 16.89
C LYS D 206 -9.11 10.04 16.75
N LYS D 207 -8.41 10.36 15.66
CA LYS D 207 -8.04 11.75 15.39
C LYS D 207 -7.79 12.01 13.92
N VAL D 208 -8.55 12.93 13.37
CA VAL D 208 -8.24 13.45 12.06
C VAL D 208 -7.88 14.93 12.19
N ASP D 209 -6.78 15.30 11.56
CA ASP D 209 -6.36 16.69 11.40
C ASP D 209 -5.87 16.79 9.97
N ALA D 210 -6.76 17.11 9.05
CA ALA D 210 -6.46 16.97 7.62
C ALA D 210 -7.12 18.08 6.79
N HIS D 211 -6.54 18.35 5.63
CA HIS D 211 -7.09 19.37 4.76
C HIS D 211 -7.76 18.71 3.60
N THR D 212 -8.93 19.19 3.22
CA THR D 212 -9.54 18.65 2.00
C THR D 212 -8.75 19.05 0.77
N ASP D 213 -9.03 18.34 -0.32
CA ASP D 213 -8.47 18.67 -1.61
C ASP D 213 -9.65 18.89 -2.57
N ASN D 214 -9.92 20.15 -2.87
CA ASN D 214 -11.12 20.56 -3.61
C ASN D 214 -12.40 19.87 -3.16
N GLY D 215 -12.56 19.78 -1.83
CA GLY D 215 -13.78 19.31 -1.18
C GLY D 215 -13.74 17.82 -0.84
N GLN D 216 -12.76 17.11 -1.40
CA GLN D 216 -12.55 15.69 -1.12
C GLN D 216 -11.63 15.41 0.10
N MET D 217 -12.06 14.51 0.98
CA MET D 217 -11.22 14.02 2.08
C MET D 217 -10.67 12.65 1.69
N ARG D 218 -9.39 12.42 1.99
CA ARG D 218 -8.76 11.16 1.67
C ARG D 218 -7.74 10.80 2.72
N TRP D 219 -8.05 9.77 3.51
CA TRP D 219 -7.07 9.17 4.41
C TRP D 219 -7.38 7.70 4.65
N GLU D 220 -6.31 6.95 4.94
CA GLU D 220 -6.39 5.53 5.27
C GLU D 220 -5.28 5.16 6.24
N GLY D 221 -5.59 4.21 7.12
CA GLY D 221 -4.58 3.50 7.91
C GLY D 221 -4.63 1.99 7.62
N LYS D 222 -3.48 1.33 7.63
CA LYS D 222 -3.40 -0.12 7.43
C LYS D 222 -2.37 -0.70 8.40
N SER D 223 -2.69 -1.82 9.06
CA SER D 223 -1.65 -2.58 9.76
C SER D 223 -1.07 -3.67 8.86
N GLU D 224 0.26 -3.72 8.80
CA GLU D 224 1.00 -4.55 7.90
C GLU D 224 2.24 -5.03 8.64
N ASN D 225 2.88 -6.05 8.07
CA ASN D 225 4.09 -6.68 8.63
C ASN D 225 3.90 -7.02 10.11
N ILE D 226 2.72 -7.52 10.46
CA ILE D 226 2.48 -8.00 11.80
C ILE D 226 3.41 -9.19 12.07
N THR D 227 4.17 -9.12 13.17
CA THR D 227 4.96 -10.22 13.68
C THR D 227 4.54 -10.41 15.12
N THR D 228 5.29 -11.26 15.84
CA THR D 228 5.00 -11.53 17.25
C THR D 228 5.40 -10.33 18.11
N LYS D 229 6.36 -9.54 17.61
CA LYS D 229 6.93 -8.41 18.36
C LYS D 229 6.30 -7.06 18.07
N GLY D 230 5.63 -6.94 16.94
CA GLY D 230 5.01 -5.67 16.59
C GLY D 230 4.39 -5.64 15.22
N PHE D 231 4.11 -4.42 14.70
CA PHE D 231 3.58 -4.23 13.35
C PHE D 231 3.83 -2.81 12.85
N ASP D 232 3.50 -2.56 11.58
CA ASP D 232 3.64 -1.22 11.02
C ASP D 232 2.30 -0.55 10.86
N LEU D 233 2.12 0.65 11.39
CA LEU D 233 0.94 1.40 10.97
C LEU D 233 1.34 2.23 9.76
N THR D 234 0.71 1.92 8.65
CA THR D 234 0.95 2.59 7.38
C THR D 234 -0.10 3.66 7.17
N PHE D 235 0.36 4.90 7.18
CA PHE D 235 -0.54 6.03 7.07
C PHE D 235 -0.56 6.46 5.62
N ILE D 236 -1.76 6.65 5.09
CA ILE D 236 -1.94 6.78 3.69
C ILE D 236 -2.81 7.98 3.38
N THR D 237 -2.35 8.75 2.40
CA THR D 237 -3.22 9.66 1.70
C THR D 237 -2.97 9.62 0.17
N TRP D 238 -3.91 10.19 -0.58
CA TRP D 238 -3.74 10.29 -2.02
C TRP D 238 -4.38 11.61 -2.56
N GLY D 239 -4.55 11.74 -3.88
CA GLY D 239 -4.75 13.08 -4.47
C GLY D 239 -3.65 14.05 -3.96
N ASN D 240 -4.07 15.24 -3.55
CA ASN D 240 -3.15 16.23 -3.00
C ASN D 240 -3.55 16.63 -1.60
N ASN D 241 -4.22 15.73 -0.88
CA ASN D 241 -4.61 16.04 0.47
C ASN D 241 -3.37 16.24 1.31
N ALA D 242 -3.40 17.30 2.11
CA ALA D 242 -2.41 17.51 3.15
C ALA D 242 -2.95 16.97 4.48
N VAL D 243 -2.32 15.91 4.99
CA VAL D 243 -2.65 15.33 6.32
C VAL D 243 -1.70 15.81 7.39
N TYR D 244 -2.21 16.52 8.39
CA TYR D 244 -1.35 17.10 9.38
C TYR D 244 -1.04 16.01 10.42
N ASP D 245 -2.08 15.31 10.85
CA ASP D 245 -1.86 14.19 11.76
C ASP D 245 -3.01 13.18 11.68
N LEU D 246 -2.69 11.95 12.04
CA LEU D 246 -3.71 10.93 12.30
C LEU D 246 -3.39 10.14 13.54
N THR D 247 -4.43 9.63 14.20
CA THR D 247 -4.26 8.71 15.30
C THR D 247 -5.20 7.51 15.21
N PHE D 248 -4.63 6.33 15.40
CA PHE D 248 -5.39 5.09 15.50
C PHE D 248 -5.22 4.41 16.87
N ASP D 249 -6.32 3.90 17.41
CA ASP D 249 -6.23 2.87 18.49
C ASP D 249 -6.09 1.52 17.80
N TYR D 250 -5.26 0.65 18.37
CA TYR D 250 -5.15 -0.72 17.86
C TYR D 250 -5.41 -1.78 18.96
N VAL D 251 -6.02 -2.88 18.50
CA VAL D 251 -6.31 -4.06 19.29
C VAL D 251 -5.64 -5.26 18.60
N ALA D 252 -4.52 -5.73 19.17
CA ALA D 252 -3.86 -6.95 18.74
C ALA D 252 -4.44 -8.13 19.48
N VAL D 253 -4.89 -9.12 18.72
CA VAL D 253 -5.62 -10.25 19.26
C VAL D 253 -4.93 -11.52 18.79
N GLU D 254 -4.48 -12.35 19.72
CA GLU D 254 -3.89 -13.64 19.38
C GLU D 254 -4.83 -14.80 19.76
N PHE D 255 -5.12 -15.69 18.79
CA PHE D 255 -6.06 -16.81 19.01
C PHE D 255 -5.35 -18.12 19.33
N ASN D 256 -6.02 -18.96 20.13
CA ASN D 256 -5.67 -20.37 20.24
C ASN D 256 -4.24 -20.66 20.76
N ASN D 257 -3.68 -19.78 21.60
CA ASN D 257 -2.35 -19.97 22.27
C ASN D 257 -2.35 -19.84 23.83
C MET E 1 18.73 -30.29 32.15
N SER E 2 17.69 -29.48 32.30
CA SER E 2 17.71 -28.37 33.22
C SER E 2 16.40 -27.55 33.09
N VAL E 3 15.77 -27.23 34.23
CA VAL E 3 14.50 -26.49 34.24
C VAL E 3 14.72 -24.99 34.01
N PRO E 4 14.24 -24.42 32.86
CA PRO E 4 14.35 -22.98 32.56
C PRO E 4 13.87 -22.10 33.71
N ALA E 5 14.57 -20.99 33.95
CA ALA E 5 14.28 -20.08 35.07
C ALA E 5 12.89 -19.47 34.96
N GLY E 6 12.16 -19.42 36.07
CA GLY E 6 10.76 -18.91 36.05
C GLY E 6 9.70 -19.78 35.37
N SER E 7 9.99 -21.06 35.18
CA SER E 7 8.97 -22.04 34.80
C SER E 7 8.03 -22.27 36.00
N VAL E 8 6.78 -22.65 35.69
CA VAL E 8 5.80 -23.09 36.66
C VAL E 8 5.94 -24.60 36.95
N SER E 9 5.96 -24.97 38.23
CA SER E 9 5.84 -26.37 38.65
C SER E 9 4.36 -26.79 38.75
N CYS E 10 3.90 -27.54 37.74
CA CYS E 10 2.46 -27.80 37.58
C CYS E 10 1.86 -28.71 38.66
N LEU E 11 2.55 -29.78 39.02
CA LEU E 11 1.97 -30.66 40.03
C LEU E 11 2.08 -30.00 41.37
N ALA E 12 3.16 -29.26 41.62
CA ALA E 12 3.28 -28.58 42.91
C ALA E 12 2.22 -27.54 43.09
N ASN E 13 1.82 -26.88 42.01
CA ASN E 13 0.78 -25.86 42.10
C ASN E 13 -0.63 -26.40 41.97
N ALA E 14 -0.75 -27.74 41.95
CA ALA E 14 -2.04 -28.41 41.83
C ALA E 14 -2.81 -27.89 40.60
N LEU E 15 -2.10 -27.80 39.48
CA LEU E 15 -2.70 -27.29 38.24
C LEU E 15 -3.20 -28.37 37.26
N LEU E 16 -2.76 -29.61 37.46
CA LEU E 16 -3.07 -30.74 36.57
C LEU E 16 -3.84 -31.89 37.30
N ASN E 17 -4.89 -32.43 36.66
CA ASN E 17 -5.55 -33.66 37.13
C ASN E 17 -4.70 -34.80 36.66
N LEU E 18 -4.53 -35.82 37.50
CA LEU E 18 -3.72 -36.95 37.09
C LEU E 18 -4.58 -38.17 36.96
N ARG E 19 -4.36 -38.97 35.93
CA ARG E 19 -5.05 -40.26 35.85
C ARG E 19 -4.12 -41.37 35.43
N SER E 20 -4.06 -42.43 36.24
CA SER E 20 -3.17 -43.53 35.92
C SER E 20 -3.90 -44.59 35.15
N SER E 21 -3.13 -45.44 34.46
CA SER E 21 -3.69 -46.60 33.77
C SER E 21 -4.13 -47.59 34.85
N THR E 22 -3.23 -47.93 35.76
CA THR E 22 -3.56 -48.74 36.95
C THR E 22 -2.72 -48.28 38.13
N ASP E 23 -3.18 -48.63 39.33
CA ASP E 23 -2.49 -48.39 40.59
C ASP E 23 -2.28 -49.73 41.30
N TYR E 24 -1.06 -50.00 41.80
CA TYR E 24 -0.87 -51.16 42.67
C TYR E 24 -1.99 -51.25 43.71
N ASN E 25 -2.25 -50.11 44.33
CA ASN E 25 -3.46 -49.80 45.05
C ASN E 25 -3.50 -48.28 45.32
N ALA E 26 -4.55 -47.85 46.02
CA ALA E 26 -4.77 -46.45 46.28
C ALA E 26 -3.62 -45.80 47.04
N ASP E 27 -3.01 -46.56 47.95
CA ASP E 27 -1.78 -46.09 48.59
C ASP E 27 -0.56 -46.03 47.64
N HIS E 28 -0.69 -46.44 46.38
CA HIS E 28 0.36 -46.23 45.36
C HIS E 28 -0.13 -45.31 44.20
N GLY E 29 -1.18 -44.52 44.46
CA GLY E 29 -1.81 -43.69 43.45
C GLY E 29 -1.06 -42.45 43.02
N VAL E 30 -1.60 -41.78 42.00
CA VAL E 30 -0.96 -40.59 41.40
C VAL E 30 -0.81 -39.45 42.41
N LYS E 31 -1.63 -39.45 43.44
CA LYS E 31 -1.58 -38.45 44.50
C LYS E 31 -0.22 -38.47 45.19
N ASN E 32 0.55 -39.56 44.98
CA ASN E 32 1.85 -39.77 45.62
C ASN E 32 2.98 -39.65 44.63
N SER E 33 2.74 -38.95 43.54
CA SER E 33 3.66 -39.05 42.42
C SER E 33 4.53 -37.83 42.18
N ILE E 34 4.36 -36.78 42.96
CA ILE E 34 5.13 -35.55 42.65
C ILE E 34 6.65 -35.73 42.85
N LEU E 35 7.44 -35.09 41.99
CA LEU E 35 8.89 -35.00 42.17
C LEU E 35 9.28 -34.74 43.63
N ASN E 36 10.25 -35.49 44.13
CA ASN E 36 10.71 -35.33 45.53
C ASN E 36 9.74 -35.69 46.59
N PHE E 37 8.61 -36.30 46.23
CA PHE E 37 7.61 -36.69 47.26
C PHE E 37 8.32 -37.48 48.35
N SER E 38 7.94 -37.22 49.60
CA SER E 38 8.35 -38.12 50.69
C SER E 38 7.31 -38.11 51.79
N ASN E 39 7.23 -39.18 52.56
CA ASN E 39 6.36 -39.15 53.72
C ASN E 39 7.09 -39.60 54.97
N SER E 40 6.38 -40.21 55.92
CA SER E 40 6.98 -40.67 57.15
C SER E 40 8.12 -41.68 56.85
N LYS E 41 9.29 -41.41 57.42
CA LYS E 41 10.44 -42.30 57.29
C LYS E 41 10.39 -43.45 58.32
N ASP E 42 9.22 -43.63 58.93
CA ASP E 42 8.95 -44.68 59.88
C ASP E 42 8.54 -45.95 59.16
N ALA E 43 9.43 -46.94 59.05
CA ALA E 43 9.06 -48.21 58.38
C ALA E 43 8.05 -49.15 59.13
N SER E 44 7.57 -48.76 60.31
CA SER E 44 6.62 -49.60 61.08
C SER E 44 5.11 -49.32 60.83
N ARG E 45 4.82 -48.43 59.87
CA ARG E 45 3.45 -48.16 59.41
C ARG E 45 3.53 -47.67 57.97
N PHE E 46 2.69 -48.22 57.10
CA PHE E 46 2.78 -47.89 55.69
C PHE E 46 1.79 -46.75 55.36
N ASP E 47 2.36 -45.65 54.90
CA ASP E 47 1.61 -44.44 54.62
C ASP E 47 1.58 -44.16 53.11
N GLY E 48 1.88 -45.17 52.31
CA GLY E 48 1.84 -45.10 50.84
C GLY E 48 3.25 -45.06 50.28
N SER E 49 3.39 -45.39 49.00
CA SER E 49 4.68 -45.33 48.31
C SER E 49 5.15 -43.89 48.06
N GLU E 50 6.46 -43.70 47.94
CA GLU E 50 6.95 -42.40 47.55
C GLU E 50 7.07 -42.43 46.04
N SER E 51 5.90 -42.60 45.42
CA SER E 51 5.76 -42.67 43.98
C SER E 51 4.37 -43.13 43.65
N TRP E 52 4.04 -42.94 42.37
CA TRP E 52 3.00 -43.75 41.71
C TRP E 52 3.56 -45.14 41.37
N SER E 53 2.77 -46.17 41.60
CA SER E 53 3.17 -47.51 41.13
C SER E 53 2.01 -48.24 40.47
N SER E 54 2.28 -48.78 39.28
CA SER E 54 1.28 -49.46 38.49
C SER E 54 0.93 -50.80 39.11
N SER E 55 -0.24 -51.34 38.76
CA SER E 55 -0.59 -52.69 39.17
C SER E 55 -0.07 -53.71 38.14
N VAL E 56 -0.45 -53.51 36.89
CA VAL E 56 -0.03 -54.37 35.80
C VAL E 56 1.35 -53.91 35.32
N LEU E 57 2.27 -54.87 35.20
CA LEU E 57 3.61 -54.61 34.64
C LEU E 57 3.60 -55.04 33.19
N ASP E 58 3.83 -54.08 32.30
CA ASP E 58 3.83 -54.25 30.83
C ASP E 58 4.17 -52.88 30.21
N LYS E 59 4.25 -52.76 28.90
CA LYS E 59 4.64 -51.49 28.32
C LYS E 59 3.45 -50.58 28.00
N ASN E 60 2.31 -50.78 28.68
CA ASN E 60 1.11 -49.98 28.40
C ASN E 60 0.58 -49.20 29.60
N GLN E 61 1.40 -49.04 30.63
CA GLN E 61 1.00 -48.18 31.75
C GLN E 61 1.27 -46.71 31.42
N PHE E 62 0.61 -45.79 32.14
CA PHE E 62 0.81 -44.35 31.96
C PHE E 62 0.18 -43.48 33.01
N ILE E 63 0.65 -42.25 33.13
CA ILE E 63 -0.11 -41.16 33.77
C ILE E 63 -0.42 -40.04 32.73
N VAL E 64 -1.71 -39.74 32.57
CA VAL E 64 -2.17 -38.54 31.92
C VAL E 64 -2.23 -37.41 32.93
N ALA E 65 -1.66 -36.26 32.56
CA ALA E 65 -1.86 -34.99 33.29
C ALA E 65 -2.63 -34.03 32.38
N GLY E 66 -3.62 -33.30 32.87
CA GLY E 66 -4.39 -32.43 31.97
C GLY E 66 -5.20 -31.33 32.62
N SER E 67 -5.63 -30.35 31.82
CA SER E 67 -6.59 -29.31 32.24
C SER E 67 -7.20 -28.58 31.05
N ASP E 68 -8.26 -27.82 31.27
CA ASP E 68 -9.00 -27.12 30.24
C ASP E 68 -8.07 -26.27 29.38
N SER E 69 -7.08 -25.63 30.00
CA SER E 69 -6.32 -24.56 29.32
C SER E 69 -5.12 -25.06 28.52
N VAL E 70 -4.62 -24.20 27.64
CA VAL E 70 -3.48 -24.52 26.78
C VAL E 70 -2.23 -24.26 27.62
N LYS E 71 -1.32 -25.22 27.67
CA LYS E 71 -0.06 -25.07 28.40
C LYS E 71 1.10 -25.15 27.42
N HIS E 72 2.18 -24.44 27.72
CA HIS E 72 3.38 -24.60 26.94
C HIS E 72 4.33 -25.34 27.84
N PHE E 73 4.44 -26.65 27.66
CA PHE E 73 5.37 -27.39 28.51
C PHE E 73 6.75 -27.20 27.95
N VAL E 74 7.69 -26.93 28.84
CA VAL E 74 9.09 -26.66 28.46
C VAL E 74 10.03 -27.75 28.96
N ALA E 75 9.56 -28.55 29.91
CA ALA E 75 10.40 -29.55 30.53
C ALA E 75 9.57 -30.59 31.30
N ILE E 76 10.16 -31.77 31.46
CA ILE E 76 9.64 -32.78 32.39
C ILE E 76 10.80 -33.35 33.17
N SER E 77 10.54 -33.65 34.44
CA SER E 77 11.52 -34.27 35.30
C SER E 77 10.95 -35.58 35.83
N THR E 78 11.73 -36.66 35.77
CA THR E 78 11.29 -37.91 36.38
C THR E 78 12.25 -38.39 37.46
N GLN E 79 11.71 -39.16 38.40
CA GLN E 79 12.47 -39.81 39.45
C GLN E 79 11.95 -41.23 39.59
N GLY E 80 12.71 -42.05 40.31
CA GLY E 80 12.23 -43.36 40.69
C GLY E 80 11.51 -43.22 42.00
N ARG E 81 11.13 -44.38 42.56
CA ARG E 81 10.42 -44.44 43.84
C ARG E 81 11.32 -44.09 45.01
N GLY E 82 10.73 -43.50 46.03
CA GLY E 82 11.53 -43.02 47.16
C GLY E 82 11.97 -44.11 48.15
N ASP E 83 11.06 -45.05 48.45
CA ASP E 83 11.20 -46.01 49.56
C ASP E 83 11.43 -47.49 49.15
N HIP E 84 11.70 -47.74 47.86
CA HIP E 84 12.00 -49.09 47.37
CB HIP E 84 10.76 -49.97 47.10
CG HIP E 84 10.40 -50.87 48.27
CD2 HIP E 84 9.61 -50.47 49.36
NE2 HIP E 84 9.47 -51.52 50.21
CE1 HIP E 84 10.13 -52.57 49.67
ND1 HIP E 84 10.69 -52.20 48.51
P HIP E 84 11.61 -53.31 47.55
O1P HIP E 84 11.50 -53.00 46.06
O2P HIP E 84 13.02 -53.15 48.09
O3P HIP E 84 10.93 -54.64 47.86
C HIP E 84 12.83 -48.94 46.09
O HIP E 84 12.82 -47.87 45.49
N ASP E 85 13.53 -50.01 45.69
CA ASP E 85 14.45 -49.95 44.55
C ASP E 85 13.75 -50.05 43.19
N GLN E 86 12.91 -49.05 42.91
CA GLN E 86 12.03 -49.08 41.76
C GLN E 86 12.06 -47.78 40.97
N TRP E 87 12.09 -47.90 39.65
CA TRP E 87 12.21 -46.74 38.80
C TRP E 87 12.00 -47.04 37.34
N VAL E 88 11.54 -46.02 36.64
CA VAL E 88 11.26 -46.14 35.21
C VAL E 88 12.55 -45.84 34.47
N THR E 89 12.84 -46.69 33.49
CA THR E 89 14.12 -46.69 32.81
C THR E 89 14.03 -46.07 31.41
N SER E 90 12.85 -46.11 30.80
CA SER E 90 12.62 -45.38 29.58
C SER E 90 11.11 -45.21 29.39
N TYR E 91 10.71 -44.13 28.74
CA TYR E 91 9.31 -43.86 28.50
C TYR E 91 9.18 -43.14 27.15
N LYS E 92 8.02 -43.24 26.53
CA LYS E 92 7.62 -42.36 25.46
C LYS E 92 6.73 -41.25 26.07
N LEU E 93 6.47 -40.22 25.27
CA LEU E 93 5.46 -39.20 25.60
C LEU E 93 4.48 -39.01 24.45
N ARG E 94 3.25 -38.63 24.82
CA ARG E 94 2.19 -38.30 23.87
C ARG E 94 1.50 -37.12 24.46
N TYR E 95 0.81 -36.37 23.61
CA TYR E 95 0.17 -35.13 24.02
C TYR E 95 -0.96 -34.78 23.06
N THR E 96 -1.91 -34.01 23.54
CA THR E 96 -3.03 -33.61 22.70
C THR E 96 -3.33 -32.12 22.96
N LEU E 97 -3.67 -31.37 21.90
CA LEU E 97 -4.03 -29.96 22.08
C LEU E 97 -5.52 -29.83 22.12
N ASP E 98 -6.21 -30.53 21.24
CA ASP E 98 -7.66 -30.47 21.17
C ASP E 98 -8.37 -31.56 22.01
N ASN E 99 -7.59 -32.43 22.65
CA ASN E 99 -8.13 -33.57 23.45
C ASN E 99 -8.95 -34.58 22.62
N VAL E 100 -8.68 -34.63 21.31
CA VAL E 100 -9.38 -35.49 20.40
C VAL E 100 -8.30 -36.24 19.63
N ASN E 101 -7.32 -35.50 19.10
CA ASN E 101 -6.19 -36.14 18.41
C ASN E 101 -4.91 -36.01 19.22
N TRP E 102 -4.29 -37.16 19.49
CA TRP E 102 -3.09 -37.26 20.28
C TRP E 102 -1.94 -37.47 19.33
N VAL E 103 -0.83 -36.76 19.54
CA VAL E 103 0.37 -37.06 18.73
C VAL E 103 1.47 -37.63 19.61
N GLU E 104 2.37 -38.38 19.02
CA GLU E 104 3.52 -38.93 19.74
C GLU E 104 4.61 -37.87 19.80
N TYR E 105 5.21 -37.69 20.97
CA TYR E 105 6.27 -36.71 21.10
C TYR E 105 7.48 -37.14 20.29
N ASN E 106 7.87 -36.30 19.33
CA ASN E 106 9.10 -36.50 18.51
C ASN E 106 9.15 -37.85 17.79
N ASN E 107 8.11 -38.11 17.00
CA ASN E 107 7.97 -39.36 16.26
C ASN E 107 8.15 -40.60 17.14
N GLY E 108 7.74 -40.52 18.40
CA GLY E 108 7.78 -41.64 19.32
C GLY E 108 9.10 -41.87 20.01
N GLU E 109 9.95 -40.85 20.07
CA GLU E 109 11.23 -41.05 20.77
C GLU E 109 11.12 -41.86 22.09
N ILE E 110 11.96 -42.86 22.26
CA ILE E 110 12.03 -43.55 23.54
C ILE E 110 13.06 -42.81 24.34
N ILE E 111 12.67 -42.26 25.48
CA ILE E 111 13.52 -41.40 26.30
C ILE E 111 14.19 -42.14 27.46
N ASN E 112 15.52 -41.98 27.58
CA ASN E 112 16.25 -42.52 28.74
C ASN E 112 15.86 -41.83 30.03
N ALA E 113 15.34 -42.61 30.96
CA ALA E 113 14.88 -42.08 32.22
C ALA E 113 15.84 -42.34 33.36
N ASN E 114 15.38 -43.02 34.42
CA ASN E 114 16.13 -43.06 35.67
C ASN E 114 17.00 -44.31 35.80
N LYS E 115 17.83 -44.31 36.85
CA LYS E 115 18.90 -45.27 37.05
C LYS E 115 19.11 -45.52 38.54
N ASP E 116 18.17 -45.03 39.33
CA ASP E 116 18.19 -45.13 40.79
C ASP E 116 16.95 -44.48 41.38
N ARG E 117 16.85 -44.49 42.71
CA ARG E 117 15.72 -43.87 43.39
C ARG E 117 15.50 -42.35 43.14
N ASN E 118 16.52 -41.52 43.43
CA ASN E 118 16.34 -40.09 43.66
C ASN E 118 16.94 -39.09 42.69
N SER E 119 17.91 -39.51 41.88
CA SER E 119 18.48 -38.59 40.92
C SER E 119 17.41 -38.15 39.95
N ILE E 120 17.32 -36.84 39.75
CA ILE E 120 16.35 -36.28 38.83
C ILE E 120 16.89 -36.27 37.40
N VAL E 121 16.05 -36.68 36.46
CA VAL E 121 16.43 -36.65 35.06
C VAL E 121 15.49 -35.70 34.30
N THR E 122 16.05 -34.63 33.73
CA THR E 122 15.23 -33.62 33.09
C THR E 122 15.31 -33.68 31.56
N ILE E 123 14.17 -33.52 30.89
CA ILE E 123 14.17 -33.41 29.43
C ILE E 123 13.59 -32.06 29.05
N ASN E 124 14.28 -31.35 28.13
CA ASN E 124 13.87 -30.00 27.65
C ASN E 124 13.19 -30.06 26.28
N PHE E 125 12.12 -29.28 26.10
CA PHE E 125 11.31 -29.33 24.88
C PHE E 125 11.47 -28.04 24.07
N ASN E 126 12.25 -28.09 23.00
CA ASN E 126 12.47 -26.95 22.11
C ASN E 126 12.08 -27.40 20.72
N PRO E 127 10.96 -26.86 20.20
CA PRO E 127 10.17 -25.79 20.84
C PRO E 127 9.27 -26.36 21.98
N PRO E 128 8.53 -25.50 22.71
CA PRO E 128 7.66 -26.08 23.73
C PRO E 128 6.56 -27.01 23.23
N ILE E 129 6.16 -27.99 24.05
CA ILE E 129 5.02 -28.83 23.74
C ILE E 129 3.78 -28.04 24.11
N LYS E 130 2.94 -27.84 23.12
CA LYS E 130 1.72 -27.06 23.29
C LYS E 130 0.54 -28.05 23.39
N ALA E 131 0.01 -28.21 24.60
CA ALA E 131 -1.03 -29.23 24.80
C ALA E 131 -2.01 -28.84 25.89
N ARG E 132 -3.16 -29.48 25.88
CA ARG E 132 -4.05 -29.50 27.03
C ARG E 132 -3.77 -30.68 27.98
N SER E 133 -3.39 -31.83 27.42
CA SER E 133 -3.00 -33.01 28.20
C SER E 133 -1.77 -33.68 27.64
N ILE E 134 -1.05 -34.31 28.53
CA ILE E 134 0.19 -35.01 28.22
C ILE E 134 0.28 -36.30 29.05
N ALA E 135 1.04 -37.27 28.57
CA ALA E 135 1.08 -38.57 29.19
C ALA E 135 2.43 -39.23 29.04
N ILE E 136 2.96 -39.65 30.19
CA ILE E 136 4.18 -40.36 30.23
C ILE E 136 3.80 -41.84 30.11
N HIS E 137 4.45 -42.53 29.17
CA HIS E 137 4.17 -43.94 28.89
C HIS E 137 5.47 -44.70 29.09
N PRO E 138 5.68 -45.22 30.31
CA PRO E 138 6.87 -46.04 30.59
C PRO E 138 7.03 -47.29 29.69
N GLN E 139 8.27 -47.56 29.30
CA GLN E 139 8.62 -48.64 28.39
C GLN E 139 9.47 -49.71 29.08
N THR E 140 10.44 -49.29 29.88
CA THR E 140 11.23 -50.26 30.64
C THR E 140 11.34 -49.76 32.05
N TYR E 141 11.67 -50.65 32.96
CA TYR E 141 11.71 -50.31 34.35
C TYR E 141 12.64 -51.22 35.12
N ASN E 142 13.11 -50.74 36.25
CA ASN E 142 13.86 -51.54 37.16
C ASN E 142 12.96 -51.99 38.30
N ASN E 143 12.64 -53.27 38.33
CA ASN E 143 11.91 -53.90 39.47
C ASN E 143 10.37 -53.70 39.50
N HIS E 144 9.92 -52.48 39.25
CA HIS E 144 8.49 -52.21 39.17
C HIS E 144 8.28 -50.84 38.57
N ILE E 145 7.19 -50.68 37.81
CA ILE E 145 6.84 -49.39 37.24
C ILE E 145 6.49 -48.42 38.37
N SER E 146 7.47 -47.61 38.78
CA SER E 146 7.29 -46.62 39.83
C SER E 146 8.04 -45.34 39.47
N LEU E 147 7.37 -44.19 39.59
CA LEU E 147 8.02 -42.91 39.30
C LEU E 147 7.48 -41.76 40.16
N ARG E 148 8.25 -40.66 40.14
CA ARG E 148 7.78 -39.37 40.59
C ARG E 148 8.14 -38.43 39.47
N TRP E 149 7.39 -37.32 39.35
CA TRP E 149 7.69 -36.42 38.25
C TRP E 149 7.24 -35.01 38.51
N GLU E 150 7.62 -34.10 37.62
CA GLU E 150 7.07 -32.76 37.61
C GLU E 150 6.99 -32.23 36.21
N LEU E 151 5.95 -31.48 35.92
CA LEU E 151 5.83 -30.86 34.62
C LEU E 151 6.07 -29.35 34.74
N TYR E 152 6.82 -28.80 33.78
CA TYR E 152 7.21 -27.38 33.81
C TYR E 152 6.61 -26.65 32.60
N ALA E 153 5.87 -25.58 32.88
CA ALA E 153 5.16 -24.82 31.84
C ALA E 153 5.60 -23.36 31.84
N LEU E 154 5.56 -22.70 30.67
CA LEU E 154 5.67 -21.23 30.64
C LEU E 154 4.63 -20.65 31.60
N PRO E 155 5.00 -19.57 32.34
CA PRO E 155 4.06 -18.83 33.21
C PRO E 155 3.04 -18.12 32.37
N VAL E 156 1.84 -17.86 32.90
CA VAL E 156 0.81 -17.15 32.10
C VAL E 156 1.23 -15.71 31.81
N LYS E 157 1.19 -15.32 30.54
CA LYS E 157 1.42 -13.93 30.11
C LYS E 157 0.43 -12.88 30.67
N SER E 158 0.94 -11.67 30.89
CA SER E 158 0.11 -10.56 31.40
C SER E 158 -1.07 -10.18 30.47
N TYR E 159 -1.02 -10.66 29.23
CA TYR E 159 -2.04 -10.32 28.25
C TYR E 159 -3.03 -11.45 28.00
N SER E 160 -2.95 -12.52 28.76
CA SER E 160 -3.86 -13.63 28.50
C SER E 160 -5.14 -13.59 29.30
N ASN E 161 -6.15 -14.26 28.75
CA ASN E 161 -7.50 -14.35 29.27
C ASN E 161 -8.18 -13.03 29.67
N PRO E 162 -8.16 -12.02 28.77
CA PRO E 162 -8.82 -10.78 29.14
C PRO E 162 -10.31 -10.90 28.98
N SER E 163 -11.03 -10.01 29.66
CA SER E 163 -12.45 -9.88 29.44
C SER E 163 -12.67 -8.59 28.68
N VAL E 164 -13.69 -8.58 27.83
CA VAL E 164 -13.99 -7.43 27.02
C VAL E 164 -15.44 -6.96 27.22
N GLN E 165 -15.64 -5.66 27.30
CA GLN E 165 -16.99 -5.07 27.21
C GLN E 165 -16.97 -3.96 26.17
N VAL E 166 -18.04 -3.83 25.40
CA VAL E 166 -18.09 -2.84 24.34
C VAL E 166 -19.30 -1.94 24.47
N GLY E 167 -19.23 -0.77 23.87
CA GLY E 167 -20.42 0.08 23.73
C GLY E 167 -20.24 1.19 22.72
N GLU E 168 -21.13 2.19 22.77
CA GLU E 168 -20.96 3.35 21.95
C GLU E 168 -21.32 4.63 22.67
N VAL E 169 -20.72 5.74 22.23
CA VAL E 169 -20.90 7.01 22.89
C VAL E 169 -20.82 8.17 21.87
N SER E 170 -21.73 9.12 22.01
CA SER E 170 -21.90 10.20 21.04
C SER E 170 -21.83 11.54 21.70
N ILE E 171 -21.44 12.60 20.97
CA ILE E 171 -21.68 13.93 21.55
C ILE E 171 -23.18 14.07 21.83
N GLY E 172 -24.01 13.79 20.83
CA GLY E 172 -25.46 13.76 20.99
C GLY E 172 -26.11 15.13 21.02
N ASP E 173 -25.32 16.18 20.99
CA ASP E 173 -25.83 17.55 20.93
C ASP E 173 -24.77 18.44 20.25
N ARG E 174 -25.00 19.74 20.29
CA ARG E 174 -24.25 20.70 19.47
C ARG E 174 -23.11 21.44 20.21
N SER E 175 -22.59 20.82 21.26
CA SER E 175 -21.58 21.44 22.12
C SER E 175 -20.36 21.98 21.38
N LEU E 176 -19.93 21.30 20.31
CA LEU E 176 -18.73 21.71 19.61
C LEU E 176 -19.08 22.27 18.29
N ASN E 177 -20.35 22.69 18.13
CA ASN E 177 -20.83 23.24 16.86
C ASN E 177 -20.65 24.77 16.73
N SER E 178 -20.10 25.38 17.76
CA SER E 178 -19.80 26.82 17.76
C SER E 178 -18.57 27.05 18.60
N GLY E 179 -18.14 28.29 18.66
CA GLY E 179 -16.96 28.64 19.45
C GLY E 179 -15.72 28.54 18.60
N THR E 180 -14.58 28.94 19.16
CA THR E 180 -13.28 28.85 18.48
C THR E 180 -12.14 28.41 19.45
N GLY E 181 -11.04 27.93 18.88
CA GLY E 181 -9.94 27.42 19.69
C GLY E 181 -10.24 26.02 20.18
N SER E 182 -9.36 25.50 21.02
CA SER E 182 -9.52 24.17 21.59
C SER E 182 -10.78 24.10 22.42
N ARG E 183 -11.70 23.21 22.02
CA ARG E 183 -12.98 23.00 22.68
C ARG E 183 -13.21 21.50 22.91
N THR E 184 -13.65 21.15 24.10
CA THR E 184 -13.95 19.76 24.42
C THR E 184 -15.32 19.59 25.10
N ILE E 185 -15.83 18.36 25.08
CA ILE E 185 -17.05 18.01 25.80
C ILE E 185 -16.88 16.56 26.26
N VAL E 186 -17.13 16.30 27.54
CA VAL E 186 -16.95 15.01 28.14
C VAL E 186 -18.29 14.26 28.16
N ARG E 187 -18.32 13.00 27.69
CA ARG E 187 -19.48 12.14 27.94
C ARG E 187 -19.12 11.00 28.88
N HIS E 188 -19.90 10.85 29.95
CA HIS E 188 -19.60 9.86 30.96
C HIS E 188 -20.18 8.55 30.51
N VAL E 189 -19.34 7.55 30.27
CA VAL E 189 -19.83 6.19 29.99
C VAL E 189 -19.80 5.31 31.26
N LYS E 190 -20.82 4.47 31.42
CA LYS E 190 -20.86 3.45 32.47
C LYS E 190 -20.87 2.09 31.78
N PHE E 191 -19.96 1.18 32.18
CA PHE E 191 -19.99 -0.18 31.61
C PHE E 191 -21.26 -0.94 32.01
N PRO E 192 -21.80 -1.75 31.08
CA PRO E 192 -22.93 -2.62 31.42
C PRO E 192 -22.75 -3.32 32.77
N VAL E 193 -21.56 -3.84 33.05
CA VAL E 193 -21.24 -4.50 34.32
C VAL E 193 -19.92 -3.93 34.86
N GLU E 194 -19.85 -3.72 36.16
CA GLU E 194 -18.60 -3.24 36.75
C GLU E 194 -17.50 -4.27 36.56
N PHE E 195 -16.25 -3.81 36.37
CA PHE E 195 -15.10 -4.69 36.20
C PHE E 195 -14.49 -5.04 37.57
N LEU E 196 -13.71 -6.11 37.64
CA LEU E 196 -12.97 -6.39 38.87
C LEU E 196 -11.80 -5.43 39.06
N SER E 197 -11.16 -5.06 37.95
CA SER E 197 -10.10 -4.06 37.98
C SER E 197 -10.19 -3.08 36.81
N VAL E 198 -9.50 -1.95 36.95
CA VAL E 198 -9.52 -0.88 35.95
C VAL E 198 -9.18 -1.44 34.56
N PRO E 199 -10.07 -1.28 33.58
CA PRO E 199 -9.71 -1.73 32.25
C PRO E 199 -8.87 -0.72 31.46
N ILE E 200 -8.44 -1.14 30.29
CA ILE E 200 -7.82 -0.30 29.29
C ILE E 200 -8.88 -0.09 28.22
N VAL E 201 -9.19 1.16 27.86
CA VAL E 201 -10.27 1.47 26.89
C VAL E 201 -9.71 1.91 25.53
N SER E 202 -10.07 1.18 24.48
CA SER E 202 -9.74 1.55 23.11
C SER E 202 -10.99 2.08 22.42
N ILE E 203 -10.83 3.05 21.52
CA ILE E 203 -11.97 3.63 20.81
C ILE E 203 -11.68 3.79 19.33
N GLY E 204 -12.75 3.91 18.54
CA GLY E 204 -12.66 4.14 17.09
C GLY E 204 -13.95 4.79 16.60
N CYS E 205 -13.78 5.80 15.73
CA CYS E 205 -14.88 6.63 15.25
C CYS E 205 -15.78 5.92 14.27
N LYS E 206 -17.06 6.23 14.32
CA LYS E 206 -17.97 5.62 13.35
C LYS E 206 -19.01 6.59 12.87
N LYS E 207 -18.91 7.84 13.30
CA LYS E 207 -19.74 8.92 12.79
C LYS E 207 -19.02 10.24 12.81
N VAL E 208 -18.99 10.91 11.67
CA VAL E 208 -18.53 12.28 11.63
C VAL E 208 -19.57 13.13 10.94
N ASP E 209 -20.11 14.10 11.67
CA ASP E 209 -20.94 15.15 11.12
C ASP E 209 -20.24 16.46 11.52
N ALA E 210 -19.33 16.97 10.68
CA ALA E 210 -18.62 18.22 11.04
C ALA E 210 -18.39 19.14 9.84
N HIS E 211 -18.29 20.45 10.09
CA HIS E 211 -17.94 21.42 9.05
C HIS E 211 -16.43 21.66 9.04
N THR E 212 -15.85 21.86 7.85
CA THR E 212 -14.42 22.20 7.76
C THR E 212 -14.17 23.64 8.15
N ASP E 213 -12.91 23.97 8.36
CA ASP E 213 -12.50 25.32 8.74
C ASP E 213 -11.49 25.67 7.69
N ASN E 214 -11.92 26.48 6.71
CA ASN E 214 -11.07 26.84 5.57
C ASN E 214 -10.31 25.64 5.02
N GLY E 215 -11.04 24.52 4.92
CA GLY E 215 -10.48 23.30 4.37
C GLY E 215 -9.97 22.30 5.41
N GLN E 216 -9.69 22.72 6.62
CA GLN E 216 -9.18 21.82 7.63
C GLN E 216 -10.29 21.13 8.43
N MET E 217 -10.21 19.80 8.49
CA MET E 217 -11.06 19.01 9.38
C MET E 217 -10.26 18.70 10.65
N ARG E 218 -10.83 18.97 11.82
CA ARG E 218 -10.16 18.63 13.07
C ARG E 218 -11.15 18.00 14.03
N TRP E 219 -10.89 16.77 14.42
CA TRP E 219 -11.63 16.19 15.55
C TRP E 219 -10.82 15.10 16.24
N GLU E 220 -11.05 14.93 17.54
CA GLU E 220 -10.37 13.90 18.29
C GLU E 220 -11.30 13.33 19.34
N GLY E 221 -11.15 12.03 19.58
CA GLY E 221 -11.73 11.39 20.75
C GLY E 221 -10.64 10.92 21.70
N LYS E 222 -10.93 10.94 23.00
CA LYS E 222 -9.96 10.49 23.99
C LYS E 222 -10.67 9.76 25.17
N SER E 223 -10.22 8.58 25.57
CA SER E 223 -10.77 7.97 26.79
C SER E 223 -9.99 8.42 28.02
N GLU E 224 -10.69 8.82 29.07
CA GLU E 224 -10.02 9.36 30.28
C GLU E 224 -10.81 8.96 31.50
N ASN E 225 -10.24 9.26 32.66
CA ASN E 225 -10.83 8.95 33.96
C ASN E 225 -11.42 7.55 34.04
N ILE E 226 -10.65 6.55 33.60
CA ILE E 226 -11.11 5.17 33.56
C ILE E 226 -11.22 4.66 34.99
N THR E 227 -12.35 4.06 35.31
CA THR E 227 -12.48 3.31 36.56
C THR E 227 -12.99 1.89 36.24
N THR E 228 -13.32 1.13 37.28
CA THR E 228 -13.93 -0.19 37.12
C THR E 228 -15.37 -0.10 36.61
N LYS E 229 -15.98 1.08 36.70
CA LYS E 229 -17.43 1.23 36.36
C LYS E 229 -17.70 1.95 35.04
N GLY E 230 -16.73 2.73 34.58
CA GLY E 230 -16.89 3.46 33.32
C GLY E 230 -15.69 4.33 32.99
N PHE E 231 -15.91 5.28 32.09
CA PHE E 231 -14.85 6.21 31.70
C PHE E 231 -15.48 7.46 31.09
N ASP E 232 -14.64 8.45 30.81
CA ASP E 232 -15.09 9.66 30.14
C ASP E 232 -14.55 9.65 28.74
N LEU E 233 -15.42 9.84 27.77
CA LEU E 233 -15.00 10.08 26.40
C LEU E 233 -14.96 11.60 26.25
N THR E 234 -13.76 12.13 26.05
CA THR E 234 -13.59 13.56 25.84
C THR E 234 -13.58 13.83 24.36
N PHE E 235 -14.62 14.45 23.84
CA PHE E 235 -14.65 14.79 22.42
C PHE E 235 -13.91 16.10 22.22
N ILE E 236 -13.13 16.20 21.16
CA ILE E 236 -12.21 17.33 21.00
C ILE E 236 -12.27 17.92 19.60
N THR E 237 -12.30 19.25 19.54
CA THR E 237 -12.02 19.94 18.30
C THR E 237 -11.20 21.20 18.60
N TRP E 238 -10.74 21.86 17.55
CA TRP E 238 -9.94 23.06 17.74
C TRP E 238 -9.96 23.88 16.45
N GLY E 239 -9.08 24.89 16.34
CA GLY E 239 -9.20 25.90 15.28
C GLY E 239 -10.61 26.43 15.40
N ASN E 240 -11.28 26.65 14.28
CA ASN E 240 -12.66 27.14 14.28
C ASN E 240 -13.65 26.09 13.76
N ASN E 241 -13.27 24.82 13.77
CA ASN E 241 -14.19 23.77 13.35
C ASN E 241 -15.45 23.72 14.18
N ALA E 242 -16.57 23.61 13.49
CA ALA E 242 -17.88 23.44 14.11
C ALA E 242 -18.32 21.96 13.94
N VAL E 243 -18.28 21.18 15.02
CA VAL E 243 -18.59 19.75 14.96
C VAL E 243 -20.02 19.50 15.44
N TYR E 244 -20.84 18.99 14.52
CA TYR E 244 -22.24 18.82 14.78
C TYR E 244 -22.46 17.54 15.60
N ASP E 245 -21.76 16.46 15.23
CA ASP E 245 -21.82 15.24 16.01
C ASP E 245 -20.65 14.30 15.73
N LEU E 246 -20.33 13.46 16.72
CA LEU E 246 -19.32 12.41 16.60
C LEU E 246 -19.75 11.20 17.42
N THR E 247 -19.46 10.00 16.89
CA THR E 247 -19.66 8.76 17.63
C THR E 247 -18.43 7.88 17.62
N PHE E 248 -18.14 7.30 18.76
CA PHE E 248 -17.11 6.26 18.90
C PHE E 248 -17.71 4.97 19.45
N ASP E 249 -17.23 3.84 18.93
CA ASP E 249 -17.46 2.55 19.58
C ASP E 249 -16.29 2.36 20.50
N TYR E 250 -16.53 1.75 21.66
CA TYR E 250 -15.42 1.47 22.58
C TYR E 250 -15.22 -0.02 22.81
N VAL E 251 -13.99 -0.41 23.05
CA VAL E 251 -13.65 -1.79 23.43
C VAL E 251 -12.87 -1.67 24.73
N ALA E 252 -13.44 -2.15 25.83
CA ALA E 252 -12.80 -2.01 27.14
C ALA E 252 -12.22 -3.35 27.55
N VAL E 253 -10.92 -3.42 27.83
CA VAL E 253 -10.32 -4.71 28.16
C VAL E 253 -9.75 -4.80 29.57
N GLU E 254 -10.12 -5.88 30.27
CA GLU E 254 -9.65 -6.12 31.62
C GLU E 254 -8.67 -7.28 31.60
N PHE E 255 -7.52 -7.07 32.20
CA PHE E 255 -6.52 -8.09 32.23
C PHE E 255 -6.37 -8.63 33.63
N ASN E 256 -5.80 -9.84 33.70
CA ASN E 256 -5.22 -10.39 34.92
C ASN E 256 -6.28 -10.69 35.95
N ASN E 257 -7.48 -11.01 35.47
CA ASN E 257 -8.61 -11.38 36.31
C ASN E 257 -9.30 -12.65 35.79
C MET F 1 -18.87 -16.09 59.83
N SER F 2 -18.62 -15.50 58.67
CA SER F 2 -19.72 -15.39 57.72
C SER F 2 -19.30 -15.47 56.26
N VAL F 3 -20.11 -16.20 55.48
CA VAL F 3 -19.83 -16.54 54.10
C VAL F 3 -20.77 -15.73 53.24
N PRO F 4 -20.20 -14.90 52.34
CA PRO F 4 -21.03 -14.01 51.53
C PRO F 4 -22.02 -14.78 50.64
N ALA F 5 -23.27 -14.32 50.64
CA ALA F 5 -24.31 -14.92 49.79
C ALA F 5 -23.91 -14.83 48.32
N GLY F 6 -24.25 -15.87 47.56
CA GLY F 6 -23.90 -15.92 46.15
C GLY F 6 -22.47 -16.36 45.89
N SER F 7 -21.70 -16.68 46.93
CA SER F 7 -20.35 -17.23 46.76
C SER F 7 -20.34 -18.62 46.16
N VAL F 8 -19.22 -19.00 45.57
CA VAL F 8 -19.07 -20.36 45.03
C VAL F 8 -18.31 -21.26 46.01
N SER F 9 -18.93 -22.36 46.40
CA SER F 9 -18.28 -23.36 47.21
C SER F 9 -17.38 -24.18 46.31
N CYS F 10 -16.09 -24.02 46.46
CA CYS F 10 -15.17 -24.57 45.47
C CYS F 10 -15.03 -26.07 45.44
N LEU F 11 -14.89 -26.72 46.60
CA LEU F 11 -14.71 -28.18 46.66
C LEU F 11 -16.04 -28.86 46.37
N ALA F 12 -17.14 -28.34 46.93
CA ALA F 12 -18.46 -28.85 46.59
C ALA F 12 -18.61 -29.03 45.08
N ASN F 13 -18.26 -27.99 44.32
CA ASN F 13 -18.39 -27.99 42.87
C ASN F 13 -17.22 -28.68 42.14
N ALA F 14 -16.22 -29.14 42.89
CA ALA F 14 -15.12 -29.84 42.27
C ALA F 14 -14.33 -28.92 41.33
N LEU F 15 -13.97 -27.74 41.82
CA LEU F 15 -13.30 -26.75 41.00
C LEU F 15 -11.79 -26.72 41.16
N LEU F 16 -11.27 -27.30 42.23
CA LEU F 16 -9.85 -27.14 42.57
C LEU F 16 -9.19 -28.50 42.69
N ASN F 17 -7.99 -28.69 42.12
CA ASN F 17 -7.18 -29.89 42.40
C ASN F 17 -6.60 -29.77 43.78
N LEU F 18 -6.57 -30.87 44.54
CA LEU F 18 -5.97 -30.81 45.87
C LEU F 18 -4.78 -31.71 45.96
N ARG F 19 -3.73 -31.24 46.65
CA ARG F 19 -2.54 -32.02 46.93
C ARG F 19 -2.08 -31.76 48.36
N SER F 20 -2.00 -32.81 49.18
CA SER F 20 -1.45 -32.67 50.52
C SER F 20 0.06 -32.84 50.55
N SER F 21 0.70 -32.36 51.62
CA SER F 21 2.12 -32.66 51.88
C SER F 21 2.30 -34.17 52.14
N THR F 22 1.47 -34.71 53.03
CA THR F 22 1.47 -36.13 53.36
C THR F 22 0.07 -36.52 53.73
N ASP F 23 -0.23 -37.79 53.53
CA ASP F 23 -1.48 -38.40 53.92
C ASP F 23 -1.15 -39.54 54.87
N TYR F 24 -1.86 -39.62 56.01
CA TYR F 24 -1.76 -40.77 56.90
C TYR F 24 -1.76 -42.04 56.08
N ASN F 25 -2.75 -42.15 55.21
CA ASN F 25 -2.80 -43.14 54.13
C ASN F 25 -3.93 -42.72 53.17
N ALA F 26 -4.13 -43.44 52.06
CA ALA F 26 -5.13 -43.03 51.06
C ALA F 26 -6.53 -42.90 51.65
N ASP F 27 -6.84 -43.65 52.71
CA ASP F 27 -8.16 -43.55 53.34
C ASP F 27 -8.33 -42.30 54.17
N HIS F 28 -7.25 -41.53 54.26
CA HIS F 28 -7.19 -40.27 54.99
C HIS F 28 -6.78 -39.12 54.05
N GLY F 29 -7.03 -39.28 52.75
CA GLY F 29 -6.55 -38.30 51.78
C GLY F 29 -7.42 -37.06 51.57
N VAL F 30 -6.86 -36.09 50.84
CA VAL F 30 -7.54 -34.82 50.54
C VAL F 30 -8.91 -35.02 49.94
N LYS F 31 -9.15 -36.17 49.33
CA LYS F 31 -10.46 -36.49 48.76
C LYS F 31 -11.53 -36.61 49.83
N ASN F 32 -11.13 -36.81 51.09
CA ASN F 32 -12.08 -36.74 52.19
C ASN F 32 -12.06 -35.39 52.94
N SER F 33 -11.44 -34.35 52.38
CA SER F 33 -11.33 -33.09 53.12
C SER F 33 -12.52 -32.10 53.09
N ILE F 34 -13.63 -32.41 52.41
CA ILE F 34 -14.66 -31.37 52.23
C ILE F 34 -15.44 -31.10 53.53
N LEU F 35 -15.78 -29.82 53.75
CA LEU F 35 -16.60 -29.39 54.87
C LEU F 35 -17.87 -30.23 55.00
N ASN F 36 -18.12 -30.71 56.22
CA ASN F 36 -19.24 -31.63 56.54
C ASN F 36 -19.17 -32.98 55.89
N PHE F 37 -17.96 -33.43 55.53
CA PHE F 37 -17.86 -34.74 54.98
C PHE F 37 -18.23 -35.73 56.10
N SER F 38 -19.16 -36.63 55.79
CA SER F 38 -19.49 -37.73 56.69
C SER F 38 -19.75 -38.92 55.82
N ASN F 39 -19.11 -40.05 56.17
CA ASN F 39 -19.34 -41.31 55.45
C ASN F 39 -20.15 -42.29 56.30
N SER F 40 -19.96 -43.59 56.06
CA SER F 40 -20.68 -44.63 56.80
C SER F 40 -20.41 -44.56 58.29
N LYS F 41 -21.51 -44.62 59.02
CA LYS F 41 -21.55 -44.61 60.48
C LYS F 41 -21.12 -45.94 61.12
N ASP F 42 -21.42 -47.07 60.45
CA ASP F 42 -20.99 -48.44 60.89
C ASP F 42 -19.53 -48.49 61.40
N ALA F 43 -19.34 -48.77 62.67
CA ALA F 43 -17.98 -48.75 63.21
C ALA F 43 -17.16 -49.99 62.83
N SER F 44 -17.79 -50.96 62.17
CA SER F 44 -17.18 -52.29 61.97
C SER F 44 -16.38 -52.34 60.69
N ARG F 45 -16.58 -51.34 59.84
CA ARG F 45 -15.77 -51.14 58.63
C ARG F 45 -15.08 -49.80 58.72
N PHE F 46 -13.84 -49.72 58.28
CA PHE F 46 -13.24 -48.42 58.09
C PHE F 46 -13.34 -48.09 56.59
N ASP F 47 -14.14 -47.06 56.27
CA ASP F 47 -14.31 -46.54 54.91
C ASP F 47 -13.58 -45.18 54.63
N GLY F 48 -12.83 -44.69 55.62
CA GLY F 48 -11.98 -43.52 55.51
C GLY F 48 -12.23 -42.49 56.61
N SER F 49 -11.19 -41.77 56.97
CA SER F 49 -11.35 -40.73 57.96
C SER F 49 -12.27 -39.63 57.39
N GLU F 50 -13.08 -39.02 58.25
CA GLU F 50 -13.89 -37.89 57.85
C GLU F 50 -13.03 -36.63 57.95
N SER F 51 -11.99 -36.56 57.13
CA SER F 51 -11.06 -35.44 57.09
C SER F 51 -9.90 -35.78 56.17
N TRP F 52 -9.04 -34.81 55.92
CA TRP F 52 -7.69 -35.15 55.53
C TRP F 52 -6.88 -35.30 56.81
N SER F 53 -6.00 -36.29 56.90
CA SER F 53 -5.07 -36.39 58.02
C SER F 53 -3.66 -36.55 57.45
N SER F 54 -2.70 -35.81 58.00
CA SER F 54 -1.34 -35.87 57.53
C SER F 54 -0.73 -37.19 57.95
N SER F 55 0.50 -37.43 57.48
CA SER F 55 1.27 -38.55 58.00
C SER F 55 2.30 -38.04 59.05
N VAL F 56 3.21 -37.16 58.62
CA VAL F 56 4.19 -36.49 59.47
C VAL F 56 3.48 -35.46 60.34
N LEU F 57 3.79 -35.44 61.65
CA LEU F 57 3.26 -34.41 62.56
C LEU F 57 4.30 -33.33 62.87
N ASP F 58 4.23 -32.21 62.15
CA ASP F 58 5.07 -31.01 62.40
C ASP F 58 4.36 -29.74 61.85
N LYS F 59 5.13 -28.71 61.51
CA LYS F 59 4.60 -27.44 61.00
C LYS F 59 4.84 -27.20 59.47
N ASN F 60 5.16 -28.27 58.75
CA ASN F 60 5.44 -28.18 57.32
C ASN F 60 4.43 -28.91 56.47
N GLN F 61 3.27 -29.18 57.07
CA GLN F 61 2.20 -29.91 56.40
C GLN F 61 1.22 -28.93 55.77
N PHE F 62 0.67 -29.31 54.63
CA PHE F 62 -0.22 -28.43 53.90
C PHE F 62 -1.12 -29.18 52.93
N ILE F 63 -2.21 -28.52 52.56
CA ILE F 63 -2.94 -28.83 51.33
C ILE F 63 -2.82 -27.67 50.35
N VAL F 64 -2.41 -27.94 49.12
CA VAL F 64 -2.53 -26.98 48.04
C VAL F 64 -3.83 -27.27 47.26
N ALA F 65 -4.55 -26.20 46.95
CA ALA F 65 -5.75 -26.23 46.13
C ALA F 65 -5.46 -25.31 44.95
N GLY F 66 -5.46 -25.85 43.74
CA GLY F 66 -5.17 -25.01 42.60
C GLY F 66 -6.08 -25.26 41.40
N SER F 67 -5.97 -24.35 40.42
CA SER F 67 -6.47 -24.47 39.06
C SER F 67 -5.92 -23.33 38.20
N ASP F 68 -6.13 -23.45 36.89
CA ASP F 68 -5.51 -22.59 35.88
C ASP F 68 -6.04 -21.17 36.00
N SER F 69 -7.26 -21.01 36.50
CA SER F 69 -7.92 -19.73 36.44
C SER F 69 -7.68 -18.87 37.67
N VAL F 70 -7.99 -17.59 37.53
CA VAL F 70 -7.76 -16.59 38.55
C VAL F 70 -9.03 -16.58 39.36
N LYS F 71 -8.89 -16.96 40.62
CA LYS F 71 -10.01 -16.99 41.54
C LYS F 71 -9.95 -15.87 42.55
N HIS F 72 -11.11 -15.30 42.85
CA HIS F 72 -11.20 -14.30 43.89
C HIS F 72 -11.75 -14.95 45.18
N PHE F 73 -10.83 -15.35 46.06
CA PHE F 73 -11.23 -16.12 47.24
C PHE F 73 -11.78 -15.18 48.29
N VAL F 74 -13.02 -15.38 48.69
CA VAL F 74 -13.67 -14.43 49.60
C VAL F 74 -13.74 -14.93 51.04
N ALA F 75 -13.51 -16.24 51.23
CA ALA F 75 -13.63 -16.85 52.54
C ALA F 75 -13.05 -18.26 52.58
N ILE F 76 -12.65 -18.68 53.76
CA ILE F 76 -12.32 -20.07 53.98
C ILE F 76 -13.08 -20.56 55.21
N SER F 77 -13.51 -21.80 55.17
CA SER F 77 -14.07 -22.43 56.34
C SER F 77 -13.23 -23.66 56.70
N THR F 78 -12.91 -23.83 57.97
CA THR F 78 -12.33 -25.09 58.42
C THR F 78 -13.17 -25.71 59.51
N GLN F 79 -12.82 -26.95 59.79
CA GLN F 79 -13.55 -27.85 60.63
C GLN F 79 -12.58 -29.00 61.01
N GLY F 80 -12.71 -29.52 62.21
CA GLY F 80 -11.88 -30.65 62.60
C GLY F 80 -12.45 -31.95 62.04
N ARG F 81 -11.81 -33.06 62.46
CA ARG F 81 -12.11 -34.41 62.00
C ARG F 81 -13.48 -34.90 62.48
N GLY F 82 -14.31 -35.39 61.58
CA GLY F 82 -15.68 -35.83 61.93
C GLY F 82 -15.80 -37.01 62.92
N ASP F 83 -14.89 -37.99 62.81
CA ASP F 83 -15.01 -39.32 63.50
C ASP F 83 -13.99 -39.55 64.64
N HIP F 84 -13.11 -38.59 64.86
CA HIP F 84 -12.12 -38.65 65.94
CB HIP F 84 -10.81 -39.38 65.56
CG HIP F 84 -11.01 -40.84 65.90
CD2 HIP F 84 -11.59 -41.74 65.01
NE2 HIP F 84 -11.65 -42.94 65.60
CE1 HIP F 84 -11.11 -42.81 66.85
ND1 HIP F 84 -10.72 -41.53 67.05
P HIP F 84 -9.97 -41.01 68.55
O1P HIP F 84 -8.51 -40.64 68.28
O2P HIP F 84 -10.84 -39.92 69.24
O3P HIP F 84 -10.01 -42.31 69.33
C HIP F 84 -11.76 -37.27 66.46
O HIP F 84 -11.95 -36.26 65.76
N ASP F 85 -11.20 -37.24 67.66
CA ASP F 85 -10.87 -36.00 68.34
C ASP F 85 -9.61 -35.33 67.81
N GLN F 86 -9.60 -35.01 66.52
CA GLN F 86 -8.47 -34.37 65.92
C GLN F 86 -8.97 -33.14 65.20
N TRP F 87 -8.26 -32.02 65.35
CA TRP F 87 -8.58 -30.76 64.65
C TRP F 87 -7.37 -29.81 64.57
N VAL F 88 -7.38 -28.91 63.59
CA VAL F 88 -6.30 -27.92 63.51
C VAL F 88 -6.72 -26.69 64.33
N THR F 89 -5.80 -26.19 65.17
CA THR F 89 -6.14 -25.16 66.19
C THR F 89 -5.68 -23.78 65.76
N SER F 90 -4.62 -23.75 64.96
CA SER F 90 -4.22 -22.57 64.21
C SER F 90 -3.50 -22.99 62.93
N TYR F 91 -3.44 -22.08 61.96
CA TYR F 91 -2.74 -22.33 60.67
C TYR F 91 -2.35 -21.05 59.93
N LYS F 92 -1.34 -21.12 59.07
CA LYS F 92 -1.03 -20.04 58.13
C LYS F 92 -1.63 -20.35 56.72
N LEU F 93 -1.75 -19.31 55.86
CA LEU F 93 -2.15 -19.43 54.46
C LEU F 93 -1.10 -18.82 53.53
N ARG F 94 -0.73 -19.57 52.50
CA ARG F 94 0.04 -19.03 51.38
C ARG F 94 -0.79 -19.11 50.09
N TYR F 95 -0.45 -18.25 49.13
CA TYR F 95 -1.13 -18.25 47.84
C TYR F 95 -0.22 -17.69 46.73
N THR F 96 -0.74 -17.69 45.51
CA THR F 96 0.05 -17.34 44.37
C THR F 96 -0.85 -17.05 43.19
N LEU F 97 -0.57 -15.93 42.53
CA LEU F 97 -1.21 -15.59 41.29
C LEU F 97 -0.51 -16.24 40.09
N ASP F 98 0.82 -16.20 40.05
CA ASP F 98 1.53 -16.65 38.87
C ASP F 98 2.09 -18.10 38.92
N ASN F 99 1.95 -18.76 40.07
CA ASN F 99 2.42 -20.13 40.23
C ASN F 99 3.93 -20.16 40.11
N VAL F 100 4.52 -18.99 40.35
CA VAL F 100 5.95 -18.82 40.42
C VAL F 100 6.31 -18.22 41.76
N ASN F 101 5.65 -17.12 42.14
CA ASN F 101 5.98 -16.44 43.41
C ASN F 101 4.84 -16.58 44.40
N TRP F 102 5.16 -17.19 45.53
CA TRP F 102 4.21 -17.33 46.61
C TRP F 102 4.23 -16.19 47.61
N VAL F 103 3.04 -15.80 48.08
CA VAL F 103 2.93 -14.82 49.17
C VAL F 103 2.27 -15.46 50.41
N GLU F 104 2.63 -14.93 51.59
CA GLU F 104 2.07 -15.33 52.87
C GLU F 104 0.87 -14.45 53.14
N TYR F 105 -0.24 -15.03 53.59
CA TYR F 105 -1.42 -14.22 53.80
C TYR F 105 -1.24 -13.33 55.04
N ASN F 106 -1.53 -12.04 54.87
CA ASN F 106 -1.46 -11.03 55.93
C ASN F 106 -0.10 -11.09 56.64
N ASN F 107 0.97 -10.95 55.86
CA ASN F 107 2.36 -11.10 56.34
C ASN F 107 2.59 -12.28 57.26
N GLY F 108 1.87 -13.37 57.02
CA GLY F 108 2.03 -14.59 57.79
C GLY F 108 1.21 -14.63 59.06
N GLU F 109 0.07 -13.94 59.09
CA GLU F 109 -0.84 -14.13 60.22
C GLU F 109 -0.96 -15.61 60.53
N ILE F 110 -0.82 -15.96 61.80
CA ILE F 110 -1.20 -17.28 62.27
C ILE F 110 -2.67 -17.20 62.68
N ILE F 111 -3.54 -17.80 61.88
CA ILE F 111 -4.98 -17.78 62.14
C ILE F 111 -5.40 -18.78 63.21
N ASN F 112 -6.36 -18.37 64.02
CA ASN F 112 -6.94 -19.24 65.02
C ASN F 112 -8.05 -20.07 64.41
N ALA F 113 -7.92 -21.37 64.54
CA ALA F 113 -8.79 -22.29 63.82
C ALA F 113 -9.80 -22.92 64.76
N ASN F 114 -9.83 -24.26 64.79
CA ASN F 114 -10.88 -25.03 65.47
C ASN F 114 -10.61 -25.45 66.93
N LYS F 115 -11.68 -25.75 67.64
CA LYS F 115 -11.61 -26.04 69.06
C LYS F 115 -12.20 -27.42 69.32
N ASP F 116 -12.89 -27.98 68.32
CA ASP F 116 -13.63 -29.25 68.43
C ASP F 116 -13.75 -30.03 67.06
N ARG F 117 -14.77 -30.87 66.95
CA ARG F 117 -14.93 -31.73 65.80
C ARG F 117 -15.60 -31.02 64.65
N ASN F 118 -16.78 -30.48 64.92
CA ASN F 118 -17.74 -30.12 63.88
C ASN F 118 -18.10 -28.65 63.74
N SER F 119 -17.51 -27.79 64.57
CA SER F 119 -17.84 -26.36 64.47
C SER F 119 -17.06 -25.76 63.31
N ILE F 120 -17.79 -25.10 62.41
CA ILE F 120 -17.24 -24.38 61.29
C ILE F 120 -16.67 -23.03 61.75
N VAL F 121 -15.38 -22.81 61.55
CA VAL F 121 -14.79 -21.48 61.76
C VAL F 121 -14.47 -20.86 60.39
N THR F 122 -15.01 -19.67 60.15
CA THR F 122 -14.85 -18.96 58.88
C THR F 122 -13.99 -17.71 59.04
N ILE F 123 -13.08 -17.50 58.10
CA ILE F 123 -12.28 -16.28 58.04
C ILE F 123 -12.56 -15.58 56.70
N ASN F 124 -12.99 -14.31 56.74
CA ASN F 124 -13.28 -13.55 55.53
C ASN F 124 -12.06 -12.86 55.02
N PHE F 125 -11.97 -12.72 53.69
CA PHE F 125 -10.89 -11.94 53.10
C PHE F 125 -11.39 -10.62 52.54
N ASN F 126 -10.89 -9.52 53.12
CA ASN F 126 -11.08 -8.18 52.58
C ASN F 126 -9.78 -7.43 52.35
N PRO F 127 -9.41 -7.21 51.07
CA PRO F 127 -10.16 -7.62 49.87
C PRO F 127 -9.93 -9.12 49.58
N PRO F 128 -10.66 -9.69 48.61
CA PRO F 128 -10.49 -11.12 48.31
C PRO F 128 -9.04 -11.47 47.96
N ILE F 129 -8.63 -12.72 48.24
CA ILE F 129 -7.30 -13.19 47.83
C ILE F 129 -7.43 -13.61 46.40
N LYS F 130 -6.51 -13.10 45.57
CA LYS F 130 -6.54 -13.25 44.14
C LYS F 130 -5.44 -14.22 43.85
N ALA F 131 -5.81 -15.41 43.36
CA ALA F 131 -4.83 -16.50 43.25
C ALA F 131 -5.24 -17.61 42.32
N ARG F 132 -4.25 -18.27 41.76
CA ARG F 132 -4.43 -19.54 41.02
C ARG F 132 -4.31 -20.77 41.96
N SER F 133 -3.42 -20.67 42.96
CA SER F 133 -3.33 -21.71 43.98
C SER F 133 -3.25 -21.11 45.38
N ILE F 134 -3.79 -21.84 46.36
CA ILE F 134 -3.78 -21.43 47.75
C ILE F 134 -3.46 -22.66 48.62
N ALA F 135 -2.70 -22.48 49.70
CA ALA F 135 -2.29 -23.59 50.55
C ALA F 135 -2.60 -23.33 52.02
N ILE F 136 -3.29 -24.28 52.67
CA ILE F 136 -3.46 -24.18 54.12
C ILE F 136 -2.28 -24.84 54.84
N HIS F 137 -1.77 -24.18 55.87
CA HIS F 137 -0.58 -24.61 56.56
C HIS F 137 -0.86 -24.71 58.05
N PRO F 138 -1.41 -25.86 58.49
CA PRO F 138 -1.60 -26.09 59.93
C PRO F 138 -0.32 -25.83 60.72
N GLN F 139 -0.44 -25.02 61.78
CA GLN F 139 0.70 -24.69 62.65
C GLN F 139 0.62 -25.39 63.98
N THR F 140 -0.60 -25.57 64.49
CA THR F 140 -0.78 -26.29 65.74
C THR F 140 -2.05 -27.07 65.59
N TYR F 141 -2.20 -28.10 66.40
CA TYR F 141 -3.32 -29.02 66.26
C TYR F 141 -3.73 -29.73 67.55
N ASN F 142 -4.93 -30.29 67.58
CA ASN F 142 -5.33 -31.13 68.69
C ASN F 142 -5.23 -32.63 68.36
N ASN F 143 -4.27 -33.32 68.96
CA ASN F 143 -4.07 -34.79 68.77
C ASN F 143 -3.35 -35.15 67.47
N HIS F 144 -3.91 -34.65 66.36
CA HIS F 144 -3.42 -34.97 65.02
C HIS F 144 -3.84 -33.90 64.02
N ILE F 145 -2.94 -33.59 63.08
CA ILE F 145 -3.21 -32.69 61.98
C ILE F 145 -4.28 -33.26 61.04
N SER F 146 -5.54 -33.03 61.39
CA SER F 146 -6.72 -33.48 60.66
C SER F 146 -7.81 -32.37 60.56
N LEU F 147 -8.41 -32.22 59.39
CA LEU F 147 -9.34 -31.11 59.11
C LEU F 147 -10.25 -31.42 57.96
N ARG F 148 -11.33 -30.66 57.90
CA ARG F 148 -12.18 -30.54 56.72
C ARG F 148 -12.21 -29.04 56.41
N TRP F 149 -12.66 -28.66 55.20
CA TRP F 149 -12.67 -27.26 54.78
C TRP F 149 -13.49 -26.97 53.53
N GLU F 150 -13.65 -25.69 53.22
CA GLU F 150 -14.17 -25.24 51.96
C GLU F 150 -13.61 -23.84 51.69
N LEU F 151 -13.27 -23.59 50.43
CA LEU F 151 -12.91 -22.25 49.95
C LEU F 151 -14.07 -21.68 49.12
N TYR F 152 -14.39 -20.41 49.38
CA TYR F 152 -15.47 -19.71 48.71
C TYR F 152 -14.89 -18.62 47.84
N ALA F 153 -15.45 -18.47 46.66
CA ALA F 153 -14.87 -17.57 45.67
C ALA F 153 -15.97 -16.75 45.02
N LEU F 154 -15.60 -15.56 44.56
CA LEU F 154 -16.52 -14.75 43.76
C LEU F 154 -16.99 -15.56 42.55
N PRO F 155 -18.29 -15.52 42.25
CA PRO F 155 -18.70 -16.14 40.99
C PRO F 155 -18.09 -15.40 39.81
N VAL F 156 -18.08 -16.09 38.67
CA VAL F 156 -17.55 -15.61 37.41
C VAL F 156 -18.46 -14.51 36.82
N LYS F 157 -17.86 -13.40 36.37
CA LYS F 157 -18.62 -12.25 35.81
C LYS F 157 -19.26 -12.65 34.51
N SER F 158 -20.44 -12.12 34.23
CA SER F 158 -21.14 -12.43 32.97
C SER F 158 -20.32 -12.24 31.69
N TYR F 159 -19.29 -11.40 31.77
CA TYR F 159 -18.55 -11.02 30.55
C TYR F 159 -17.32 -11.86 30.35
N SER F 160 -17.12 -12.88 31.16
CA SER F 160 -15.84 -13.57 31.00
C SER F 160 -15.83 -14.67 29.93
N ASN F 161 -14.62 -14.99 29.48
CA ASN F 161 -14.34 -15.96 28.41
C ASN F 161 -14.97 -15.58 27.10
N PRO F 162 -14.58 -14.40 26.58
CA PRO F 162 -15.23 -13.95 25.37
C PRO F 162 -14.66 -14.67 24.15
N SER F 163 -15.56 -14.96 23.21
CA SER F 163 -15.20 -15.44 21.89
C SER F 163 -15.06 -14.25 20.92
N VAL F 164 -14.10 -14.29 20.01
CA VAL F 164 -13.77 -13.09 19.24
C VAL F 164 -13.53 -13.41 17.77
N GLN F 165 -14.13 -12.63 16.89
CA GLN F 165 -13.78 -12.69 15.49
C GLN F 165 -13.71 -11.29 14.91
N VAL F 166 -12.74 -11.10 14.04
CA VAL F 166 -12.49 -9.80 13.46
C VAL F 166 -12.51 -9.84 11.93
N GLY F 167 -12.70 -8.67 11.32
CA GLY F 167 -12.53 -8.51 9.89
C GLY F 167 -12.62 -7.07 9.46
N GLU F 168 -12.80 -6.89 8.16
CA GLU F 168 -12.71 -5.60 7.51
C GLU F 168 -13.89 -5.49 6.57
N VAL F 169 -14.58 -4.35 6.53
CA VAL F 169 -15.64 -4.19 5.55
C VAL F 169 -15.65 -2.79 4.93
N SER F 170 -15.77 -2.73 3.60
CA SER F 170 -15.83 -1.45 2.89
C SER F 170 -17.11 -1.33 2.09
N ILE F 171 -17.38 -0.13 1.58
CA ILE F 171 -18.40 0.02 0.56
C ILE F 171 -17.97 -0.75 -0.74
N GLY F 172 -16.75 -0.45 -1.21
CA GLY F 172 -16.13 -1.21 -2.27
C GLY F 172 -16.62 -0.86 -3.65
N ASP F 173 -17.42 0.21 -3.75
CA ASP F 173 -17.97 0.70 -5.03
C ASP F 173 -18.62 2.08 -4.84
N ARG F 174 -19.32 2.61 -5.86
CA ARG F 174 -19.77 4.00 -5.81
C ARG F 174 -21.20 4.20 -5.31
N SER F 175 -21.74 3.17 -4.64
CA SER F 175 -23.11 3.20 -4.06
C SER F 175 -23.55 4.45 -3.29
N LEU F 176 -22.62 5.17 -2.64
CA LEU F 176 -23.02 6.36 -1.88
C LEU F 176 -22.40 7.60 -2.46
N ASN F 177 -21.79 7.42 -3.64
CA ASN F 177 -21.03 8.48 -4.28
C ASN F 177 -21.80 9.40 -5.23
N SER F 178 -23.11 9.50 -5.04
CA SER F 178 -23.99 10.34 -5.86
C SER F 178 -25.38 10.37 -5.22
N GLY F 179 -26.19 11.32 -5.64
CA GLY F 179 -27.56 11.39 -5.18
C GLY F 179 -27.71 12.34 -4.01
N THR F 180 -28.90 12.34 -3.45
CA THR F 180 -29.31 13.41 -2.57
C THR F 180 -30.17 12.89 -1.40
N GLY F 181 -30.12 13.62 -0.28
CA GLY F 181 -30.90 13.25 0.91
C GLY F 181 -30.22 12.15 1.68
N SER F 182 -30.95 11.65 2.68
CA SER F 182 -30.50 10.52 3.47
C SER F 182 -30.28 9.32 2.56
N ARG F 183 -29.07 8.79 2.54
CA ARG F 183 -28.76 7.61 1.72
C ARG F 183 -27.97 6.56 2.47
N THR F 184 -28.39 5.30 2.33
CA THR F 184 -27.62 4.21 2.93
C THR F 184 -27.31 3.06 1.97
N ILE F 185 -26.22 2.33 2.24
CA ILE F 185 -25.93 1.05 1.58
C ILE F 185 -25.53 -0.04 2.61
N VAL F 186 -26.21 -1.19 2.57
CA VAL F 186 -25.91 -2.31 3.48
C VAL F 186 -24.80 -3.22 2.95
N ARG F 187 -23.89 -3.64 3.83
CA ARG F 187 -22.96 -4.74 3.50
C ARG F 187 -23.14 -5.89 4.49
N HIS F 188 -23.45 -7.07 3.97
CA HIS F 188 -23.66 -8.21 4.88
CA HIS F 188 -23.70 -8.25 4.79
C HIS F 188 -22.36 -8.92 5.12
N VAL F 189 -22.02 -9.03 6.40
CA VAL F 189 -20.79 -9.70 6.78
C VAL F 189 -21.12 -11.10 7.31
N LYS F 190 -20.45 -12.11 6.75
CA LYS F 190 -20.51 -13.45 7.30
C LYS F 190 -19.25 -13.69 8.14
N PHE F 191 -19.44 -14.09 9.40
CA PHE F 191 -18.31 -14.47 10.26
C PHE F 191 -17.64 -15.74 9.71
N PRO F 192 -16.29 -15.83 9.74
CA PRO F 192 -15.59 -17.03 9.26
C PRO F 192 -16.06 -18.36 9.90
N VAL F 193 -16.79 -18.27 11.02
CA VAL F 193 -17.23 -19.40 11.85
C VAL F 193 -18.49 -18.92 12.57
N GLU F 194 -19.45 -19.81 12.80
CA GLU F 194 -20.66 -19.42 13.50
C GLU F 194 -20.36 -19.12 14.97
N PHE F 195 -21.03 -18.11 15.53
CA PHE F 195 -20.99 -17.91 16.97
C PHE F 195 -22.10 -18.75 17.55
N LEU F 196 -21.92 -19.19 18.78
CA LEU F 196 -23.00 -19.85 19.54
C LEU F 196 -24.15 -18.90 19.96
N SER F 197 -23.82 -17.71 20.48
CA SER F 197 -24.84 -16.71 20.78
C SER F 197 -24.68 -15.44 19.93
N VAL F 198 -25.61 -14.49 20.07
CA VAL F 198 -25.52 -13.24 19.30
C VAL F 198 -24.34 -12.44 19.87
N PRO F 199 -23.35 -12.12 19.02
CA PRO F 199 -22.22 -11.32 19.54
C PRO F 199 -22.63 -9.86 19.60
N ILE F 200 -21.80 -9.06 20.24
CA ILE F 200 -21.93 -7.62 20.14
C ILE F 200 -20.75 -7.19 19.24
N VAL F 201 -20.98 -6.20 18.35
CA VAL F 201 -19.99 -5.76 17.34
C VAL F 201 -19.55 -4.33 17.51
N SER F 202 -18.23 -4.14 17.71
CA SER F 202 -17.61 -2.81 17.64
C SER F 202 -17.02 -2.54 16.23
N ILE F 203 -17.11 -1.29 15.79
CA ILE F 203 -16.56 -0.87 14.53
C ILE F 203 -15.75 0.42 14.71
N GLY F 204 -14.73 0.60 13.88
CA GLY F 204 -13.92 1.82 13.86
C GLY F 204 -13.41 2.06 12.44
N CYS F 205 -13.58 3.28 11.97
CA CYS F 205 -13.25 3.64 10.60
C CYS F 205 -11.72 3.70 10.40
N LYS F 206 -11.27 3.20 9.26
CA LYS F 206 -9.85 3.26 8.96
C LYS F 206 -9.60 3.80 7.53
N LYS F 207 -10.67 4.25 6.88
CA LYS F 207 -10.52 4.94 5.59
C LYS F 207 -11.69 5.85 5.34
N VAL F 208 -11.38 7.11 5.02
CA VAL F 208 -12.36 8.02 4.49
C VAL F 208 -11.95 8.54 3.11
N ASP F 209 -12.93 8.50 2.21
CA ASP F 209 -12.80 8.99 0.85
C ASP F 209 -14.17 9.56 0.50
N ALA F 210 -14.34 10.86 0.76
CA ALA F 210 -15.66 11.50 0.72
C ALA F 210 -15.51 12.97 0.40
N HIS F 211 -16.60 13.52 -0.13
CA HIS F 211 -16.64 14.91 -0.50
C HIS F 211 -17.53 15.65 0.47
N THR F 212 -17.10 16.84 0.91
CA THR F 212 -17.98 17.66 1.76
C THR F 212 -19.18 18.20 0.93
N ASP F 213 -20.21 18.67 1.63
CA ASP F 213 -21.34 19.33 1.00
C ASP F 213 -21.30 20.81 1.45
N ASN F 214 -20.56 21.61 0.68
CA ASN F 214 -20.23 22.99 1.04
C ASN F 214 -19.57 22.99 2.38
N GLY F 215 -18.56 22.14 2.49
CA GLY F 215 -17.75 22.09 3.70
C GLY F 215 -18.26 21.17 4.80
N GLN F 216 -19.51 20.71 4.71
CA GLN F 216 -20.01 19.77 5.73
C GLN F 216 -19.64 18.30 5.39
N MET F 217 -18.85 17.64 6.25
CA MET F 217 -18.56 16.20 6.11
C MET F 217 -19.63 15.31 6.80
N ARG F 218 -20.20 14.34 6.08
CA ARG F 218 -21.20 13.44 6.70
C ARG F 218 -20.99 11.94 6.38
N TRP F 219 -20.68 11.15 7.40
CA TRP F 219 -20.63 9.72 7.22
C TRP F 219 -20.90 8.98 8.49
N GLU F 220 -21.48 7.79 8.36
CA GLU F 220 -21.74 6.96 9.52
C GLU F 220 -21.72 5.45 9.17
N GLY F 221 -21.18 4.65 10.09
CA GLY F 221 -21.31 3.22 10.02
C GLY F 221 -22.15 2.78 11.20
N LYS F 222 -22.93 1.72 10.97
CA LYS F 222 -23.73 1.07 12.00
C LYS F 222 -23.68 -0.43 11.79
N SER F 223 -23.51 -1.19 12.87
CA SER F 223 -23.59 -2.63 12.77
C SER F 223 -25.02 -2.97 13.16
N GLU F 224 -25.70 -3.77 12.33
CA GLU F 224 -27.16 -3.97 12.45
C GLU F 224 -27.53 -5.39 12.17
N ASN F 225 -28.67 -5.83 12.72
CA ASN F 225 -29.20 -7.17 12.45
C ASN F 225 -28.10 -8.19 12.67
N ILE F 226 -27.52 -8.14 13.86
CA ILE F 226 -26.48 -9.08 14.23
C ILE F 226 -27.11 -10.43 14.63
N THR F 227 -26.44 -11.51 14.22
CA THR F 227 -26.86 -12.86 14.52
C THR F 227 -25.61 -13.67 14.78
N THR F 228 -25.79 -14.90 15.28
CA THR F 228 -24.72 -15.90 15.36
C THR F 228 -23.90 -16.04 14.06
N LYS F 229 -24.55 -15.75 12.93
CA LYS F 229 -23.96 -16.01 11.61
C LYS F 229 -23.20 -14.80 11.01
N GLY F 230 -23.63 -13.60 11.37
CA GLY F 230 -23.00 -12.39 10.84
C GLY F 230 -23.78 -11.15 11.19
N PHE F 231 -23.56 -10.09 10.42
CA PHE F 231 -24.25 -8.82 10.62
C PHE F 231 -24.23 -7.97 9.34
N ASP F 232 -25.11 -6.97 9.30
CA ASP F 232 -25.05 -5.95 8.28
C ASP F 232 -24.26 -4.74 8.80
N LEU F 233 -23.25 -4.32 8.05
CA LEU F 233 -22.67 -2.97 8.21
C LEU F 233 -23.41 -1.99 7.28
N THR F 234 -24.30 -1.17 7.85
CA THR F 234 -24.99 -0.15 7.08
C THR F 234 -24.13 1.12 7.01
N PHE F 235 -23.61 1.44 5.83
CA PHE F 235 -22.90 2.71 5.61
C PHE F 235 -23.91 3.84 5.34
N ILE F 236 -23.71 4.99 5.97
CA ILE F 236 -24.69 6.07 5.95
C ILE F 236 -24.10 7.45 5.62
N THR F 237 -24.88 8.22 4.85
CA THR F 237 -24.64 9.64 4.69
C THR F 237 -25.98 10.35 4.50
N TRP F 238 -25.96 11.68 4.60
CA TRP F 238 -27.12 12.49 4.25
C TRP F 238 -26.74 13.77 3.52
N GLY F 239 -27.72 14.67 3.32
CA GLY F 239 -27.51 15.91 2.57
C GLY F 239 -27.01 15.57 1.19
N ASN F 240 -26.09 16.36 0.64
CA ASN F 240 -25.60 16.06 -0.71
C ASN F 240 -24.30 15.26 -0.77
N ASN F 241 -23.75 14.88 0.38
CA ASN F 241 -22.44 14.24 0.40
C ASN F 241 -22.27 13.07 -0.57
N ALA F 242 -21.11 13.07 -1.22
CA ALA F 242 -20.72 12.02 -2.11
C ALA F 242 -19.62 11.26 -1.41
N VAL F 243 -19.97 10.11 -0.83
CA VAL F 243 -18.97 9.25 -0.18
C VAL F 243 -18.45 8.31 -1.25
N TYR F 244 -17.16 8.40 -1.57
CA TYR F 244 -16.55 7.50 -2.53
C TYR F 244 -16.31 6.09 -1.93
N ASP F 245 -15.71 6.04 -0.73
CA ASP F 245 -15.47 4.81 0.02
C ASP F 245 -15.31 5.05 1.54
N LEU F 246 -15.55 3.99 2.31
CA LEU F 246 -15.32 3.95 3.73
C LEU F 246 -14.96 2.54 4.09
N THR F 247 -13.91 2.37 4.89
CA THR F 247 -13.54 1.08 5.44
C THR F 247 -13.62 1.12 6.96
N PHE F 248 -14.19 0.05 7.51
CA PHE F 248 -14.26 -0.21 8.95
C PHE F 248 -13.55 -1.50 9.30
N ASP F 249 -12.93 -1.52 10.48
CA ASP F 249 -12.55 -2.78 11.10
C ASP F 249 -13.66 -3.14 12.07
N TYR F 250 -14.03 -4.41 12.12
CA TYR F 250 -15.06 -4.86 13.09
C TYR F 250 -14.42 -5.77 14.14
N VAL F 251 -14.91 -5.70 15.37
CA VAL F 251 -14.55 -6.69 16.39
C VAL F 251 -15.87 -7.23 16.95
N ALA F 252 -16.08 -8.52 16.75
CA ALA F 252 -17.30 -9.18 17.14
C ALA F 252 -16.97 -10.03 18.36
N VAL F 253 -17.72 -9.79 19.44
CA VAL F 253 -17.45 -10.42 20.73
C VAL F 253 -18.69 -11.20 21.28
N GLU F 254 -18.51 -12.47 21.62
CA GLU F 254 -19.59 -13.30 22.22
C GLU F 254 -19.22 -13.76 23.62
N PHE F 255 -20.18 -13.72 24.53
CA PHE F 255 -19.91 -14.08 25.92
C PHE F 255 -20.44 -15.45 26.29
N ASN F 256 -21.73 -15.65 25.98
CA ASN F 256 -22.64 -16.44 26.83
C ASN F 256 -24.09 -16.57 26.33
CA CA G . 27.27 51.59 -40.92
ZN ZN H . 10.53 23.67 -32.78
CL CL I . 1.74 -14.53 -12.07
C1 GOL J . 3.07 42.00 -27.66
O1 GOL J . 3.12 42.11 -26.25
C2 GOL J . 1.75 41.36 -28.08
O2 GOL J . 0.96 42.37 -28.64
C3 GOL J . 2.04 40.30 -29.13
O3 GOL J . 1.07 40.36 -30.15
C1 GOL K . -3.03 -25.34 -20.75
O1 GOL K . -4.41 -25.64 -20.73
C2 GOL K . -2.84 -23.89 -21.28
O2 GOL K . -3.25 -22.95 -20.31
C3 GOL K . -3.56 -23.66 -22.59
O3 GOL K . -4.03 -22.33 -22.60
CA CA L . 16.00 42.48 -60.21
C1 GOL M . 27.53 33.30 -34.18
O1 GOL M . 27.48 33.49 -32.78
C2 GOL M . 28.66 32.33 -34.42
O2 GOL M . 29.81 33.06 -34.09
C3 GOL M . 28.68 31.95 -35.90
O3 GOL M . 29.66 30.99 -36.19
C1 GOL N . -8.31 -11.91 -1.38
O1 GOL N . -7.47 -10.79 -1.71
C2 GOL N . -8.16 -13.12 -2.35
O2 GOL N . -6.80 -13.36 -2.71
C3 GOL N . -8.75 -14.37 -1.68
O3 GOL N . -8.47 -14.20 -0.30
C1 GOL O . 26.96 45.10 -53.73
O1 GOL O . 25.76 45.16 -54.49
C2 GOL O . 27.91 46.09 -54.39
O2 GOL O . 27.78 45.84 -55.76
C3 GOL O . 29.36 45.74 -54.08
O3 GOL O . 30.02 46.96 -53.75
CA CA P . 3.74 54.71 -43.50
C1 GOL Q . 14.28 -19.90 -6.35
O1 GOL Q . 14.41 -19.03 -7.47
C2 GOL Q . 12.83 -19.88 -5.84
O2 GOL Q . 11.92 -20.01 -6.92
C3 GOL Q . 12.58 -21.00 -4.80
O3 GOL Q . 13.13 -22.20 -5.32
O1 PG4 R . 4.98 26.24 -52.45
C1 PG4 R . 5.97 27.30 -52.50
C2 PG4 R . 7.32 26.86 -53.10
O2 PG4 R . 7.52 25.52 -52.64
C3 PG4 R . 8.61 25.37 -51.72
C4 PG4 R . 9.23 23.98 -51.98
O3 PG4 R . 10.53 24.11 -52.60
C5 PG4 R . 11.27 22.89 -52.83
C6 PG4 R . 10.39 21.69 -52.51
O4 PG4 R . 10.36 21.56 -51.07
C7 PG4 R . 10.49 20.19 -50.61
C8 PG4 R . 11.92 19.64 -50.70
O5 PG4 R . 12.48 19.65 -49.39
C1 GOL S . 3.90 50.95 -54.41
O1 GOL S . 4.96 50.93 -53.45
C2 GOL S . 4.22 50.06 -55.60
O2 GOL S . 4.01 48.70 -55.26
C3 GOL S . 3.37 50.46 -56.81
O3 GOL S . 3.23 49.35 -57.67
CA CA T . -7.87 -56.41 40.17
ZN ZN U . -9.29 -23.63 33.34
CL CL V . -13.16 12.83 8.39
C1 GOL W . -3.42 22.50 13.34
O1 GOL W . -3.40 21.35 14.13
C2 GOL W . -3.58 22.03 11.88
O2 GOL W . -4.94 21.71 11.73
C3 GOL W . -3.24 23.16 10.90
O3 GOL W . -3.57 24.37 11.55
C1 GOL X . -17.25 -53.48 47.61
O1 GOL X . -15.98 -54.05 47.35
C2 GOL X . -18.15 -54.59 48.15
O2 GOL X . -18.49 -55.39 47.06
C3 GOL X . -19.43 -54.08 48.77
O3 GOL X . -20.28 -55.15 49.12
CA CA Y . 6.68 -43.85 54.49
C1 GOL Z . -2.75 -41.34 26.92
O1 GOL Z . -2.10 -41.78 25.74
C2 GOL Z . -4.14 -41.98 26.95
O2 GOL Z . -4.01 -43.40 26.90
C3 GOL Z . -4.95 -41.49 25.74
O3 GOL Z . -6.14 -40.91 26.28
C1 GOL AA . 4.76 -52.04 46.29
O1 GOL AA . 4.84 -51.61 47.64
C2 GOL AA . 5.42 -53.39 46.09
O2 GOL AA . 6.48 -53.61 47.00
C3 GOL AA . 5.96 -53.49 44.66
O3 GOL AA . 5.24 -54.51 44.00
C1 GOL BA . -4.44 19.99 19.34
O1 GOL BA . -3.21 19.66 18.73
C2 GOL BA . -4.82 18.94 20.40
O2 GOL BA . -5.50 17.82 19.84
C3 GOL BA . -5.57 19.56 21.60
O3 GOL BA . -6.57 20.50 21.23
CA CA CA . -16.92 -44.32 58.57
C1 GOL DA . 2.81 -24.15 48.90
O1 GOL DA . 2.91 -23.76 50.26
C2 GOL DA . 4.13 -24.78 48.46
O2 GOL DA . 4.26 -25.97 49.19
C3 GOL DA . 4.06 -25.14 46.97
O3 GOL DA . 5.30 -25.65 46.53
C1 GOL EA . -12.12 10.75 -6.00
O1 GOL EA . -11.33 11.57 -6.85
C2 GOL EA . -11.12 9.99 -5.11
O2 GOL EA . -11.36 10.17 -3.75
C3 GOL EA . -10.91 8.53 -5.48
O3 GOL EA . -9.85 8.02 -4.71
C1 GOL FA . -5.42 -41.59 62.49
O1 GOL FA . -6.44 -42.46 62.01
C2 GOL FA . -4.93 -42.19 63.79
O2 GOL FA . -6.04 -42.33 64.67
C3 GOL FA . -3.88 -41.28 64.39
O3 GOL FA . -3.47 -41.79 65.64
#